data_8Z7A
#
_entry.id   8Z7A
#
_cell.length_a   76.552
_cell.length_b   153.223
_cell.length_c   103.949
_cell.angle_alpha   90.00
_cell.angle_beta   111.47
_cell.angle_gamma   90.00
#
_symmetry.space_group_name_H-M   'P 1 21 1'
#
loop_
_entity.id
_entity.type
_entity.pdbx_description
1 polymer Translin
2 water water
#
_entity_poly.entity_id   1
_entity_poly.type   'polypeptide(L)'
_entity_poly.pdbx_seq_one_letter_code
;MGSSHHHHHHSSGLVPRGSHMAAPPPALLDPSIFASLEAKLEEETQIRDTLSQLIQRLDRAVATAQGLLSRVHSTPRSRY
PQLVSQVEAAVKEEAAIISELDTVASKHPYYKYNQRWTRSMQHAIGTAIYCAWLGGFPSQSSESEASSPAEIGRLLTLEE
VGTIFSVPTNLKDRDAFHITIEEYLLSLVDLTQDLSRLATNSVTLGDFQLPLTISAFVKDLFAGFQLLNLKNDIIRKRAD
SVKYEVKRVEDIVYDLSLRGLIQRPGAGDTEMEAAE
;
_entity_poly.pdbx_strand_id   A,B,C,D,E,F,G,H
#
# COMPACT_ATOMS: atom_id res chain seq x y z
N LEU A 28 -19.34 -33.83 29.43
CA LEU A 28 -18.45 -32.95 28.68
C LEU A 28 -18.89 -32.87 27.22
N LEU A 29 -17.92 -32.68 26.32
CA LEU A 29 -18.20 -32.74 24.90
C LEU A 29 -18.54 -34.17 24.49
N ASP A 30 -19.58 -34.31 23.68
CA ASP A 30 -20.08 -35.63 23.33
C ASP A 30 -19.02 -36.42 22.56
N PRO A 31 -18.85 -37.71 22.87
CA PRO A 31 -17.87 -38.52 22.11
C PRO A 31 -18.19 -38.64 20.64
N SER A 32 -19.48 -38.60 20.27
CA SER A 32 -19.85 -38.68 18.86
C SER A 32 -19.30 -37.50 18.07
N ILE A 33 -19.20 -36.32 18.70
CA ILE A 33 -18.57 -35.18 18.05
C ILE A 33 -17.12 -35.49 17.69
N PHE A 34 -16.36 -36.01 18.66
CA PHE A 34 -14.99 -36.41 18.40
C PHE A 34 -14.92 -37.40 17.25
N ALA A 35 -15.74 -38.46 17.31
CA ALA A 35 -15.66 -39.52 16.31
C ALA A 35 -15.97 -39.00 14.91
N SER A 36 -17.09 -38.26 14.77
CA SER A 36 -17.47 -37.72 13.48
C SER A 36 -16.44 -36.73 12.95
N LEU A 37 -15.83 -35.94 13.83
CA LEU A 37 -14.84 -34.97 13.36
C LEU A 37 -13.56 -35.67 12.90
N GLU A 38 -13.13 -36.72 13.62
CA GLU A 38 -11.99 -37.50 13.15
C GLU A 38 -12.28 -38.11 11.78
N ALA A 39 -13.47 -38.70 11.62
CA ALA A 39 -13.82 -39.31 10.33
C ALA A 39 -13.85 -38.27 9.22
N LYS A 40 -14.43 -37.10 9.50
CA LYS A 40 -14.50 -36.04 8.50
C LYS A 40 -13.11 -35.56 8.11
N LEU A 41 -12.22 -35.40 9.11
CA LEU A 41 -10.87 -34.94 8.80
C LEU A 41 -10.12 -35.97 7.97
N GLU A 42 -10.25 -37.26 8.32
CA GLU A 42 -9.59 -38.29 7.54
C GLU A 42 -10.09 -38.31 6.10
N GLU A 43 -11.42 -38.26 5.91
CA GLU A 43 -11.96 -38.30 4.56
C GLU A 43 -11.55 -37.07 3.76
N GLU A 44 -11.61 -35.89 4.38
CA GLU A 44 -11.19 -34.67 3.69
C GLU A 44 -9.73 -34.74 3.29
N THR A 45 -8.88 -35.31 4.16
CA THR A 45 -7.48 -35.43 3.82
C THR A 45 -7.26 -36.40 2.66
N GLN A 46 -7.99 -37.52 2.65
CA GLN A 46 -7.86 -38.44 1.52
C GLN A 46 -8.31 -37.81 0.21
N ILE A 47 -9.41 -37.06 0.25
CA ILE A 47 -9.88 -36.37 -0.95
C ILE A 47 -8.87 -35.31 -1.38
N ARG A 48 -8.27 -34.59 -0.42
CA ARG A 48 -7.23 -33.63 -0.75
C ARG A 48 -6.08 -34.30 -1.48
N ASP A 49 -5.61 -35.45 -0.97
CA ASP A 49 -4.47 -36.12 -1.58
C ASP A 49 -4.79 -36.59 -2.99
N THR A 50 -5.97 -37.20 -3.17
CA THR A 50 -6.35 -37.67 -4.50
C THR A 50 -6.49 -36.50 -5.48
N LEU A 51 -7.19 -35.45 -5.07
CA LEU A 51 -7.36 -34.28 -5.91
C LEU A 51 -6.01 -33.66 -6.25
N SER A 52 -5.09 -33.62 -5.29
CA SER A 52 -3.81 -32.95 -5.52
C SER A 52 -2.94 -33.75 -6.48
N GLN A 53 -2.94 -35.09 -6.38
CA GLN A 53 -2.16 -35.87 -7.34
C GLN A 53 -2.77 -35.77 -8.74
N LEU A 54 -4.10 -35.80 -8.83
CA LEU A 54 -4.74 -35.62 -10.14
C LEU A 54 -4.42 -34.25 -10.73
N ILE A 55 -4.48 -33.21 -9.91
CA ILE A 55 -4.21 -31.86 -10.37
C ILE A 55 -2.76 -31.70 -10.79
N GLN A 56 -1.84 -32.35 -10.06
CA GLN A 56 -0.42 -32.27 -10.42
C GLN A 56 -0.17 -32.93 -11.78
N ARG A 57 -0.76 -34.12 -11.99
CA ARG A 57 -0.60 -34.77 -13.29
C ARG A 57 -1.22 -33.93 -14.41
N LEU A 58 -2.42 -33.38 -14.18
CA LEU A 58 -3.04 -32.54 -15.18
C LEU A 58 -2.21 -31.29 -15.46
N ASP A 59 -1.61 -30.72 -14.42
CA ASP A 59 -0.78 -29.53 -14.61
C ASP A 59 0.45 -29.85 -15.44
N ARG A 60 1.05 -31.01 -15.22
CA ARG A 60 2.23 -31.39 -16.02
C ARG A 60 1.84 -31.64 -17.47
N ALA A 61 0.67 -32.25 -17.70
CA ALA A 61 0.22 -32.46 -19.09
C ALA A 61 -0.10 -31.13 -19.77
N VAL A 62 -0.73 -30.21 -19.03
CA VAL A 62 -1.02 -28.88 -19.57
C VAL A 62 0.27 -28.15 -19.89
N ALA A 63 1.28 -28.28 -19.04
CA ALA A 63 2.57 -27.66 -19.31
C ALA A 63 3.22 -28.25 -20.55
N THR A 64 3.09 -29.57 -20.74
CA THR A 64 3.59 -30.19 -21.97
C THR A 64 2.91 -29.60 -23.19
N ALA A 65 1.58 -29.54 -23.17
CA ALA A 65 0.85 -28.98 -24.31
C ALA A 65 1.22 -27.51 -24.53
N GLN A 66 1.47 -26.78 -23.45
CA GLN A 66 1.80 -25.37 -23.56
C GLN A 66 3.18 -25.17 -24.17
N GLY A 67 4.15 -26.00 -23.77
CA GLY A 67 5.46 -25.94 -24.38
C GLY A 67 5.43 -26.34 -25.84
N LEU A 68 4.58 -27.31 -26.18
CA LEU A 68 4.39 -27.67 -27.59
C LEU A 68 3.82 -26.49 -28.37
N LEU A 69 2.81 -25.83 -27.80
CA LEU A 69 2.17 -24.70 -28.48
C LEU A 69 3.11 -23.50 -28.60
N SER A 70 4.03 -23.33 -27.65
CA SER A 70 4.95 -22.21 -27.69
C SER A 70 5.87 -22.24 -28.90
N ARG A 71 6.12 -23.43 -29.46
CA ARG A 71 6.97 -23.54 -30.63
C ARG A 71 6.35 -22.95 -31.89
N VAL A 72 5.08 -22.54 -31.84
CA VAL A 72 4.46 -21.87 -32.97
C VAL A 72 5.13 -20.54 -33.25
N HIS A 73 5.82 -19.97 -32.26
CA HIS A 73 6.54 -18.71 -32.44
C HIS A 73 7.75 -18.85 -33.35
N SER A 74 8.17 -20.08 -33.66
CA SER A 74 9.31 -20.34 -34.53
C SER A 74 9.00 -21.39 -35.58
N THR A 75 7.72 -21.69 -35.81
CA THR A 75 7.32 -22.69 -36.78
C THR A 75 6.58 -22.03 -37.93
N PRO A 76 7.02 -22.26 -39.17
CA PRO A 76 6.29 -21.71 -40.31
C PRO A 76 4.93 -22.38 -40.48
N ARG A 77 4.03 -21.68 -41.18
CA ARG A 77 2.69 -22.22 -41.42
C ARG A 77 2.75 -23.53 -42.19
N SER A 78 3.72 -23.66 -43.11
CA SER A 78 3.87 -24.90 -43.86
C SER A 78 4.05 -26.10 -42.95
N ARG A 79 4.68 -25.90 -41.79
CA ARG A 79 4.90 -26.98 -40.83
C ARG A 79 3.93 -26.91 -39.66
N TYR A 80 2.78 -26.24 -39.84
CA TYR A 80 1.78 -26.18 -38.76
C TYR A 80 1.11 -27.52 -38.50
N PRO A 81 0.73 -28.31 -39.53
CA PRO A 81 0.14 -29.64 -39.24
C PRO A 81 0.93 -30.44 -38.22
N GLN A 82 2.24 -30.63 -38.45
CA GLN A 82 3.12 -31.35 -37.52
C GLN A 82 2.85 -30.93 -36.09
N LEU A 83 3.22 -29.70 -35.75
CA LEU A 83 2.98 -29.18 -34.40
C LEU A 83 1.57 -29.47 -33.93
N VAL A 84 0.57 -29.18 -34.78
CA VAL A 84 -0.83 -29.35 -34.38
C VAL A 84 -1.08 -30.77 -33.92
N SER A 85 -0.63 -31.75 -34.71
CA SER A 85 -0.80 -33.15 -34.32
C SER A 85 -0.16 -33.41 -32.97
N GLN A 86 1.08 -32.92 -32.79
CA GLN A 86 1.77 -33.09 -31.52
C GLN A 86 0.97 -32.46 -30.39
N VAL A 87 0.30 -31.34 -30.65
CA VAL A 87 -0.54 -30.73 -29.63
C VAL A 87 -1.80 -31.56 -29.44
N GLU A 88 -2.38 -32.08 -30.54
CA GLU A 88 -3.62 -32.84 -30.43
C GLU A 88 -3.43 -34.06 -29.54
N ALA A 89 -2.25 -34.68 -29.58
CA ALA A 89 -1.95 -35.74 -28.64
C ALA A 89 -1.89 -35.22 -27.22
N ALA A 90 -1.12 -34.15 -27.00
CA ALA A 90 -0.95 -33.59 -25.66
C ALA A 90 -2.29 -33.28 -25.01
N VAL A 91 -3.14 -32.52 -25.71
CA VAL A 91 -4.47 -32.21 -25.21
C VAL A 91 -5.22 -33.50 -24.86
N LYS A 92 -5.18 -34.48 -25.76
CA LYS A 92 -5.85 -35.75 -25.47
C LYS A 92 -5.31 -36.37 -24.19
N GLU A 93 -3.99 -36.34 -24.00
CA GLU A 93 -3.42 -36.82 -22.74
C GLU A 93 -4.07 -36.11 -21.55
N GLU A 94 -4.15 -34.77 -21.64
CA GLU A 94 -4.87 -33.99 -20.63
C GLU A 94 -6.24 -34.61 -20.35
N ALA A 95 -7.01 -34.83 -21.42
CA ALA A 95 -8.36 -35.36 -21.26
C ALA A 95 -8.35 -36.62 -20.41
N ALA A 96 -7.41 -37.53 -20.69
CA ALA A 96 -7.32 -38.77 -19.92
C ALA A 96 -7.30 -38.47 -18.43
N ILE A 97 -6.34 -37.64 -18.01
CA ILE A 97 -6.24 -37.26 -16.60
C ILE A 97 -7.55 -36.63 -16.15
N ILE A 98 -8.07 -35.69 -16.94
CA ILE A 98 -9.33 -35.02 -16.59
C ILE A 98 -10.42 -36.06 -16.38
N SER A 99 -10.46 -37.08 -17.23
CA SER A 99 -11.43 -38.15 -17.07
C SER A 99 -11.41 -38.68 -15.65
N GLU A 100 -10.23 -39.11 -15.20
CA GLU A 100 -10.11 -39.62 -13.84
C GLU A 100 -10.60 -38.59 -12.84
N LEU A 101 -10.15 -37.35 -12.99
CA LEU A 101 -10.64 -36.27 -12.13
C LEU A 101 -12.15 -36.27 -12.07
N ASP A 102 -12.80 -36.23 -13.25
CA ASP A 102 -14.25 -36.31 -13.32
C ASP A 102 -14.78 -37.33 -12.33
N THR A 103 -14.38 -38.59 -12.52
CA THR A 103 -14.85 -39.68 -11.67
C THR A 103 -14.71 -39.31 -10.20
N VAL A 104 -13.47 -39.03 -9.77
CA VAL A 104 -13.24 -38.70 -8.37
C VAL A 104 -14.08 -37.49 -7.99
N ALA A 105 -13.98 -36.42 -8.78
CA ALA A 105 -14.64 -35.19 -8.40
C ALA A 105 -16.16 -35.33 -8.40
N SER A 106 -16.69 -36.34 -9.08
CA SER A 106 -18.13 -36.48 -9.14
C SER A 106 -18.69 -37.19 -7.91
N LYS A 107 -17.84 -37.83 -7.11
CA LYS A 107 -18.35 -38.50 -5.92
C LYS A 107 -18.74 -37.50 -4.83
N HIS A 108 -18.06 -36.37 -4.77
CA HIS A 108 -18.24 -35.36 -3.74
C HIS A 108 -18.92 -34.11 -4.31
N PRO A 109 -19.46 -33.25 -3.45
CA PRO A 109 -20.11 -32.02 -3.96
C PRO A 109 -19.15 -31.20 -4.81
N TYR A 110 -19.69 -30.66 -5.90
CA TYR A 110 -18.87 -29.89 -6.83
C TYR A 110 -18.34 -28.61 -6.16
N TYR A 111 -19.23 -27.80 -5.60
CA TYR A 111 -18.85 -26.50 -5.05
C TYR A 111 -18.04 -26.60 -3.76
N LYS A 112 -17.82 -27.80 -3.23
CA LYS A 112 -16.95 -27.95 -2.07
C LYS A 112 -15.48 -28.00 -2.46
N TYR A 113 -15.18 -28.47 -3.67
CA TYR A 113 -13.80 -28.68 -4.10
C TYR A 113 -13.49 -28.08 -5.46
N ASN A 114 -14.43 -27.33 -6.05
CA ASN A 114 -14.22 -26.83 -7.42
C ASN A 114 -13.07 -25.83 -7.51
N GLN A 115 -12.88 -25.03 -6.47
CA GLN A 115 -11.81 -24.03 -6.48
C GLN A 115 -10.42 -24.63 -6.52
N ARG A 116 -10.28 -25.96 -6.47
CA ARG A 116 -8.96 -26.59 -6.50
C ARG A 116 -8.51 -26.92 -7.90
N TRP A 117 -9.43 -27.18 -8.83
CA TRP A 117 -9.08 -27.54 -10.19
C TRP A 117 -9.48 -26.48 -11.21
N THR A 118 -10.15 -25.41 -10.79
CA THR A 118 -10.74 -24.48 -11.74
C THR A 118 -9.66 -23.76 -12.56
N ARG A 119 -8.53 -23.42 -11.93
CA ARG A 119 -7.43 -22.82 -12.68
C ARG A 119 -6.81 -23.82 -13.64
N SER A 120 -6.60 -25.06 -13.18
CA SER A 120 -6.02 -26.08 -14.04
C SER A 120 -6.95 -26.42 -15.19
N MET A 121 -8.24 -26.52 -14.92
CA MET A 121 -9.20 -26.78 -15.99
C MET A 121 -9.24 -25.62 -16.98
N GLN A 122 -9.13 -24.39 -16.47
CA GLN A 122 -9.06 -23.22 -17.34
C GLN A 122 -7.86 -23.31 -18.27
N HIS A 123 -6.70 -23.69 -17.75
CA HIS A 123 -5.50 -23.77 -18.59
C HIS A 123 -5.60 -24.93 -19.59
N ALA A 124 -6.21 -26.04 -19.18
CA ALA A 124 -6.41 -27.15 -20.12
C ALA A 124 -7.32 -26.74 -21.27
N ILE A 125 -8.44 -26.08 -20.94
CA ILE A 125 -9.33 -25.54 -21.97
C ILE A 125 -8.55 -24.59 -22.87
N GLY A 126 -7.66 -23.79 -22.28
CA GLY A 126 -6.87 -22.87 -23.08
C GLY A 126 -6.00 -23.58 -24.10
N THR A 127 -5.31 -24.64 -23.67
CA THR A 127 -4.48 -25.40 -24.61
C THR A 127 -5.34 -26.01 -25.71
N ALA A 128 -6.52 -26.52 -25.36
CA ALA A 128 -7.39 -27.12 -26.37
C ALA A 128 -7.85 -26.08 -27.40
N ILE A 129 -8.28 -24.91 -26.92
CA ILE A 129 -8.74 -23.87 -27.82
C ILE A 129 -7.61 -23.35 -28.70
N TYR A 130 -6.42 -23.22 -28.13
CA TYR A 130 -5.26 -22.81 -28.92
C TYR A 130 -4.96 -23.84 -30.02
N CYS A 131 -5.00 -25.12 -29.66
CA CYS A 131 -4.81 -26.19 -30.64
C CYS A 131 -5.79 -26.04 -31.80
N ALA A 132 -7.08 -25.90 -31.47
CA ALA A 132 -8.08 -25.81 -32.54
C ALA A 132 -7.97 -24.52 -33.34
N TRP A 133 -7.48 -23.44 -32.72
CA TRP A 133 -7.24 -22.21 -33.46
C TRP A 133 -6.17 -22.39 -34.52
N LEU A 134 -5.19 -23.25 -34.26
CA LEU A 134 -4.13 -23.52 -35.22
C LEU A 134 -4.54 -24.54 -36.28
N GLY A 135 -5.71 -25.16 -36.15
CA GLY A 135 -6.19 -26.09 -37.15
C GLY A 135 -6.49 -27.48 -36.62
N GLY A 136 -6.46 -27.64 -35.29
CA GLY A 136 -6.69 -28.94 -34.69
C GLY A 136 -8.16 -29.20 -34.36
N PHE A 137 -8.43 -30.45 -34.01
CA PHE A 137 -9.75 -30.94 -33.62
C PHE A 137 -10.85 -30.45 -34.55
N PRO A 138 -10.91 -30.93 -35.80
CA PRO A 138 -11.98 -30.55 -36.73
C PRO A 138 -13.28 -31.29 -36.47
N ALA A 150 -7.18 -26.98 -42.78
CA ALA A 150 -6.44 -26.12 -41.87
C ALA A 150 -7.07 -24.74 -41.77
N GLU A 151 -8.14 -24.64 -41.01
CA GLU A 151 -8.84 -23.36 -40.80
C GLU A 151 -8.25 -22.68 -39.57
N ILE A 152 -7.21 -21.88 -39.80
CA ILE A 152 -6.62 -21.10 -38.72
C ILE A 152 -7.60 -20.00 -38.31
N GLY A 153 -7.84 -19.91 -37.00
CA GLY A 153 -8.75 -18.91 -36.47
C GLY A 153 -10.06 -19.46 -35.93
N ARG A 154 -10.23 -20.78 -35.91
CA ARG A 154 -11.48 -21.37 -35.43
C ARG A 154 -11.55 -21.27 -33.91
N LEU A 155 -12.69 -20.79 -33.41
CA LEU A 155 -12.96 -20.72 -31.99
C LEU A 155 -13.89 -21.86 -31.60
N LEU A 156 -13.42 -22.74 -30.73
CA LEU A 156 -14.27 -23.83 -30.23
C LEU A 156 -15.38 -23.28 -29.36
N THR A 157 -16.58 -23.82 -29.54
CA THR A 157 -17.65 -23.56 -28.60
C THR A 157 -17.37 -24.30 -27.30
N LEU A 158 -18.04 -23.84 -26.23
CA LEU A 158 -17.93 -24.53 -24.94
C LEU A 158 -18.34 -25.99 -25.07
N GLU A 159 -19.36 -26.26 -25.89
CA GLU A 159 -19.81 -27.62 -26.12
C GLU A 159 -18.72 -28.46 -26.79
N GLU A 160 -17.98 -27.85 -27.72
CA GLU A 160 -16.91 -28.58 -28.41
C GLU A 160 -15.75 -28.86 -27.47
N VAL A 161 -15.46 -27.93 -26.55
CA VAL A 161 -14.44 -28.18 -25.54
C VAL A 161 -14.87 -29.34 -24.64
N GLY A 162 -16.13 -29.34 -24.22
CA GLY A 162 -16.64 -30.43 -23.42
C GLY A 162 -16.58 -31.77 -24.16
N THR A 163 -16.81 -31.73 -25.47
CA THR A 163 -16.67 -32.94 -26.28
C THR A 163 -15.22 -33.44 -26.27
N ILE A 164 -14.27 -32.52 -26.46
CA ILE A 164 -12.86 -32.91 -26.49
C ILE A 164 -12.45 -33.53 -25.15
N PHE A 165 -12.87 -32.92 -24.05
CA PHE A 165 -12.48 -33.42 -22.74
C PHE A 165 -13.47 -34.43 -22.15
N SER A 166 -14.52 -34.78 -22.90
CA SER A 166 -15.48 -35.81 -22.49
C SER A 166 -16.08 -35.50 -21.12
N VAL A 167 -16.41 -34.23 -20.89
CA VAL A 167 -17.04 -33.80 -19.64
C VAL A 167 -18.17 -32.84 -19.95
N PRO A 168 -19.19 -32.83 -19.12
CA PRO A 168 -20.31 -31.90 -19.34
C PRO A 168 -19.87 -30.45 -19.15
N THR A 169 -20.64 -29.54 -19.75
CA THR A 169 -20.40 -28.11 -19.65
C THR A 169 -21.64 -27.42 -19.10
N ASN A 170 -21.40 -26.45 -18.20
CA ASN A 170 -22.46 -25.61 -17.64
C ASN A 170 -23.56 -26.47 -17.00
N LEU A 171 -23.13 -27.45 -16.20
CA LEU A 171 -24.05 -28.33 -15.50
C LEU A 171 -24.85 -27.54 -14.47
N LYS A 172 -26.14 -27.39 -14.72
CA LYS A 172 -27.05 -26.74 -13.78
C LYS A 172 -28.08 -27.74 -13.29
N ASP A 173 -28.41 -27.64 -12.00
CA ASP A 173 -29.35 -28.54 -11.33
C ASP A 173 -28.88 -30.00 -11.39
N ARG A 174 -27.56 -30.21 -11.45
CA ARG A 174 -26.98 -31.53 -11.23
C ARG A 174 -25.56 -31.35 -10.74
N ASP A 175 -25.22 -32.02 -9.64
CA ASP A 175 -23.90 -31.89 -9.03
C ASP A 175 -22.99 -32.96 -9.60
N ALA A 176 -22.11 -32.55 -10.52
CA ALA A 176 -21.11 -33.46 -11.09
C ALA A 176 -20.00 -32.60 -11.68
N PHE A 177 -18.82 -33.21 -11.81
CA PHE A 177 -17.69 -32.50 -12.39
C PHE A 177 -18.05 -31.99 -13.78
N HIS A 178 -17.74 -30.72 -14.03
CA HIS A 178 -18.10 -30.09 -15.29
C HIS A 178 -17.15 -28.92 -15.55
N ILE A 179 -17.26 -28.37 -16.75
CA ILE A 179 -16.51 -27.20 -17.17
C ILE A 179 -17.47 -26.01 -17.16
N THR A 180 -17.00 -24.87 -16.63
CA THR A 180 -17.84 -23.70 -16.48
C THR A 180 -17.60 -22.67 -17.57
N ILE A 181 -18.59 -21.81 -17.79
CA ILE A 181 -18.45 -20.72 -18.75
C ILE A 181 -17.31 -19.79 -18.34
N GLU A 182 -17.18 -19.55 -17.03
CA GLU A 182 -16.15 -18.62 -16.55
C GLU A 182 -14.75 -19.16 -16.85
N GLU A 183 -14.55 -20.47 -16.68
CA GLU A 183 -13.27 -21.07 -17.04
C GLU A 183 -12.98 -20.87 -18.52
N TYR A 184 -13.99 -21.09 -19.36
CA TYR A 184 -13.84 -20.95 -20.80
C TYR A 184 -13.46 -19.52 -21.18
N LEU A 185 -14.13 -18.54 -20.58
CA LEU A 185 -13.88 -17.15 -20.91
C LEU A 185 -12.50 -16.69 -20.41
N LEU A 186 -12.09 -17.17 -19.23
CA LEU A 186 -10.78 -16.84 -18.72
C LEU A 186 -9.68 -17.44 -19.60
N SER A 187 -9.89 -18.68 -20.04
CA SER A 187 -8.96 -19.29 -21.00
C SER A 187 -8.91 -18.49 -22.29
N LEU A 188 -10.03 -17.92 -22.71
CA LEU A 188 -10.03 -17.08 -23.90
C LEU A 188 -9.18 -15.83 -23.71
N VAL A 189 -9.29 -15.20 -22.54
CA VAL A 189 -8.45 -14.03 -22.24
C VAL A 189 -6.98 -14.40 -22.34
N ASP A 190 -6.61 -15.54 -21.71
CA ASP A 190 -5.23 -16.00 -21.80
C ASP A 190 -4.83 -16.25 -23.25
N LEU A 191 -5.76 -16.76 -24.06
CA LEU A 191 -5.47 -17.03 -25.47
C LEU A 191 -5.15 -15.75 -26.22
N THR A 192 -5.87 -14.66 -25.91
CA THR A 192 -5.55 -13.38 -26.53
C THR A 192 -4.14 -12.94 -26.14
N GLN A 193 -3.80 -13.07 -24.86
CA GLN A 193 -2.45 -12.69 -24.43
C GLN A 193 -1.38 -13.52 -25.14
N ASP A 194 -1.67 -14.76 -25.50
CA ASP A 194 -0.70 -15.56 -26.24
C ASP A 194 -0.67 -15.18 -27.72
N LEU A 195 -1.83 -14.89 -28.30
CA LEU A 195 -1.92 -14.58 -29.72
C LEU A 195 -1.22 -13.28 -30.05
N SER A 196 -1.19 -12.33 -29.11
CA SER A 196 -0.41 -11.11 -29.34
C SER A 196 1.06 -11.41 -29.57
N ARG A 197 1.64 -12.21 -28.66
CA ARG A 197 3.04 -12.62 -28.81
C ARG A 197 3.23 -13.39 -30.12
N LEU A 198 2.26 -14.23 -30.49
CA LEU A 198 2.37 -14.95 -31.74
C LEU A 198 2.42 -14.01 -32.92
N ALA A 199 1.63 -12.93 -32.91
CA ALA A 199 1.66 -11.96 -34.00
C ALA A 199 3.02 -11.27 -34.08
N THR A 200 3.56 -10.86 -32.93
CA THR A 200 4.87 -10.23 -32.91
C THR A 200 5.94 -11.16 -33.52
N ASN A 201 6.00 -12.39 -33.03
CA ASN A 201 6.99 -13.34 -33.53
C ASN A 201 6.72 -13.76 -34.96
N SER A 202 5.47 -13.67 -35.43
CA SER A 202 5.16 -13.93 -36.84
C SER A 202 5.75 -12.85 -37.72
N VAL A 203 5.65 -11.60 -37.30
CA VAL A 203 6.33 -10.51 -38.02
C VAL A 203 7.82 -10.78 -38.07
N THR A 204 8.40 -11.19 -36.94
CA THR A 204 9.85 -11.46 -36.93
C THR A 204 10.21 -12.61 -37.88
N LEU A 205 9.40 -13.67 -37.91
CA LEU A 205 9.69 -14.81 -38.77
C LEU A 205 9.53 -14.49 -40.26
N GLY A 206 8.75 -13.47 -40.60
CA GLY A 206 8.47 -13.15 -41.98
C GLY A 206 7.04 -13.43 -42.42
N ASP A 207 6.21 -13.99 -41.54
CA ASP A 207 4.80 -14.22 -41.84
C ASP A 207 4.05 -12.93 -41.59
N PHE A 208 3.71 -12.21 -42.67
CA PHE A 208 2.98 -10.97 -42.56
C PHE A 208 1.47 -11.15 -42.67
N GLN A 209 1.00 -12.36 -42.97
CA GLN A 209 -0.43 -12.60 -43.10
C GLN A 209 -1.07 -13.16 -41.85
N LEU A 210 -0.28 -13.73 -40.92
CA LEU A 210 -0.82 -14.25 -39.68
C LEU A 210 -1.24 -13.15 -38.71
N PRO A 211 -0.43 -12.08 -38.54
CA PRO A 211 -0.89 -10.98 -37.67
C PRO A 211 -2.23 -10.40 -38.06
N LEU A 212 -2.59 -10.43 -39.34
CA LEU A 212 -3.91 -9.94 -39.75
C LEU A 212 -5.02 -10.83 -39.20
N THR A 213 -4.85 -12.15 -39.31
CA THR A 213 -5.82 -13.08 -38.74
C THR A 213 -5.90 -12.95 -37.22
N ILE A 214 -4.75 -12.81 -36.56
CA ILE A 214 -4.74 -12.62 -35.12
C ILE A 214 -5.48 -11.35 -34.75
N SER A 215 -5.31 -10.28 -35.54
CA SER A 215 -5.98 -9.02 -35.27
C SER A 215 -7.49 -9.17 -35.39
N ALA A 216 -7.94 -9.81 -36.48
CA ALA A 216 -9.38 -10.05 -36.64
C ALA A 216 -9.94 -10.82 -35.45
N PHE A 217 -9.27 -11.92 -35.08
CA PHE A 217 -9.76 -12.76 -34.00
C PHE A 217 -9.81 -12.01 -32.68
N VAL A 218 -8.72 -11.36 -32.30
CA VAL A 218 -8.66 -10.69 -31.01
C VAL A 218 -9.62 -9.51 -30.96
N LYS A 219 -9.79 -8.80 -32.08
CA LYS A 219 -10.77 -7.72 -32.13
C LYS A 219 -12.18 -8.24 -31.87
N ASP A 220 -12.59 -9.28 -32.61
CA ASP A 220 -13.93 -9.82 -32.42
C ASP A 220 -14.11 -10.38 -31.02
N LEU A 221 -13.06 -10.97 -30.46
CA LEU A 221 -13.17 -11.53 -29.12
C LEU A 221 -13.33 -10.42 -28.08
N PHE A 222 -12.60 -9.32 -28.23
CA PHE A 222 -12.77 -8.18 -27.34
C PHE A 222 -14.16 -7.58 -27.46
N ALA A 223 -14.69 -7.51 -28.68
CA ALA A 223 -16.04 -7.02 -28.87
C ALA A 223 -17.06 -7.90 -28.16
N GLY A 224 -16.91 -9.22 -28.27
CA GLY A 224 -17.80 -10.12 -27.55
C GLY A 224 -17.67 -9.98 -26.05
N PHE A 225 -16.43 -9.86 -25.56
CA PHE A 225 -16.21 -9.64 -24.13
C PHE A 225 -16.93 -8.40 -23.64
N GLN A 226 -16.85 -7.31 -24.41
CA GLN A 226 -17.54 -6.08 -24.02
C GLN A 226 -19.05 -6.23 -24.10
N LEU A 227 -19.55 -7.02 -25.05
CA LEU A 227 -20.98 -7.28 -25.11
C LEU A 227 -21.46 -8.09 -23.92
N LEU A 228 -20.60 -8.92 -23.35
CA LEU A 228 -21.04 -9.82 -22.28
C LEU A 228 -21.47 -9.07 -21.03
N ASN A 229 -20.78 -7.96 -20.71
CA ASN A 229 -20.98 -7.23 -19.46
C ASN A 229 -20.87 -8.19 -18.28
N LEU A 230 -19.67 -8.76 -18.14
CA LEU A 230 -19.41 -9.73 -17.07
C LEU A 230 -19.58 -9.08 -15.71
N LYS A 231 -20.47 -9.64 -14.89
CA LYS A 231 -20.74 -9.03 -13.59
C LYS A 231 -19.65 -9.35 -12.57
N ASN A 232 -19.17 -10.60 -12.54
CA ASN A 232 -18.13 -10.98 -11.62
C ASN A 232 -16.89 -10.13 -11.85
N ASP A 233 -16.37 -9.55 -10.76
CA ASP A 233 -15.40 -8.46 -10.91
C ASP A 233 -14.07 -8.95 -11.47
N ILE A 234 -13.60 -10.11 -11.03
CA ILE A 234 -12.31 -10.61 -11.49
C ILE A 234 -12.35 -10.92 -12.97
N ILE A 235 -13.45 -11.55 -13.43
CA ILE A 235 -13.57 -11.89 -14.84
C ILE A 235 -13.67 -10.62 -15.69
N ARG A 236 -14.42 -9.61 -15.22
CA ARG A 236 -14.53 -8.38 -15.99
C ARG A 236 -13.22 -7.63 -16.05
N LYS A 237 -12.45 -7.65 -14.95
CA LYS A 237 -11.12 -7.04 -14.95
C LYS A 237 -10.23 -7.74 -15.97
N ARG A 238 -10.20 -9.07 -15.94
CA ARG A 238 -9.35 -9.81 -16.87
C ARG A 238 -9.81 -9.63 -18.31
N ALA A 239 -11.11 -9.45 -18.54
CA ALA A 239 -11.63 -9.26 -19.88
C ALA A 239 -11.37 -7.85 -20.40
N ASP A 240 -11.36 -6.85 -19.52
CA ASP A 240 -10.95 -5.51 -19.93
C ASP A 240 -9.45 -5.41 -20.11
N SER A 241 -8.68 -6.32 -19.50
CA SER A 241 -7.26 -6.40 -19.76
C SER A 241 -6.93 -6.83 -21.18
N VAL A 242 -7.92 -7.38 -21.91
CA VAL A 242 -7.71 -7.76 -23.31
C VAL A 242 -7.47 -6.53 -24.19
N LYS A 243 -7.93 -5.36 -23.75
CA LYS A 243 -7.75 -4.12 -24.48
C LYS A 243 -6.30 -3.92 -24.91
N TYR A 244 -5.36 -4.23 -24.01
CA TYR A 244 -3.94 -4.01 -24.30
C TYR A 244 -3.45 -4.94 -25.40
N GLU A 245 -3.86 -6.20 -25.35
CA GLU A 245 -3.51 -7.15 -26.42
C GLU A 245 -4.09 -6.69 -27.75
N VAL A 246 -5.34 -6.22 -27.73
CA VAL A 246 -5.97 -5.75 -28.95
C VAL A 246 -5.17 -4.60 -29.55
N LYS A 247 -4.79 -3.64 -28.70
CA LYS A 247 -4.01 -2.50 -29.17
C LYS A 247 -2.66 -2.95 -29.73
N ARG A 248 -2.01 -3.91 -29.07
CA ARG A 248 -0.71 -4.38 -29.52
C ARG A 248 -0.81 -5.00 -30.92
N VAL A 249 -1.80 -5.88 -31.12
CA VAL A 249 -1.95 -6.52 -32.43
C VAL A 249 -2.36 -5.49 -33.49
N GLU A 250 -3.20 -4.54 -33.11
CA GLU A 250 -3.62 -3.52 -34.07
C GLU A 250 -2.47 -2.63 -34.48
N ASP A 251 -1.56 -2.33 -33.55
CA ASP A 251 -0.37 -1.57 -33.90
C ASP A 251 0.56 -2.37 -34.81
N ILE A 252 0.66 -3.68 -34.57
CA ILE A 252 1.42 -4.53 -35.48
C ILE A 252 0.86 -4.43 -36.90
N VAL A 253 -0.47 -4.54 -37.02
CA VAL A 253 -1.10 -4.49 -38.34
C VAL A 253 -0.93 -3.12 -38.98
N TYR A 254 -1.02 -2.05 -38.18
CA TYR A 254 -0.78 -0.71 -38.68
C TYR A 254 0.62 -0.57 -39.26
N ASP A 255 1.63 -1.03 -38.50
CA ASP A 255 3.01 -0.94 -38.98
C ASP A 255 3.23 -1.76 -40.24
N LEU A 256 2.59 -2.94 -40.32
CA LEU A 256 2.73 -3.76 -41.51
C LEU A 256 2.09 -3.12 -42.73
N SER A 257 0.89 -2.55 -42.56
CA SER A 257 0.21 -1.92 -43.69
C SER A 257 0.93 -0.67 -44.14
N LEU A 258 1.47 0.11 -43.19
CA LEU A 258 2.20 1.32 -43.54
C LEU A 258 3.38 1.02 -44.45
N ARG A 259 4.14 -0.03 -44.13
CA ARG A 259 5.35 -0.37 -44.87
C ARG A 259 5.08 -1.28 -46.05
N GLY A 260 3.85 -1.30 -46.55
CA GLY A 260 3.50 -2.04 -47.75
C GLY A 260 3.77 -3.52 -47.68
N LEU A 261 3.38 -4.17 -46.58
CA LEU A 261 3.67 -5.58 -46.37
C LEU A 261 2.44 -6.47 -46.30
N ILE A 262 1.22 -5.91 -46.26
CA ILE A 262 0.05 -6.75 -46.04
C ILE A 262 -1.13 -6.37 -46.91
N GLN A 263 -1.15 -5.14 -47.43
CA GLN A 263 -2.35 -4.55 -48.03
C GLN A 263 -3.48 -4.47 -47.01
N LEU B 28 1.61 21.00 34.17
CA LEU B 28 0.83 21.89 33.32
C LEU B 28 1.73 22.69 32.39
N LEU B 29 1.32 22.79 31.13
CA LEU B 29 2.12 23.47 30.12
C LEU B 29 2.04 24.98 30.28
N ASP B 30 3.13 25.65 29.95
CA ASP B 30 3.13 27.11 29.94
C ASP B 30 2.05 27.63 29.00
N PRO B 31 1.31 28.66 29.40
CA PRO B 31 0.33 29.26 28.47
C PRO B 31 0.98 29.79 27.20
N SER B 32 2.28 30.11 27.25
CA SER B 32 2.99 30.55 26.06
C SER B 32 2.97 29.48 24.97
N ILE B 33 2.94 28.20 25.34
CA ILE B 33 2.83 27.14 24.35
C ILE B 33 1.55 27.31 23.54
N PHE B 34 0.42 27.41 24.24
CA PHE B 34 -0.87 27.54 23.56
C PHE B 34 -0.90 28.81 22.71
N ALA B 35 -0.44 29.92 23.28
CA ALA B 35 -0.47 31.20 22.57
C ALA B 35 0.39 31.16 21.31
N SER B 36 1.64 30.72 21.44
CA SER B 36 2.54 30.66 20.31
C SER B 36 2.06 29.68 19.25
N LEU B 37 1.43 28.57 19.66
CA LEU B 37 0.92 27.63 18.67
C LEU B 37 -0.23 28.22 17.88
N GLU B 38 -1.17 28.90 18.54
CA GLU B 38 -2.25 29.53 17.79
C GLU B 38 -1.73 30.64 16.88
N ALA B 39 -0.75 31.41 17.36
CA ALA B 39 -0.18 32.47 16.53
C ALA B 39 0.53 31.90 15.31
N LYS B 40 1.31 30.83 15.52
CA LYS B 40 1.98 30.16 14.41
C LYS B 40 0.97 29.64 13.41
N LEU B 41 -0.13 29.05 13.89
CA LEU B 41 -1.13 28.52 12.97
C LEU B 41 -1.77 29.63 12.15
N GLU B 42 -2.15 30.74 12.80
CA GLU B 42 -2.76 31.86 12.08
C GLU B 42 -1.81 32.42 11.03
N GLU B 43 -0.56 32.66 11.41
CA GLU B 43 0.40 33.25 10.46
C GLU B 43 0.67 32.31 9.30
N GLU B 44 0.87 31.02 9.58
CA GLU B 44 1.13 30.06 8.51
C GLU B 44 -0.07 29.92 7.59
N THR B 45 -1.29 29.98 8.14
CA THR B 45 -2.47 29.93 7.29
C THR B 45 -2.54 31.14 6.38
N GLN B 46 -2.26 32.33 6.92
CA GLN B 46 -2.26 33.54 6.09
C GLN B 46 -1.24 33.43 4.97
N ILE B 47 -0.01 33.01 5.30
CA ILE B 47 1.04 32.92 4.29
C ILE B 47 0.68 31.87 3.23
N ARG B 48 0.11 30.73 3.66
CA ARG B 48 -0.26 29.69 2.72
C ARG B 48 -1.36 30.17 1.77
N ASP B 49 -2.35 30.88 2.29
CA ASP B 49 -3.41 31.40 1.42
C ASP B 49 -2.86 32.40 0.42
N THR B 50 -2.01 33.32 0.87
CA THR B 50 -1.43 34.31 -0.03
C THR B 50 -0.60 33.62 -1.13
N LEU B 51 0.29 32.72 -0.73
CA LEU B 51 1.12 32.02 -1.69
C LEU B 51 0.27 31.18 -2.64
N SER B 52 -0.84 30.61 -2.15
CA SER B 52 -1.69 29.79 -2.99
C SER B 52 -2.34 30.62 -4.08
N GLN B 53 -2.86 31.79 -3.72
CA GLN B 53 -3.47 32.64 -4.74
C GLN B 53 -2.44 33.14 -5.74
N LEU B 54 -1.25 33.53 -5.26
CA LEU B 54 -0.19 33.93 -6.18
C LEU B 54 0.20 32.81 -7.13
N ILE B 55 0.36 31.59 -6.60
CA ILE B 55 0.79 30.46 -7.42
C ILE B 55 -0.31 30.07 -8.40
N GLN B 56 -1.58 30.20 -8.02
CA GLN B 56 -2.65 29.91 -8.96
C GLN B 56 -2.68 30.91 -10.10
N ARG B 57 -2.47 32.20 -9.79
CA ARG B 57 -2.41 33.19 -10.87
C ARG B 57 -1.22 32.92 -11.78
N LEU B 58 -0.07 32.59 -11.20
CA LEU B 58 1.11 32.25 -12.00
C LEU B 58 0.84 31.02 -12.86
N ASP B 59 0.13 30.04 -12.33
CA ASP B 59 -0.17 28.84 -13.10
C ASP B 59 -1.10 29.15 -14.27
N ARG B 60 -2.07 30.03 -14.06
CA ARG B 60 -2.93 30.43 -15.17
C ARG B 60 -2.13 31.16 -16.24
N ALA B 61 -1.21 32.03 -15.84
CA ALA B 61 -0.38 32.73 -16.81
C ALA B 61 0.51 31.77 -17.60
N VAL B 62 1.14 30.83 -16.89
CA VAL B 62 1.99 29.84 -17.55
C VAL B 62 1.16 28.97 -18.49
N ALA B 63 -0.08 28.66 -18.10
CA ALA B 63 -0.96 27.88 -18.97
C ALA B 63 -1.31 28.65 -20.23
N THR B 64 -1.56 29.96 -20.10
CA THR B 64 -1.82 30.78 -21.28
C THR B 64 -0.61 30.78 -22.22
N ALA B 65 0.58 30.99 -21.67
CA ALA B 65 1.78 30.99 -22.50
C ALA B 65 2.01 29.63 -23.15
N GLN B 66 1.72 28.55 -22.41
CA GLN B 66 1.92 27.20 -22.94
C GLN B 66 0.94 26.92 -24.08
N GLY B 67 -0.32 27.32 -23.91
CA GLY B 67 -1.27 27.16 -24.99
C GLY B 67 -0.88 27.96 -26.22
N LEU B 68 -0.39 29.19 -26.01
CA LEU B 68 0.08 29.99 -27.14
C LEU B 68 1.24 29.31 -27.85
N LEU B 69 2.20 28.78 -27.08
CA LEU B 69 3.31 28.06 -27.68
C LEU B 69 2.85 26.81 -28.41
N SER B 70 1.79 26.16 -27.92
CA SER B 70 1.27 24.95 -28.56
C SER B 70 0.85 25.19 -29.99
N ARG B 71 0.57 26.44 -30.36
CA ARG B 71 0.23 26.76 -31.75
C ARG B 71 1.40 26.54 -32.70
N VAL B 72 2.61 26.38 -32.17
CA VAL B 72 3.78 26.15 -33.02
C VAL B 72 3.63 24.84 -33.79
N HIS B 73 2.84 23.90 -33.26
CA HIS B 73 2.65 22.63 -33.93
C HIS B 73 1.81 22.77 -35.20
N SER B 74 1.12 23.89 -35.37
CA SER B 74 0.32 24.13 -36.56
C SER B 74 0.70 25.43 -37.26
N THR B 75 1.79 26.09 -36.84
CA THR B 75 2.21 27.34 -37.42
C THR B 75 3.47 27.14 -38.24
N PRO B 76 3.49 27.54 -39.50
CA PRO B 76 4.72 27.46 -40.29
C PRO B 76 5.78 28.41 -39.75
N ARG B 77 7.04 28.07 -40.04
CA ARG B 77 8.16 28.89 -39.58
C ARG B 77 8.00 30.34 -40.04
N SER B 78 7.48 30.53 -41.25
CA SER B 78 7.31 31.89 -41.79
C SER B 78 6.45 32.74 -40.86
N ARG B 79 5.46 32.14 -40.21
CA ARG B 79 4.58 32.85 -39.30
C ARG B 79 5.00 32.72 -37.85
N TYR B 80 6.28 32.41 -37.60
CA TYR B 80 6.78 32.33 -36.22
C TYR B 80 6.87 33.70 -35.55
N PRO B 81 7.38 34.76 -36.19
CA PRO B 81 7.55 36.03 -35.47
C PRO B 81 6.26 36.57 -34.88
N GLN B 82 5.12 36.26 -35.47
CA GLN B 82 3.84 36.66 -34.90
C GLN B 82 3.60 35.95 -33.58
N LEU B 83 3.47 34.62 -33.62
CA LEU B 83 3.31 33.80 -32.43
C LEU B 83 4.24 34.22 -31.29
N VAL B 84 5.54 34.29 -31.60
CA VAL B 84 6.53 34.63 -30.59
C VAL B 84 6.12 35.89 -29.85
N SER B 85 5.76 36.94 -30.58
CA SER B 85 5.35 38.19 -29.96
C SER B 85 4.28 37.94 -28.90
N GLN B 86 3.20 37.26 -29.31
CA GLN B 86 2.14 36.91 -28.37
C GLN B 86 2.72 36.19 -27.17
N VAL B 87 3.49 35.13 -27.43
CA VAL B 87 4.12 34.37 -26.34
C VAL B 87 4.93 35.30 -25.46
N GLU B 88 5.72 36.20 -26.06
CA GLU B 88 6.48 37.16 -25.29
C GLU B 88 5.57 37.90 -24.32
N ALA B 89 4.49 38.48 -24.84
CA ALA B 89 3.51 39.15 -23.98
C ALA B 89 3.08 38.23 -22.85
N ALA B 90 2.67 37.00 -23.22
CA ALA B 90 2.27 36.02 -22.21
C ALA B 90 3.36 35.84 -21.17
N VAL B 91 4.59 35.62 -21.62
CA VAL B 91 5.70 35.43 -20.69
C VAL B 91 5.83 36.65 -19.79
N LYS B 92 5.72 37.85 -20.37
CA LYS B 92 5.83 39.06 -19.57
C LYS B 92 4.77 39.09 -18.49
N GLU B 93 3.56 38.64 -18.81
CA GLU B 93 2.50 38.59 -17.80
C GLU B 93 2.93 37.70 -16.64
N GLU B 94 3.53 36.55 -16.95
CA GLU B 94 4.12 35.70 -15.92
C GLU B 94 5.03 36.53 -15.03
N ALA B 95 6.00 37.22 -15.64
CA ALA B 95 6.97 38.02 -14.90
C ALA B 95 6.29 39.06 -14.03
N ALA B 96 5.07 39.49 -14.37
CA ALA B 96 4.34 40.37 -13.49
C ALA B 96 3.97 39.66 -12.20
N ILE B 97 3.23 38.55 -12.31
CA ILE B 97 2.79 37.82 -11.12
C ILE B 97 4.00 37.34 -10.32
N ILE B 98 5.01 36.81 -11.00
CA ILE B 98 6.25 36.40 -10.33
C ILE B 98 6.78 37.53 -9.46
N SER B 99 6.78 38.75 -9.99
CA SER B 99 7.18 39.91 -9.20
C SER B 99 6.48 39.91 -7.85
N GLU B 100 5.14 39.92 -7.87
CA GLU B 100 4.36 39.88 -6.65
C GLU B 100 4.81 38.72 -5.76
N LEU B 101 4.90 37.51 -6.35
CA LEU B 101 5.35 36.35 -5.60
C LEU B 101 6.65 36.66 -4.88
N ASP B 102 7.65 37.16 -5.61
CA ASP B 102 8.92 37.54 -4.98
C ASP B 102 8.67 38.38 -3.75
N THR B 103 7.95 39.49 -3.93
CA THR B 103 7.71 40.44 -2.84
C THR B 103 7.15 39.75 -1.61
N VAL B 104 6.27 38.77 -1.81
CA VAL B 104 5.72 38.06 -0.68
C VAL B 104 6.69 37.00 -0.18
N ALA B 105 7.20 36.17 -1.10
CA ALA B 105 7.97 35.00 -0.69
C ALA B 105 9.29 35.40 -0.05
N SER B 106 9.82 36.57 -0.40
CA SER B 106 11.06 37.05 0.18
C SER B 106 10.89 37.52 1.62
N LYS B 107 9.65 37.71 2.09
CA LYS B 107 9.44 38.09 3.48
C LYS B 107 9.53 36.92 4.45
N HIS B 108 9.60 35.70 3.94
CA HIS B 108 9.63 34.49 4.76
C HIS B 108 10.77 33.60 4.28
N PRO B 109 11.23 32.68 5.13
CA PRO B 109 12.36 31.81 4.72
C PRO B 109 12.06 31.09 3.42
N TYR B 110 13.07 31.05 2.54
CA TYR B 110 12.89 30.45 1.22
C TYR B 110 12.59 28.97 1.32
N TYR B 111 13.45 28.22 2.02
CA TYR B 111 13.32 26.77 2.04
C TYR B 111 12.13 26.28 2.85
N LYS B 112 11.44 27.17 3.57
CA LYS B 112 10.23 26.77 4.26
C LYS B 112 9.04 26.65 3.33
N TYR B 113 9.06 27.40 2.21
CA TYR B 113 7.91 27.46 1.32
C TYR B 113 8.25 27.24 -0.16
N ASN B 114 9.51 26.95 -0.49
CA ASN B 114 9.90 26.90 -1.90
C ASN B 114 9.23 25.74 -2.63
N GLN B 115 8.96 24.65 -1.93
CA GLN B 115 8.33 23.50 -2.57
C GLN B 115 6.92 23.81 -3.06
N ARG B 116 6.39 25.00 -2.76
CA ARG B 116 5.03 25.34 -3.16
C ARG B 116 4.98 26.02 -4.53
N TRP B 117 6.07 26.65 -4.96
CA TRP B 117 6.09 27.34 -6.25
C TRP B 117 7.12 26.78 -7.21
N THR B 118 7.93 25.80 -6.79
CA THR B 118 9.05 25.39 -7.62
C THR B 118 8.59 24.79 -8.95
N ARG B 119 7.45 24.09 -8.96
CA ARG B 119 6.96 23.52 -10.21
C ARG B 119 6.43 24.59 -11.14
N SER B 120 5.69 25.56 -10.61
CA SER B 120 5.19 26.65 -11.44
C SER B 120 6.35 27.49 -11.97
N MET B 121 7.37 27.74 -11.15
CA MET B 121 8.53 28.50 -11.61
C MET B 121 9.29 27.73 -12.68
N GLN B 122 9.38 26.40 -12.53
CA GLN B 122 9.99 25.59 -13.57
C GLN B 122 9.23 25.70 -14.88
N HIS B 123 7.90 25.64 -14.82
CA HIS B 123 7.08 25.77 -16.03
C HIS B 123 7.23 27.16 -16.66
N ALA B 124 7.36 28.19 -15.83
CA ALA B 124 7.53 29.55 -16.34
C ALA B 124 8.88 29.70 -17.05
N ILE B 125 9.95 29.26 -16.38
CA ILE B 125 11.26 29.18 -17.03
C ILE B 125 11.14 28.45 -18.36
N GLY B 126 10.35 27.37 -18.38
CA GLY B 126 10.19 26.62 -19.61
C GLY B 126 9.55 27.44 -20.72
N THR B 127 8.48 28.16 -20.39
CA THR B 127 7.82 28.99 -21.40
C THR B 127 8.78 30.04 -21.94
N ALA B 128 9.57 30.66 -21.06
CA ALA B 128 10.50 31.69 -21.52
C ALA B 128 11.59 31.10 -22.41
N ILE B 129 12.15 29.95 -22.02
CA ILE B 129 13.20 29.32 -22.81
C ILE B 129 12.65 28.86 -24.16
N TYR B 130 11.42 28.33 -24.18
CA TYR B 130 10.80 27.94 -25.44
C TYR B 130 10.58 29.15 -26.33
N CYS B 131 10.10 30.26 -25.75
CA CYS B 131 9.93 31.48 -26.53
C CYS B 131 11.24 31.92 -27.16
N ALA B 132 12.31 31.94 -26.37
CA ALA B 132 13.60 32.38 -26.91
C ALA B 132 14.15 31.40 -27.94
N TRP B 133 13.84 30.10 -27.81
CA TRP B 133 14.25 29.13 -28.81
C TRP B 133 13.59 29.41 -30.16
N LEU B 134 12.36 29.91 -30.14
CA LEU B 134 11.63 30.22 -31.37
C LEU B 134 11.97 31.59 -31.94
N GLY B 135 12.86 32.35 -31.30
CA GLY B 135 13.27 33.65 -31.78
C GLY B 135 12.95 34.81 -30.85
N GLY B 136 12.34 34.57 -29.69
CA GLY B 136 11.97 35.64 -28.80
C GLY B 136 13.08 36.08 -27.88
N PHE B 137 12.80 37.16 -27.14
CA PHE B 137 13.67 37.76 -26.14
C PHE B 137 15.13 37.85 -26.61
N PRO B 138 15.40 38.56 -27.70
CA PRO B 138 16.76 38.66 -28.21
C PRO B 138 17.57 39.70 -27.44
N SER B 139 18.88 39.70 -27.68
CA SER B 139 19.78 40.64 -27.02
C SER B 139 20.76 41.24 -28.02
N PRO B 149 12.59 36.99 -40.11
CA PRO B 149 12.41 36.34 -38.81
C PRO B 149 13.73 36.20 -38.03
N ALA B 150 13.63 35.80 -36.76
CA ALA B 150 14.79 35.73 -35.88
C ALA B 150 15.42 34.33 -35.92
N GLU B 151 16.44 34.13 -35.09
CA GLU B 151 17.25 32.93 -35.12
C GLU B 151 16.63 31.83 -34.28
N ILE B 152 16.45 30.66 -34.89
CA ILE B 152 15.87 29.49 -34.23
C ILE B 152 16.99 28.71 -33.55
N GLY B 153 16.77 28.33 -32.31
CA GLY B 153 17.69 27.47 -31.60
C GLY B 153 18.51 28.09 -30.48
N ARG B 154 18.14 29.28 -30.01
CA ARG B 154 18.88 29.92 -28.94
C ARG B 154 18.51 29.31 -27.58
N LEU B 155 19.50 29.09 -26.74
CA LEU B 155 19.31 28.59 -25.39
C LEU B 155 19.62 29.72 -24.41
N LEU B 156 18.60 30.14 -23.66
CA LEU B 156 18.81 31.15 -22.64
C LEU B 156 19.70 30.60 -21.52
N THR B 157 20.63 31.41 -21.06
CA THR B 157 21.34 31.08 -19.85
C THR B 157 20.43 31.30 -18.64
N LEU B 158 20.78 30.66 -17.53
CA LEU B 158 20.04 30.88 -16.29
C LEU B 158 20.02 32.36 -15.92
N GLU B 159 21.15 33.04 -16.13
CA GLU B 159 21.23 34.48 -15.88
C GLU B 159 20.26 35.26 -16.77
N GLU B 160 20.14 34.86 -18.04
CA GLU B 160 19.21 35.54 -18.94
C GLU B 160 17.77 35.30 -18.54
N VAL B 161 17.45 34.08 -18.09
CA VAL B 161 16.11 33.80 -17.59
C VAL B 161 15.80 34.68 -16.38
N GLY B 162 16.76 34.78 -15.47
CA GLY B 162 16.57 35.65 -14.31
C GLY B 162 16.38 37.10 -14.70
N THR B 163 17.12 37.55 -15.72
CA THR B 163 16.92 38.91 -16.23
C THR B 163 15.51 39.08 -16.78
N ILE B 164 15.01 38.09 -17.51
CA ILE B 164 13.66 38.18 -18.07
C ILE B 164 12.63 38.29 -16.95
N PHE B 165 12.75 37.44 -15.93
CA PHE B 165 11.75 37.44 -14.86
C PHE B 165 12.09 38.39 -13.72
N SER B 166 13.21 39.11 -13.80
CA SER B 166 13.61 40.09 -12.78
C SER B 166 13.72 39.46 -11.40
N VAL B 167 14.32 38.27 -11.35
CA VAL B 167 14.51 37.57 -10.08
C VAL B 167 15.93 37.02 -10.01
N PRO B 168 16.48 36.91 -8.81
CA PRO B 168 17.81 36.34 -8.66
C PRO B 168 17.84 34.88 -9.08
N THR B 169 19.03 34.41 -9.44
CA THR B 169 19.25 33.02 -9.83
C THR B 169 20.39 32.44 -9.02
N ASN B 170 20.16 31.25 -8.45
CA ASN B 170 21.20 30.51 -7.74
C ASN B 170 21.75 31.32 -6.56
N LEU B 171 20.84 31.68 -5.65
CA LEU B 171 21.23 32.42 -4.45
C LEU B 171 21.79 31.46 -3.41
N LYS B 172 23.06 31.65 -3.05
CA LYS B 172 23.73 30.80 -2.09
C LYS B 172 24.03 31.49 -0.76
N ASP B 173 24.13 32.81 -0.74
CA ASP B 173 24.46 33.55 0.47
C ASP B 173 23.35 34.51 0.90
N ARG B 174 22.12 34.28 0.43
CA ARG B 174 21.03 35.20 0.74
C ARG B 174 19.71 34.43 0.73
N ASP B 175 18.93 34.59 1.79
CA ASP B 175 17.60 34.00 1.85
C ASP B 175 16.62 34.95 1.17
N ALA B 176 16.34 34.68 -0.11
CA ALA B 176 15.42 35.50 -0.87
C ALA B 176 14.87 34.65 -2.01
N PHE B 177 13.68 35.03 -2.48
CA PHE B 177 13.05 34.32 -3.59
C PHE B 177 13.96 34.36 -4.81
N HIS B 178 14.19 33.20 -5.42
CA HIS B 178 15.14 33.10 -6.53
C HIS B 178 14.78 31.89 -7.38
N ILE B 179 15.50 31.75 -8.49
CA ILE B 179 15.35 30.65 -9.42
C ILE B 179 16.56 29.73 -9.26
N THR B 180 16.30 28.42 -9.20
CA THR B 180 17.34 27.44 -8.94
C THR B 180 17.83 26.79 -10.24
N ILE B 181 19.06 26.29 -10.21
CA ILE B 181 19.61 25.56 -11.35
C ILE B 181 18.77 24.33 -11.64
N GLU B 182 18.23 23.70 -10.60
CA GLU B 182 17.42 22.50 -10.77
C GLU B 182 16.14 22.79 -11.53
N GLU B 183 15.46 23.89 -11.21
CA GLU B 183 14.28 24.28 -11.95
C GLU B 183 14.60 24.49 -13.43
N TYR B 184 15.72 25.16 -13.70
CA TYR B 184 16.13 25.46 -15.07
C TYR B 184 16.43 24.19 -15.85
N LEU B 185 17.17 23.25 -15.24
CA LEU B 185 17.51 22.01 -15.92
C LEU B 185 16.27 21.14 -16.14
N LEU B 186 15.33 21.15 -15.19
CA LEU B 186 14.11 20.37 -15.37
C LEU B 186 13.25 20.97 -16.48
N SER B 187 13.21 22.30 -16.58
CA SER B 187 12.52 22.95 -17.68
C SER B 187 13.18 22.61 -19.01
N LEU B 188 14.51 22.48 -19.03
CA LEU B 188 15.18 22.06 -20.25
C LEU B 188 14.82 20.63 -20.63
N VAL B 189 14.72 19.75 -19.62
CA VAL B 189 14.30 18.37 -19.86
C VAL B 189 12.90 18.35 -20.47
N ASP B 190 12.00 19.21 -19.99
CA ASP B 190 10.69 19.32 -20.61
C ASP B 190 10.77 19.89 -22.03
N LEU B 191 11.68 20.84 -22.25
CA LEU B 191 11.82 21.44 -23.56
C LEU B 191 12.25 20.43 -24.61
N THR B 192 13.09 19.46 -24.24
CA THR B 192 13.48 18.45 -25.21
C THR B 192 12.27 17.66 -25.72
N GLN B 193 11.34 17.31 -24.82
CA GLN B 193 10.14 16.60 -25.24
C GLN B 193 9.24 17.48 -26.11
N ASP B 194 9.07 18.75 -25.70
CA ASP B 194 8.28 19.67 -26.51
C ASP B 194 8.87 19.82 -27.90
N LEU B 195 10.21 19.85 -28.01
CA LEU B 195 10.86 20.02 -29.29
C LEU B 195 10.79 18.77 -30.15
N SER B 196 10.82 17.58 -29.53
CA SER B 196 10.60 16.35 -30.28
C SER B 196 9.20 16.35 -30.91
N ARG B 197 8.18 16.71 -30.11
CA ARG B 197 6.84 16.87 -30.66
C ARG B 197 6.83 17.89 -31.80
N LEU B 198 7.54 19.01 -31.61
CA LEU B 198 7.61 20.05 -32.65
C LEU B 198 8.21 19.51 -33.93
N ALA B 199 9.25 18.68 -33.85
CA ALA B 199 9.87 18.14 -35.05
C ALA B 199 8.92 17.22 -35.81
N THR B 200 8.21 16.37 -35.07
CA THR B 200 7.17 15.53 -35.70
C THR B 200 6.17 16.39 -36.47
N ASN B 201 5.60 17.40 -35.80
CA ASN B 201 4.60 18.23 -36.46
C ASN B 201 5.20 19.12 -37.53
N SER B 202 6.49 19.44 -37.47
CA SER B 202 7.15 20.18 -38.53
C SER B 202 7.20 19.36 -39.81
N VAL B 203 7.59 18.09 -39.69
CA VAL B 203 7.52 17.22 -40.86
C VAL B 203 6.09 17.18 -41.39
N THR B 204 5.10 17.14 -40.50
CA THR B 204 3.72 17.19 -40.97
C THR B 204 3.42 18.47 -41.75
N LEU B 205 3.94 19.61 -41.28
CA LEU B 205 3.66 20.89 -41.91
C LEU B 205 4.51 21.17 -43.15
N GLY B 206 5.47 20.30 -43.48
CA GLY B 206 6.31 20.48 -44.64
C GLY B 206 7.67 21.07 -44.35
N ASP B 207 7.91 21.56 -43.14
CA ASP B 207 9.20 22.11 -42.75
C ASP B 207 10.15 20.95 -42.44
N PHE B 208 10.95 20.56 -43.43
CA PHE B 208 11.89 19.46 -43.26
C PHE B 208 13.24 19.90 -42.69
N GLN B 209 13.46 21.20 -42.55
CA GLN B 209 14.73 21.68 -42.02
C GLN B 209 14.72 21.84 -40.51
N LEU B 210 13.57 22.25 -39.95
CA LEU B 210 13.48 22.40 -38.50
C LEU B 210 13.79 21.12 -37.73
N PRO B 211 13.38 19.92 -38.18
CA PRO B 211 13.82 18.71 -37.47
C PRO B 211 15.33 18.60 -37.33
N LEU B 212 16.10 19.14 -38.29
CA LEU B 212 17.56 19.05 -38.18
C LEU B 212 18.08 19.98 -37.08
N THR B 213 17.56 21.21 -37.03
CA THR B 213 17.91 22.11 -35.94
C THR B 213 17.55 21.51 -34.59
N ILE B 214 16.35 20.90 -34.50
CA ILE B 214 15.93 20.27 -33.25
C ILE B 214 16.84 19.10 -32.90
N SER B 215 17.27 18.33 -33.90
CA SER B 215 18.18 17.21 -33.64
C SER B 215 19.49 17.70 -33.06
N ALA B 216 20.09 18.71 -33.70
CA ALA B 216 21.31 19.30 -33.18
C ALA B 216 21.12 19.78 -31.74
N PHE B 217 20.02 20.49 -31.48
CA PHE B 217 19.77 21.05 -30.17
C PHE B 217 19.63 19.95 -29.10
N VAL B 218 18.77 18.96 -29.37
CA VAL B 218 18.49 17.91 -28.40
C VAL B 218 19.74 17.07 -28.15
N LYS B 219 20.53 16.81 -29.20
CA LYS B 219 21.75 16.03 -29.02
C LYS B 219 22.79 16.78 -28.20
N ASP B 220 22.97 18.08 -28.47
CA ASP B 220 23.91 18.86 -27.67
C ASP B 220 23.44 18.97 -26.22
N LEU B 221 22.12 19.10 -26.01
CA LEU B 221 21.60 19.18 -24.64
C LEU B 221 21.78 17.86 -23.91
N PHE B 222 21.59 16.73 -24.60
CA PHE B 222 21.83 15.44 -23.96
C PHE B 222 23.31 15.25 -23.66
N ALA B 223 24.19 15.76 -24.53
CA ALA B 223 25.62 15.70 -24.24
C ALA B 223 25.96 16.51 -22.99
N GLY B 224 25.41 17.72 -22.89
CA GLY B 224 25.63 18.53 -21.70
C GLY B 224 25.08 17.88 -20.45
N PHE B 225 23.95 17.19 -20.58
CA PHE B 225 23.38 16.46 -19.44
C PHE B 225 24.28 15.30 -19.03
N GLN B 226 24.83 14.57 -20.01
CA GLN B 226 25.74 13.47 -19.71
C GLN B 226 27.00 13.96 -19.02
N LEU B 227 27.54 15.10 -19.45
CA LEU B 227 28.69 15.67 -18.76
C LEU B 227 28.32 16.19 -17.37
N LEU B 228 27.05 16.50 -17.14
CA LEU B 228 26.62 16.96 -15.83
C LEU B 228 26.53 15.79 -14.86
N ASN B 229 27.08 15.98 -13.66
CA ASN B 229 26.92 15.02 -12.57
C ASN B 229 25.77 15.52 -11.69
N LEU B 230 24.69 14.75 -11.64
CA LEU B 230 23.49 15.11 -10.89
C LEU B 230 23.34 14.15 -9.72
N LYS B 231 23.59 14.65 -8.51
CA LYS B 231 23.41 13.83 -7.32
C LYS B 231 21.95 13.36 -7.17
N ASN B 232 21.00 14.22 -7.51
CA ASN B 232 19.61 13.98 -7.20
C ASN B 232 19.05 12.98 -8.19
N ASP B 233 18.69 11.79 -7.70
CA ASP B 233 18.27 10.71 -8.57
C ASP B 233 17.02 11.05 -9.35
N ILE B 234 16.21 12.00 -8.88
CA ILE B 234 15.07 12.45 -9.66
C ILE B 234 15.53 13.27 -10.86
N ILE B 235 16.43 14.23 -10.64
CA ILE B 235 16.98 15.01 -11.75
C ILE B 235 17.81 14.11 -12.66
N ARG B 236 18.55 13.16 -12.10
CA ARG B 236 19.35 12.26 -12.91
C ARG B 236 18.46 11.37 -13.77
N LYS B 237 17.36 10.88 -13.22
CA LYS B 237 16.42 10.08 -14.00
C LYS B 237 15.76 10.90 -15.09
N ARG B 238 15.33 12.12 -14.76
CA ARG B 238 14.68 12.97 -15.76
C ARG B 238 15.67 13.38 -16.85
N ALA B 239 16.95 13.52 -16.52
CA ALA B 239 17.94 13.87 -17.52
C ALA B 239 18.28 12.67 -18.40
N ASP B 240 18.28 11.46 -17.83
CA ASP B 240 18.45 10.28 -18.66
C ASP B 240 17.24 10.04 -19.56
N SER B 241 16.07 10.54 -19.15
CA SER B 241 14.87 10.42 -19.99
C SER B 241 14.99 11.18 -21.31
N VAL B 242 15.96 12.08 -21.44
CA VAL B 242 16.16 12.82 -22.68
C VAL B 242 16.64 11.91 -23.80
N LYS B 243 17.16 10.72 -23.46
CA LYS B 243 17.62 9.79 -24.48
C LYS B 243 16.48 9.36 -25.41
N TYR B 244 15.27 9.24 -24.90
CA TYR B 244 14.15 8.86 -25.75
C TYR B 244 13.84 9.96 -26.77
N GLU B 245 13.92 11.22 -26.35
CA GLU B 245 13.70 12.33 -27.28
C GLU B 245 14.81 12.39 -28.31
N VAL B 246 16.07 12.17 -27.88
CA VAL B 246 17.18 12.08 -28.83
C VAL B 246 16.88 11.03 -29.89
N LYS B 247 16.43 9.86 -29.44
CA LYS B 247 16.12 8.77 -30.38
C LYS B 247 15.00 9.17 -31.32
N ARG B 248 13.95 9.82 -30.82
CA ARG B 248 12.82 10.17 -31.68
C ARG B 248 13.24 11.18 -32.75
N VAL B 249 14.02 12.19 -32.37
CA VAL B 249 14.42 13.20 -33.35
C VAL B 249 15.41 12.59 -34.35
N GLU B 250 16.30 11.71 -33.88
CA GLU B 250 17.20 11.04 -34.81
C GLU B 250 16.43 10.15 -35.79
N ASP B 251 15.35 9.53 -35.32
CA ASP B 251 14.50 8.73 -36.20
C ASP B 251 13.81 9.60 -37.24
N ILE B 252 13.35 10.79 -36.82
CA ILE B 252 12.72 11.72 -37.77
C ILE B 252 13.72 12.11 -38.86
N VAL B 253 14.93 12.47 -38.45
CA VAL B 253 15.95 12.87 -39.43
C VAL B 253 16.31 11.69 -40.33
N TYR B 254 16.33 10.48 -39.77
CA TYR B 254 16.53 9.29 -40.58
C TYR B 254 15.44 9.16 -41.64
N ASP B 255 14.19 9.28 -41.23
CA ASP B 255 13.08 9.18 -42.17
C ASP B 255 13.20 10.20 -43.29
N LEU B 256 13.58 11.43 -42.93
CA LEU B 256 13.70 12.47 -43.95
C LEU B 256 14.88 12.21 -44.88
N SER B 257 15.99 11.70 -44.35
CA SER B 257 17.16 11.44 -45.18
C SER B 257 16.92 10.27 -46.12
N LEU B 258 16.22 9.24 -45.64
CA LEU B 258 15.89 8.09 -46.47
C LEU B 258 15.12 8.51 -47.72
N ARG B 259 14.23 9.49 -47.57
CA ARG B 259 13.34 9.89 -48.65
C ARG B 259 13.92 11.02 -49.49
N GLY B 260 15.19 11.37 -49.31
CA GLY B 260 15.80 12.43 -50.08
C GLY B 260 15.19 13.81 -49.83
N LEU B 261 14.69 14.04 -48.63
CA LEU B 261 14.15 15.34 -48.24
C LEU B 261 15.17 16.18 -47.48
N ILE B 262 16.42 15.72 -47.42
CA ILE B 262 17.48 16.40 -46.68
C ILE B 262 18.78 16.37 -47.50
N LEU C 28 29.74 -15.61 -34.08
CA LEU C 28 28.96 -15.61 -32.84
C LEU C 28 29.68 -14.79 -31.77
N LEU C 29 29.73 -15.32 -30.55
CA LEU C 29 30.43 -14.65 -29.47
C LEU C 29 31.66 -15.45 -29.04
N ASP C 30 31.45 -16.55 -28.30
CA ASP C 30 32.52 -17.47 -27.94
C ASP C 30 31.95 -18.69 -27.24
N PRO C 31 32.26 -19.90 -27.71
CA PRO C 31 31.81 -21.12 -27.01
C PRO C 31 32.33 -21.21 -25.59
N SER C 32 33.44 -20.55 -25.28
CA SER C 32 33.93 -20.52 -23.91
C SER C 32 32.89 -19.94 -22.96
N ILE C 33 32.14 -18.94 -23.41
CA ILE C 33 31.08 -18.35 -22.58
C ILE C 33 30.04 -19.41 -22.26
N PHE C 34 29.56 -20.14 -23.28
CA PHE C 34 28.59 -21.20 -23.06
C PHE C 34 29.11 -22.23 -22.06
N ALA C 35 30.32 -22.73 -22.29
CA ALA C 35 30.86 -23.79 -21.45
C ALA C 35 31.03 -23.33 -20.01
N SER C 36 31.63 -22.15 -19.82
CA SER C 36 31.86 -21.63 -18.47
C SER C 36 30.55 -21.38 -17.75
N LEU C 37 29.54 -20.86 -18.47
CA LEU C 37 28.26 -20.58 -17.82
C LEU C 37 27.56 -21.88 -17.42
N GLU C 38 27.61 -22.91 -18.27
CA GLU C 38 26.99 -24.17 -17.89
C GLU C 38 27.71 -24.82 -16.71
N ALA C 39 29.04 -24.75 -16.69
CA ALA C 39 29.79 -25.29 -15.55
C ALA C 39 29.46 -24.54 -14.27
N LYS C 40 29.40 -23.21 -14.34
CA LYS C 40 29.04 -22.40 -13.18
C LYS C 40 27.65 -22.76 -12.67
N LEU C 41 26.69 -22.93 -13.59
CA LEU C 41 25.34 -23.29 -13.17
C LEU C 41 25.30 -24.65 -12.49
N GLU C 42 26.01 -25.64 -13.07
CA GLU C 42 26.05 -26.97 -12.45
C GLU C 42 26.64 -26.90 -11.06
N GLU C 43 27.77 -26.21 -10.91
CA GLU C 43 28.42 -26.13 -9.59
C GLU C 43 27.53 -25.42 -8.59
N GLU C 44 26.90 -24.32 -9.00
CA GLU C 44 26.05 -23.57 -8.07
C GLU C 44 24.84 -24.40 -7.65
N THR C 45 24.26 -25.17 -8.58
CA THR C 45 23.15 -26.04 -8.21
C THR C 45 23.59 -27.13 -7.23
N GLN C 46 24.76 -27.72 -7.46
CA GLN C 46 25.26 -28.73 -6.53
C GLN C 46 25.49 -28.14 -5.13
N ILE C 47 26.10 -26.96 -5.06
CA ILE C 47 26.33 -26.31 -3.77
C ILE C 47 25.00 -25.98 -3.10
N ARG C 48 24.04 -25.45 -3.87
CA ARG C 48 22.72 -25.15 -3.31
C ARG C 48 22.08 -26.39 -2.71
N ASP C 49 22.15 -27.51 -3.43
CA ASP C 49 21.49 -28.73 -2.97
C ASP C 49 22.15 -29.27 -1.70
N THR C 50 23.48 -29.32 -1.68
CA THR C 50 24.16 -29.82 -0.48
C THR C 50 23.91 -28.90 0.71
N LEU C 51 23.98 -27.59 0.50
CA LEU C 51 23.71 -26.64 1.57
C LEU C 51 22.28 -26.78 2.07
N SER C 52 21.34 -27.03 1.17
CA SER C 52 19.94 -27.13 1.59
C SER C 52 19.72 -28.41 2.39
N GLN C 53 20.35 -29.52 2.00
CA GLN C 53 20.29 -30.73 2.81
C GLN C 53 20.85 -30.47 4.21
N LEU C 54 22.02 -29.83 4.27
CA LEU C 54 22.64 -29.55 5.56
C LEU C 54 21.76 -28.64 6.41
N ILE C 55 21.16 -27.62 5.79
CA ILE C 55 20.33 -26.68 6.53
C ILE C 55 19.04 -27.34 7.01
N GLN C 56 18.49 -28.26 6.20
CA GLN C 56 17.31 -28.99 6.64
C GLN C 56 17.62 -29.88 7.84
N ARG C 57 18.77 -30.56 7.81
CA ARG C 57 19.16 -31.37 8.96
C ARG C 57 19.39 -30.50 10.20
N LEU C 58 20.04 -29.35 10.02
CA LEU C 58 20.24 -28.44 11.14
C LEU C 58 18.92 -27.92 11.68
N ASP C 59 17.96 -27.66 10.79
CA ASP C 59 16.65 -27.17 11.22
C ASP C 59 15.91 -28.23 12.02
N ARG C 60 16.03 -29.51 11.61
CA ARG C 60 15.44 -30.58 12.39
C ARG C 60 16.09 -30.71 13.76
N ALA C 61 17.42 -30.59 13.83
CA ALA C 61 18.09 -30.64 15.13
C ALA C 61 17.70 -29.46 16.01
N VAL C 62 17.56 -28.28 15.42
CA VAL C 62 17.13 -27.11 16.17
C VAL C 62 15.70 -27.29 16.64
N ALA C 63 14.85 -27.95 15.84
CA ALA C 63 13.49 -28.24 16.27
C ALA C 63 13.50 -29.23 17.43
N THR C 64 14.38 -30.22 17.41
CA THR C 64 14.52 -31.14 18.53
C THR C 64 14.90 -30.38 19.81
N ALA C 65 15.92 -29.53 19.72
CA ALA C 65 16.34 -28.76 20.88
C ALA C 65 15.25 -27.81 21.35
N GLN C 66 14.48 -27.26 20.41
CA GLN C 66 13.40 -26.33 20.76
C GLN C 66 12.27 -27.05 21.47
N GLY C 67 11.90 -28.24 20.98
CA GLY C 67 10.89 -29.02 21.67
C GLY C 67 11.33 -29.46 23.05
N LEU C 68 12.62 -29.79 23.20
CA LEU C 68 13.14 -30.11 24.52
C LEU C 68 13.10 -28.91 25.45
N LEU C 69 13.47 -27.73 24.94
CA LEU C 69 13.44 -26.51 25.74
C LEU C 69 12.02 -26.10 26.11
N SER C 70 11.04 -26.44 25.25
CA SER C 70 9.66 -26.10 25.52
C SER C 70 9.14 -26.75 26.80
N ARG C 71 9.76 -27.84 27.24
CA ARG C 71 9.37 -28.50 28.47
C ARG C 71 9.64 -27.67 29.71
N VAL C 72 10.41 -26.57 29.59
CA VAL C 72 10.63 -25.69 30.72
C VAL C 72 9.34 -25.00 31.15
N HIS C 73 8.36 -24.92 30.25
CA HIS C 73 7.03 -24.40 30.57
C HIS C 73 6.19 -25.41 31.34
N SER C 74 6.69 -26.62 31.57
CA SER C 74 5.96 -27.64 32.30
C SER C 74 6.85 -28.42 33.26
N THR C 75 8.00 -27.85 33.65
CA THR C 75 8.95 -28.54 34.51
C THR C 75 9.32 -27.62 35.67
N PRO C 76 9.22 -28.09 36.91
CA PRO C 76 9.67 -27.29 38.04
C PRO C 76 11.18 -27.12 38.02
N ARG C 77 11.65 -26.08 38.71
CA ARG C 77 13.08 -25.80 38.75
C ARG C 77 13.85 -26.96 39.36
N SER C 78 13.26 -27.66 40.33
CA SER C 78 13.94 -28.80 40.95
C SER C 78 14.29 -29.88 39.94
N ARG C 79 13.49 -30.02 38.88
CA ARG C 79 13.74 -30.99 37.83
C ARG C 79 14.45 -30.38 36.62
N TYR C 80 15.13 -29.24 36.80
CA TYR C 80 15.82 -28.58 35.70
C TYR C 80 17.08 -29.30 35.21
N PRO C 81 17.95 -29.85 36.09
CA PRO C 81 19.20 -30.48 35.60
C PRO C 81 18.97 -31.50 34.51
N GLN C 82 18.13 -32.51 34.77
CA GLN C 82 17.88 -33.56 33.78
C GLN C 82 17.52 -32.96 32.41
N LEU C 83 16.46 -32.16 32.37
CA LEU C 83 16.10 -31.46 31.14
C LEU C 83 17.31 -30.79 30.51
N VAL C 84 18.04 -30.00 31.30
CA VAL C 84 19.23 -29.32 30.80
C VAL C 84 20.13 -30.30 30.06
N SER C 85 20.49 -31.40 30.72
CA SER C 85 21.37 -32.38 30.08
C SER C 85 20.80 -32.81 28.74
N GLN C 86 19.52 -33.18 28.72
CA GLN C 86 18.89 -33.56 27.47
C GLN C 86 19.04 -32.45 26.43
N VAL C 87 18.66 -31.23 26.80
CA VAL C 87 18.81 -30.10 25.87
C VAL C 87 20.25 -29.99 25.42
N GLU C 88 21.20 -30.13 26.36
CA GLU C 88 22.61 -30.09 26.00
C GLU C 88 22.90 -31.06 24.87
N ALA C 89 22.48 -32.32 25.03
CA ALA C 89 22.69 -33.32 23.99
C ALA C 89 22.15 -32.82 22.65
N ALA C 90 20.91 -32.30 22.66
CA ALA C 90 20.32 -31.78 21.43
C ALA C 90 21.23 -30.73 20.81
N VAL C 91 21.68 -29.77 21.62
CA VAL C 91 22.56 -28.72 21.11
C VAL C 91 23.81 -29.33 20.50
N LYS C 92 24.39 -30.32 21.18
CA LYS C 92 25.56 -30.99 20.66
C LYS C 92 25.27 -31.60 19.28
N GLU C 93 24.10 -32.23 19.15
CA GLU C 93 23.67 -32.72 17.83
C GLU C 93 23.75 -31.62 16.79
N GLU C 94 23.15 -30.46 17.11
CA GLU C 94 23.26 -29.29 16.24
C GLU C 94 24.70 -29.08 15.80
N ALA C 95 25.62 -28.99 16.78
CA ALA C 95 27.01 -28.71 16.48
C ALA C 95 27.54 -29.65 15.42
N ALA C 96 27.25 -30.95 15.56
CA ALA C 96 27.69 -31.93 14.58
C ALA C 96 27.31 -31.52 13.17
N ILE C 97 26.01 -31.30 12.95
CA ILE C 97 25.55 -30.85 11.63
C ILE C 97 26.24 -29.55 11.25
N ILE C 98 26.32 -28.61 12.20
CA ILE C 98 27.00 -27.35 11.92
C ILE C 98 28.42 -27.61 11.47
N SER C 99 29.12 -28.53 12.15
CA SER C 99 30.46 -28.91 11.74
C SER C 99 30.47 -29.27 10.26
N GLU C 100 29.56 -30.15 9.84
CA GLU C 100 29.49 -30.53 8.44
C GLU C 100 29.24 -29.30 7.56
N LEU C 101 28.28 -28.46 7.96
CA LEU C 101 28.06 -27.19 7.26
C LEU C 101 29.36 -26.41 7.16
N ASP C 102 30.07 -26.29 8.30
CA ASP C 102 31.31 -25.54 8.33
C ASP C 102 32.31 -26.09 7.32
N THR C 103 32.31 -27.40 7.09
CA THR C 103 33.26 -27.97 6.14
C THR C 103 32.88 -27.63 4.72
N VAL C 104 31.59 -27.60 4.41
CA VAL C 104 31.15 -27.32 3.04
C VAL C 104 31.17 -25.83 2.77
N ALA C 105 30.53 -25.05 3.64
CA ALA C 105 30.41 -23.62 3.43
C ALA C 105 31.77 -22.94 3.32
N SER C 106 32.79 -23.48 3.99
CA SER C 106 34.11 -22.88 3.96
C SER C 106 34.86 -23.12 2.65
N LYS C 107 34.33 -23.97 1.77
CA LYS C 107 34.98 -24.20 0.48
C LYS C 107 34.59 -23.16 -0.56
N HIS C 108 33.51 -22.42 -0.33
CA HIS C 108 33.00 -21.41 -1.23
C HIS C 108 32.87 -20.09 -0.48
N PRO C 109 32.81 -18.97 -1.20
CA PRO C 109 32.84 -17.66 -0.52
C PRO C 109 31.68 -17.48 0.45
N TYR C 110 32.02 -17.08 1.67
CA TYR C 110 31.04 -16.44 2.54
C TYR C 110 30.62 -15.13 1.88
N TYR C 111 29.39 -14.71 2.15
CA TYR C 111 28.69 -13.58 1.52
C TYR C 111 28.17 -13.95 0.14
N LYS C 112 28.38 -15.18 -0.32
CA LYS C 112 27.68 -15.69 -1.50
C LYS C 112 26.63 -16.71 -1.16
N TYR C 113 26.71 -17.34 0.02
CA TYR C 113 25.75 -18.35 0.44
C TYR C 113 25.29 -18.17 1.88
N ASN C 114 25.76 -17.14 2.59
CA ASN C 114 25.49 -17.05 4.02
C ASN C 114 24.02 -16.76 4.30
N GLN C 115 23.32 -16.15 3.35
CA GLN C 115 21.89 -15.87 3.54
C GLN C 115 21.08 -17.15 3.66
N ARG C 116 21.61 -18.28 3.19
CA ARG C 116 20.87 -19.53 3.24
C ARG C 116 20.85 -20.08 4.66
N TRP C 117 21.94 -19.93 5.42
CA TRP C 117 22.05 -20.55 6.72
C TRP C 117 22.01 -19.56 7.88
N THR C 118 21.96 -18.25 7.61
CA THR C 118 22.05 -17.29 8.70
C THR C 118 20.89 -17.44 9.69
N ARG C 119 19.68 -17.70 9.19
CA ARG C 119 18.52 -17.83 10.07
C ARG C 119 18.63 -19.07 10.94
N SER C 120 18.96 -20.21 10.31
CA SER C 120 19.08 -21.46 11.05
C SER C 120 20.20 -21.38 12.08
N MET C 121 21.31 -20.73 11.72
CA MET C 121 22.40 -20.57 12.68
C MET C 121 21.98 -19.67 13.84
N GLN C 122 21.22 -18.62 13.55
CA GLN C 122 20.69 -17.78 14.62
C GLN C 122 19.82 -18.59 15.56
N HIS C 123 18.99 -19.48 15.02
CA HIS C 123 18.13 -20.31 15.85
C HIS C 123 18.95 -21.29 16.70
N ALA C 124 19.98 -21.90 16.12
CA ALA C 124 20.82 -22.82 16.89
C ALA C 124 21.56 -22.09 18.00
N ILE C 125 22.11 -20.91 17.69
CA ILE C 125 22.73 -20.08 18.72
C ILE C 125 21.73 -19.78 19.82
N GLY C 126 20.49 -19.48 19.45
CA GLY C 126 19.46 -19.22 20.44
C GLY C 126 19.21 -20.41 21.35
N THR C 127 19.16 -21.61 20.77
CA THR C 127 18.96 -22.80 21.59
C THR C 127 20.13 -23.01 22.56
N ALA C 128 21.36 -22.79 22.10
CA ALA C 128 22.52 -22.93 22.98
C ALA C 128 22.47 -21.91 24.12
N ILE C 129 22.16 -20.65 23.79
CA ILE C 129 22.12 -19.61 24.82
C ILE C 129 20.99 -19.88 25.81
N TYR C 130 19.84 -20.35 25.32
CA TYR C 130 18.73 -20.71 26.19
C TYR C 130 19.13 -21.85 27.12
N CYS C 131 19.80 -22.87 26.59
CA CYS C 131 20.28 -23.98 27.40
C CYS C 131 21.18 -23.48 28.52
N ALA C 132 22.15 -22.63 28.17
CA ALA C 132 23.07 -22.13 29.19
C ALA C 132 22.37 -21.23 30.20
N TRP C 133 21.33 -20.51 29.76
CA TRP C 133 20.53 -19.72 30.70
C TRP C 133 19.86 -20.60 31.73
N LEU C 134 19.51 -21.83 31.36
CA LEU C 134 18.92 -22.78 32.28
C LEU C 134 19.97 -23.54 33.08
N GLY C 135 21.25 -23.23 32.92
CA GLY C 135 22.32 -23.86 33.68
C GLY C 135 23.28 -24.71 32.86
N GLY C 136 23.05 -24.94 31.57
CA GLY C 136 23.89 -25.83 30.80
C GLY C 136 25.18 -25.20 30.32
N PHE C 137 26.06 -26.06 29.83
CA PHE C 137 27.36 -25.66 29.30
C PHE C 137 28.13 -24.72 30.24
N PRO C 138 28.43 -25.17 31.46
CA PRO C 138 29.08 -24.28 32.44
C PRO C 138 30.59 -24.25 32.28
N SER C 139 31.19 -23.28 32.96
CA SER C 139 32.65 -23.12 33.01
C SER C 139 33.29 -23.07 31.62
N ILE C 152 20.99 -20.35 37.04
CA ILE C 152 19.94 -19.80 36.18
C ILE C 152 20.20 -18.33 35.91
N GLY C 153 20.26 -17.96 34.64
CA GLY C 153 20.42 -16.58 34.23
C GLY C 153 21.75 -16.22 33.59
N ARG C 154 22.51 -17.20 33.09
CA ARG C 154 23.82 -16.94 32.51
C ARG C 154 23.67 -16.58 31.03
N LEU C 155 24.45 -15.60 30.60
CA LEU C 155 24.44 -15.14 29.22
C LEU C 155 25.76 -15.57 28.57
N LEU C 156 25.69 -16.51 27.64
CA LEU C 156 26.87 -16.93 26.90
C LEU C 156 27.41 -15.78 26.05
N THR C 157 28.70 -15.52 26.18
CA THR C 157 29.33 -14.58 25.26
C THR C 157 29.34 -15.17 23.86
N LEU C 158 29.49 -14.29 22.86
CA LEU C 158 29.61 -14.74 21.47
C LEU C 158 30.76 -15.74 21.33
N GLU C 159 31.86 -15.48 22.03
CA GLU C 159 33.01 -16.37 21.99
C GLU C 159 32.66 -17.74 22.59
N GLU C 160 31.84 -17.76 23.64
CA GLU C 160 31.44 -19.02 24.25
C GLU C 160 30.52 -19.81 23.31
N VAL C 161 29.64 -19.11 22.59
CA VAL C 161 28.81 -19.78 21.59
C VAL C 161 29.68 -20.39 20.50
N GLY C 162 30.68 -19.64 20.03
CA GLY C 162 31.61 -20.18 19.05
C GLY C 162 32.35 -21.39 19.56
N THR C 163 32.77 -21.36 20.84
CA THR C 163 33.40 -22.52 21.45
C THR C 163 32.48 -23.72 21.43
N ILE C 164 31.21 -23.52 21.78
CA ILE C 164 30.26 -24.63 21.82
C ILE C 164 30.07 -25.22 20.43
N PHE C 165 29.94 -24.38 19.42
CA PHE C 165 29.73 -24.89 18.07
C PHE C 165 31.01 -25.08 17.27
N SER C 166 32.17 -24.81 17.87
CA SER C 166 33.47 -25.02 17.23
C SER C 166 33.58 -24.26 15.90
N VAL C 167 33.08 -23.03 15.90
CA VAL C 167 33.12 -22.19 14.70
C VAL C 167 33.67 -20.81 15.09
N PRO C 168 34.36 -20.13 14.17
CA PRO C 168 34.81 -18.77 14.47
C PRO C 168 33.64 -17.80 14.63
N THR C 169 33.91 -16.72 15.35
CA THR C 169 32.94 -15.66 15.58
C THR C 169 33.54 -14.33 15.15
N ASN C 170 32.72 -13.51 14.47
CA ASN C 170 33.12 -12.17 14.05
C ASN C 170 34.38 -12.22 13.18
N LEU C 171 34.36 -13.13 12.20
CA LEU C 171 35.55 -13.39 11.39
C LEU C 171 35.80 -12.23 10.45
N LYS C 172 36.98 -11.63 10.54
CA LYS C 172 37.40 -10.55 9.67
C LYS C 172 38.74 -10.90 9.04
N ASP C 173 38.93 -10.43 7.79
CA ASP C 173 40.15 -10.69 7.03
C ASP C 173 40.39 -12.17 6.78
N ARG C 174 39.32 -12.96 6.70
CA ARG C 174 39.45 -14.39 6.46
C ARG C 174 38.08 -14.93 6.04
N ASP C 175 37.98 -15.46 4.83
CA ASP C 175 36.72 -16.00 4.32
C ASP C 175 36.58 -17.44 4.78
N ALA C 176 35.66 -17.68 5.70
CA ALA C 176 35.36 -19.01 6.20
C ALA C 176 34.01 -18.96 6.91
N PHE C 177 33.38 -20.14 7.03
CA PHE C 177 32.12 -20.22 7.76
C PHE C 177 32.33 -19.79 9.19
N HIS C 178 31.49 -18.86 9.66
CA HIS C 178 31.61 -18.33 11.01
C HIS C 178 30.26 -17.85 11.48
N ILE C 179 30.21 -17.41 12.74
CA ILE C 179 29.00 -16.90 13.38
C ILE C 179 29.16 -15.40 13.53
N THR C 180 28.10 -14.66 13.22
CA THR C 180 28.14 -13.20 13.21
C THR C 180 27.55 -12.63 14.50
N ILE C 181 27.99 -11.41 14.82
CA ILE C 181 27.42 -10.67 15.95
C ILE C 181 25.92 -10.47 15.75
N GLU C 182 25.51 -10.24 14.50
CA GLU C 182 24.10 -10.00 14.21
C GLU C 182 23.26 -11.23 14.52
N GLU C 183 23.76 -12.42 14.14
CA GLU C 183 23.06 -13.66 14.48
C GLU C 183 22.90 -13.81 15.98
N TYR C 184 23.96 -13.48 16.73
CA TYR C 184 23.94 -13.59 18.18
C TYR C 184 22.89 -12.65 18.79
N LEU C 185 22.87 -11.40 18.32
CA LEU C 185 21.93 -10.43 18.88
C LEU C 185 20.49 -10.76 18.49
N LEU C 186 20.28 -11.30 17.29
CA LEU C 186 18.93 -11.70 16.89
C LEU C 186 18.46 -12.90 17.70
N SER C 187 19.36 -13.85 17.97
CA SER C 187 19.01 -14.96 18.85
C SER C 187 18.65 -14.46 20.24
N LEU C 188 19.34 -13.42 20.72
CA LEU C 188 19.00 -12.84 22.02
C LEU C 188 17.59 -12.21 21.98
N VAL C 189 17.28 -11.52 20.88
CA VAL C 189 15.95 -10.95 20.70
C VAL C 189 14.88 -12.04 20.80
N ASP C 190 15.13 -13.18 20.16
CA ASP C 190 14.19 -14.30 20.25
C ASP C 190 14.09 -14.84 21.68
N LEU C 191 15.25 -14.93 22.36
CA LEU C 191 15.30 -15.47 23.70
C LEU C 191 14.46 -14.63 24.67
N THR C 192 14.43 -13.31 24.46
CA THR C 192 13.62 -12.46 25.35
C THR C 192 12.14 -12.84 25.27
N GLN C 193 11.62 -13.07 24.07
CA GLN C 193 10.22 -13.48 23.91
C GLN C 193 9.97 -14.84 24.56
N ASP C 194 10.89 -15.79 24.31
CA ASP C 194 10.74 -17.11 24.92
C ASP C 194 10.75 -17.01 26.45
N LEU C 195 11.57 -16.11 27.00
CA LEU C 195 11.64 -15.96 28.45
C LEU C 195 10.40 -15.27 29.01
N SER C 196 9.79 -14.37 28.25
CA SER C 196 8.50 -13.81 28.66
C SER C 196 7.44 -14.90 28.76
N ARG C 197 7.36 -15.76 27.74
CA ARG C 197 6.45 -16.89 27.81
C ARG C 197 6.77 -17.77 29.02
N LEU C 198 8.06 -17.98 29.30
CA LEU C 198 8.46 -18.79 30.44
C LEU C 198 8.01 -18.15 31.75
N ALA C 199 8.07 -16.82 31.85
CA ALA C 199 7.61 -16.16 33.06
C ALA C 199 6.11 -16.33 33.26
N THR C 200 5.34 -16.20 32.17
CA THR C 200 3.90 -16.44 32.27
C THR C 200 3.61 -17.86 32.76
N ASN C 201 4.24 -18.85 32.12
CA ASN C 201 3.98 -20.24 32.51
C ASN C 201 4.56 -20.58 33.88
N SER C 202 5.56 -19.82 34.36
CA SER C 202 6.06 -20.01 35.72
C SER C 202 5.07 -19.50 36.74
N VAL C 203 4.43 -18.35 36.45
CA VAL C 203 3.32 -17.92 37.28
C VAL C 203 2.22 -18.97 37.31
N THR C 204 1.93 -19.57 36.15
CA THR C 204 0.93 -20.64 36.11
C THR C 204 1.34 -21.83 36.98
N LEU C 205 2.62 -22.23 36.92
CA LEU C 205 3.07 -23.40 37.65
C LEU C 205 3.16 -23.18 39.16
N GLY C 206 3.22 -21.91 39.60
CA GLY C 206 3.43 -21.61 40.99
C GLY C 206 4.84 -21.12 41.31
N ASP C 207 5.75 -21.16 40.35
CA ASP C 207 7.09 -20.60 40.51
C ASP C 207 6.98 -19.09 40.38
N PHE C 208 6.95 -18.40 41.52
CA PHE C 208 6.88 -16.94 41.52
C PHE C 208 8.27 -16.30 41.56
N GLN C 209 9.33 -17.06 41.82
CA GLN C 209 10.66 -16.46 41.90
C GLN C 209 11.30 -16.35 40.52
N LEU C 210 11.07 -17.31 39.64
CA LEU C 210 11.67 -17.26 38.30
C LEU C 210 11.23 -16.03 37.50
N PRO C 211 9.98 -15.58 37.55
CA PRO C 211 9.65 -14.31 36.86
C PRO C 211 10.51 -13.13 37.28
N LEU C 212 10.94 -13.08 38.54
CA LEU C 212 11.79 -11.98 38.99
C LEU C 212 13.15 -12.01 38.28
N THR C 213 13.75 -13.20 38.21
CA THR C 213 15.01 -13.36 37.48
C THR C 213 14.83 -13.03 36.00
N ILE C 214 13.74 -13.51 35.39
CA ILE C 214 13.49 -13.21 33.98
C ILE C 214 13.33 -11.71 33.76
N SER C 215 12.68 -11.02 34.71
CA SER C 215 12.52 -9.58 34.60
C SER C 215 13.87 -8.87 34.65
N ALA C 216 14.70 -9.22 35.64
CA ALA C 216 16.02 -8.61 35.73
C ALA C 216 16.81 -8.84 34.44
N PHE C 217 16.81 -10.08 33.94
CA PHE C 217 17.58 -10.42 32.76
C PHE C 217 17.11 -9.63 31.54
N VAL C 218 15.79 -9.63 31.28
CA VAL C 218 15.28 -8.95 30.10
C VAL C 218 15.45 -7.44 30.23
N LYS C 219 15.34 -6.90 31.45
CA LYS C 219 15.60 -5.47 31.65
C LYS C 219 17.03 -5.11 31.24
N ASP C 220 18.02 -5.85 31.78
CA ASP C 220 19.40 -5.54 31.47
C ASP C 220 19.70 -5.75 29.98
N LEU C 221 19.12 -6.79 29.39
CA LEU C 221 19.34 -7.04 27.97
C LEU C 221 18.76 -5.92 27.12
N PHE C 222 17.58 -5.41 27.49
CA PHE C 222 16.99 -4.31 26.74
C PHE C 222 17.82 -3.04 26.89
N ALA C 223 18.36 -2.79 28.10
CA ALA C 223 19.23 -1.64 28.28
C ALA C 223 20.45 -1.73 27.38
N GLY C 224 21.08 -2.91 27.32
CA GLY C 224 22.20 -3.08 26.41
C GLY C 224 21.81 -2.88 24.96
N PHE C 225 20.68 -3.48 24.55
CA PHE C 225 20.19 -3.33 23.18
C PHE C 225 20.01 -1.86 22.83
N GLN C 226 19.43 -1.08 23.75
CA GLN C 226 19.23 0.34 23.48
C GLN C 226 20.55 1.08 23.41
N LEU C 227 21.55 0.67 24.20
CA LEU C 227 22.85 1.32 24.11
C LEU C 227 23.62 0.90 22.86
N LEU C 228 23.21 -0.18 22.20
CA LEU C 228 23.99 -0.69 21.08
C LEU C 228 24.02 0.26 19.89
N ASN C 229 22.90 0.96 19.63
CA ASN C 229 22.74 1.79 18.43
C ASN C 229 23.03 0.99 17.17
N LEU C 230 22.19 -0.02 16.93
CA LEU C 230 22.32 -0.86 15.76
C LEU C 230 21.94 -0.07 14.51
N LYS C 231 22.90 0.13 13.61
CA LYS C 231 22.63 0.92 12.41
C LYS C 231 21.64 0.18 11.50
N ASN C 232 21.83 -1.12 11.32
CA ASN C 232 20.95 -1.90 10.46
C ASN C 232 19.52 -1.82 10.96
N ASP C 233 18.62 -1.35 10.09
CA ASP C 233 17.24 -1.13 10.49
C ASP C 233 16.54 -2.42 10.91
N ILE C 234 16.95 -3.55 10.35
CA ILE C 234 16.34 -4.83 10.73
C ILE C 234 16.67 -5.17 12.17
N ILE C 235 17.94 -5.16 12.52
CA ILE C 235 18.35 -5.49 13.89
C ILE C 235 17.84 -4.43 14.86
N ARG C 236 17.82 -3.17 14.44
CA ARG C 236 17.33 -2.11 15.31
C ARG C 236 15.84 -2.29 15.60
N LYS C 237 15.05 -2.59 14.56
CA LYS C 237 13.63 -2.84 14.74
C LYS C 237 13.40 -4.04 15.66
N ARG C 238 14.13 -5.14 15.42
CA ARG C 238 13.91 -6.33 16.21
C ARG C 238 14.39 -6.16 17.65
N ALA C 239 15.36 -5.26 17.87
CA ALA C 239 15.85 -5.00 19.22
C ALA C 239 14.93 -4.04 19.97
N ASP C 240 14.28 -3.12 19.26
CA ASP C 240 13.25 -2.32 19.90
C ASP C 240 11.97 -3.12 20.16
N SER C 241 11.76 -4.19 19.39
CA SER C 241 10.65 -5.11 19.68
C SER C 241 10.80 -5.79 21.03
N VAL C 242 11.99 -5.71 21.66
CA VAL C 242 12.20 -6.28 22.98
C VAL C 242 11.42 -5.51 24.05
N LYS C 243 11.01 -4.27 23.76
CA LYS C 243 10.30 -3.48 24.76
C LYS C 243 8.96 -4.09 25.12
N TYR C 244 8.30 -4.78 24.18
CA TYR C 244 7.05 -5.46 24.51
C TYR C 244 7.29 -6.58 25.51
N GLU C 245 8.35 -7.36 25.32
CA GLU C 245 8.68 -8.43 26.27
C GLU C 245 9.06 -7.85 27.62
N VAL C 246 9.82 -6.76 27.63
CA VAL C 246 10.17 -6.08 28.87
C VAL C 246 8.90 -5.69 29.63
N LYS C 247 7.97 -5.05 28.91
CA LYS C 247 6.71 -4.64 29.53
C LYS C 247 5.93 -5.84 30.06
N ARG C 248 5.93 -6.94 29.31
CA ARG C 248 5.17 -8.12 29.73
C ARG C 248 5.73 -8.70 31.03
N VAL C 249 7.05 -8.85 31.11
CA VAL C 249 7.64 -9.43 32.31
C VAL C 249 7.51 -8.47 33.49
N GLU C 250 7.66 -7.16 33.23
CA GLU C 250 7.48 -6.18 34.30
C GLU C 250 6.05 -6.18 34.81
N ASP C 251 5.07 -6.40 33.93
CA ASP C 251 3.68 -6.48 34.36
C ASP C 251 3.44 -7.75 35.18
N ILE C 252 4.07 -8.86 34.79
CA ILE C 252 3.97 -10.07 35.61
C ILE C 252 4.51 -9.81 37.01
N VAL C 253 5.67 -9.16 37.10
CA VAL C 253 6.25 -8.88 38.41
C VAL C 253 5.39 -7.88 39.18
N TYR C 254 4.78 -6.92 38.48
CA TYR C 254 3.85 -6.00 39.11
C TYR C 254 2.67 -6.74 39.74
N ASP C 255 2.07 -7.67 38.98
CA ASP C 255 0.98 -8.48 39.49
C ASP C 255 1.41 -9.28 40.72
N LEU C 256 2.59 -9.89 40.65
CA LEU C 256 3.05 -10.70 41.77
C LEU C 256 3.32 -9.85 43.01
N SER C 257 3.89 -8.66 42.84
CA SER C 257 4.22 -7.82 43.99
C SER C 257 2.97 -7.20 44.59
N LEU C 258 1.96 -6.89 43.77
CA LEU C 258 0.70 -6.38 44.30
C LEU C 258 0.03 -7.42 45.19
N ARG C 259 0.10 -8.69 44.80
CA ARG C 259 -0.50 -9.79 45.55
C ARG C 259 0.27 -10.14 46.81
N GLY C 260 1.42 -9.50 47.06
CA GLY C 260 2.26 -9.91 48.16
C GLY C 260 2.94 -11.25 47.95
N LEU C 261 2.78 -11.84 46.75
CA LEU C 261 3.39 -13.12 46.44
C LEU C 261 4.90 -13.02 46.30
N ILE C 262 5.46 -11.82 46.31
CA ILE C 262 6.88 -11.61 46.07
C ILE C 262 7.47 -10.76 47.19
N GLN C 263 6.87 -9.61 47.44
CA GLN C 263 7.38 -8.68 48.46
C GLN C 263 6.26 -8.19 49.37
N LEU D 28 -14.84 22.72 -32.68
CA LEU D 28 -13.89 22.87 -31.58
C LEU D 28 -14.51 22.31 -30.30
N LEU D 29 -14.99 23.21 -29.45
CA LEU D 29 -15.41 22.90 -28.09
C LEU D 29 -15.99 24.12 -27.41
N ASP D 30 -17.30 24.14 -27.22
CA ASP D 30 -18.02 25.28 -26.65
C ASP D 30 -17.32 25.76 -25.39
N PRO D 31 -16.88 27.03 -25.34
CA PRO D 31 -16.09 27.49 -24.18
C PRO D 31 -16.82 27.36 -22.86
N SER D 32 -18.15 27.35 -22.88
CA SER D 32 -18.90 27.22 -21.63
C SER D 32 -18.64 25.89 -20.96
N ILE D 33 -18.28 24.85 -21.74
CA ILE D 33 -17.97 23.55 -21.16
C ILE D 33 -16.86 23.66 -20.13
N PHE D 34 -15.80 24.41 -20.44
CA PHE D 34 -14.71 24.62 -19.49
C PHE D 34 -14.87 25.90 -18.67
N ALA D 35 -15.88 26.73 -18.96
CA ALA D 35 -16.08 27.95 -18.20
C ALA D 35 -17.06 27.76 -17.03
N SER D 36 -18.22 27.16 -17.30
CA SER D 36 -19.16 26.86 -16.23
C SER D 36 -18.56 25.87 -15.23
N LEU D 37 -17.73 24.94 -15.72
CA LEU D 37 -16.98 24.06 -14.83
C LEU D 37 -16.09 24.86 -13.90
N GLU D 38 -15.39 25.86 -14.44
CA GLU D 38 -14.51 26.68 -13.62
C GLU D 38 -15.29 27.48 -12.59
N ALA D 39 -16.45 28.02 -12.99
CA ALA D 39 -17.29 28.74 -12.02
C ALA D 39 -17.79 27.81 -10.93
N LYS D 40 -18.18 26.59 -11.30
CA LYS D 40 -18.59 25.58 -10.32
C LYS D 40 -17.49 25.31 -9.32
N LEU D 41 -16.26 25.09 -9.81
CA LEU D 41 -15.14 24.81 -8.91
C LEU D 41 -14.82 26.01 -8.05
N GLU D 42 -14.92 27.22 -8.61
CA GLU D 42 -14.75 28.45 -7.83
C GLU D 42 -15.68 28.47 -6.63
N GLU D 43 -16.99 28.34 -6.89
CA GLU D 43 -17.95 28.44 -5.80
C GLU D 43 -17.81 27.27 -4.83
N GLU D 44 -17.50 26.08 -5.33
CA GLU D 44 -17.28 24.93 -4.44
C GLU D 44 -16.12 25.18 -3.50
N THR D 45 -15.02 25.72 -4.01
CA THR D 45 -13.87 26.02 -3.16
C THR D 45 -14.22 27.10 -2.14
N GLN D 46 -15.00 28.11 -2.54
CA GLN D 46 -15.37 29.16 -1.60
C GLN D 46 -16.24 28.61 -0.47
N ILE D 47 -17.23 27.78 -0.80
CA ILE D 47 -18.06 27.16 0.22
C ILE D 47 -17.22 26.24 1.10
N ARG D 48 -16.27 25.52 0.51
CA ARG D 48 -15.41 24.64 1.29
C ARG D 48 -14.59 25.43 2.30
N ASP D 49 -14.08 26.59 1.90
CA ASP D 49 -13.28 27.40 2.82
C ASP D 49 -14.14 27.98 3.94
N THR D 50 -15.36 28.43 3.61
CA THR D 50 -16.25 28.93 4.64
C THR D 50 -16.58 27.83 5.65
N LEU D 51 -16.92 26.64 5.15
CA LEU D 51 -17.18 25.51 6.04
C LEU D 51 -15.96 25.13 6.83
N SER D 52 -14.76 25.27 6.26
CA SER D 52 -13.54 24.96 7.00
C SER D 52 -13.37 25.89 8.18
N GLN D 53 -13.56 27.19 7.96
CA GLN D 53 -13.50 28.14 9.07
C GLN D 53 -14.53 27.79 10.15
N LEU D 54 -15.78 27.55 9.74
CA LEU D 54 -16.82 27.22 10.70
C LEU D 54 -16.49 25.96 11.48
N ILE D 55 -16.01 24.92 10.79
CA ILE D 55 -15.73 23.65 11.42
C ILE D 55 -14.55 23.77 12.37
N GLN D 56 -13.55 24.59 12.02
CA GLN D 56 -12.42 24.74 12.94
C GLN D 56 -12.83 25.49 14.21
N ARG D 57 -13.68 26.51 14.07
CA ARG D 57 -14.19 27.17 15.27
C ARG D 57 -15.00 26.20 16.13
N LEU D 58 -15.88 25.41 15.51
CA LEU D 58 -16.65 24.43 16.26
C LEU D 58 -15.73 23.40 16.92
N ASP D 59 -14.65 23.02 16.23
CA ASP D 59 -13.73 22.04 16.77
C ASP D 59 -13.04 22.57 18.01
N ARG D 60 -12.64 23.84 17.99
CA ARG D 60 -12.02 24.42 19.18
C ARG D 60 -13.01 24.56 20.32
N ALA D 61 -14.27 24.91 20.01
CA ALA D 61 -15.29 24.97 21.06
C ALA D 61 -15.53 23.58 21.67
N VAL D 62 -15.54 22.55 20.85
CA VAL D 62 -15.73 21.19 21.34
C VAL D 62 -14.51 20.74 22.15
N ALA D 63 -13.31 21.14 21.74
CA ALA D 63 -12.12 20.83 22.53
C ALA D 63 -12.18 21.51 23.89
N THR D 64 -12.70 22.74 23.94
CA THR D 64 -12.86 23.44 25.22
C THR D 64 -13.85 22.68 26.11
N ALA D 65 -15.01 22.30 25.56
CA ALA D 65 -15.99 21.57 26.36
C ALA D 65 -15.43 20.23 26.83
N GLN D 66 -14.63 19.57 25.98
CA GLN D 66 -14.03 18.29 26.35
C GLN D 66 -13.01 18.45 27.45
N GLY D 67 -12.18 19.50 27.37
CA GLY D 67 -11.25 19.78 28.45
C GLY D 67 -11.95 20.08 29.76
N LEU D 68 -13.07 20.82 29.68
CA LEU D 68 -13.85 21.08 30.89
C LEU D 68 -14.41 19.79 31.46
N LEU D 69 -14.91 18.90 30.61
CA LEU D 69 -15.44 17.63 31.08
C LEU D 69 -14.34 16.73 31.63
N SER D 70 -13.11 16.90 31.15
CA SER D 70 -11.99 16.09 31.63
C SER D 70 -11.82 16.20 33.15
N ARG D 71 -12.19 17.34 33.73
CA ARG D 71 -12.01 17.54 35.16
C ARG D 71 -12.84 16.57 35.99
N VAL D 72 -13.82 15.90 35.38
CA VAL D 72 -14.64 14.94 36.11
C VAL D 72 -13.78 13.82 36.68
N HIS D 73 -12.62 13.56 36.07
CA HIS D 73 -11.75 12.48 36.49
C HIS D 73 -10.96 12.81 37.76
N SER D 74 -11.06 14.04 38.24
CA SER D 74 -10.47 14.43 39.52
C SER D 74 -11.45 15.25 40.35
N THR D 75 -12.71 15.36 39.92
CA THR D 75 -13.70 16.13 40.64
C THR D 75 -14.62 15.20 41.41
N PRO D 76 -14.77 15.38 42.73
CA PRO D 76 -15.74 14.57 43.46
C PRO D 76 -17.16 14.87 42.99
N ARG D 77 -18.04 13.88 43.17
CA ARG D 77 -19.45 14.05 42.79
C ARG D 77 -20.05 15.29 43.45
N SER D 78 -19.63 15.59 44.68
CA SER D 78 -20.18 16.74 45.39
C SER D 78 -19.94 18.04 44.64
N ARG D 79 -18.83 18.15 43.91
CA ARG D 79 -18.51 19.36 43.15
C ARG D 79 -18.92 19.24 41.69
N TYR D 80 -19.78 18.28 41.36
CA TYR D 80 -20.28 18.18 39.99
C TYR D 80 -21.11 19.40 39.58
N PRO D 81 -22.00 19.96 40.41
CA PRO D 81 -22.77 21.13 39.96
C PRO D 81 -21.91 22.29 39.47
N GLN D 82 -20.74 22.52 40.07
CA GLN D 82 -19.88 23.60 39.60
C GLN D 82 -19.31 23.31 38.22
N LEU D 83 -18.86 22.07 37.99
CA LEU D 83 -18.31 21.70 36.70
C LEU D 83 -19.39 21.74 35.62
N VAL D 84 -20.53 21.12 35.89
CA VAL D 84 -21.60 21.00 34.89
C VAL D 84 -21.97 22.35 34.32
N SER D 85 -22.26 23.32 35.20
CA SER D 85 -22.56 24.67 34.75
C SER D 85 -21.51 25.19 33.79
N GLN D 86 -20.23 25.06 34.17
CA GLN D 86 -19.15 25.48 33.27
C GLN D 86 -19.26 24.77 31.93
N VAL D 87 -19.43 23.44 31.95
CA VAL D 87 -19.62 22.71 30.71
C VAL D 87 -20.85 23.23 29.98
N GLU D 88 -21.93 23.48 30.71
CA GLU D 88 -23.15 24.04 30.11
C GLU D 88 -22.84 25.31 29.34
N ALA D 89 -21.87 26.11 29.82
CA ALA D 89 -21.46 27.29 29.08
C ALA D 89 -20.79 26.89 27.78
N ALA D 90 -19.78 26.02 27.84
CA ALA D 90 -19.00 25.68 26.66
C ALA D 90 -19.89 25.08 25.59
N VAL D 91 -20.77 24.14 25.97
CA VAL D 91 -21.72 23.57 25.04
C VAL D 91 -22.53 24.67 24.35
N LYS D 92 -23.03 25.62 25.14
CA LYS D 92 -23.77 26.74 24.54
C LYS D 92 -22.92 27.48 23.52
N GLU D 93 -21.64 27.70 23.84
CA GLU D 93 -20.73 28.30 22.88
C GLU D 93 -20.74 27.52 21.57
N GLU D 94 -20.64 26.19 21.67
CA GLU D 94 -20.77 25.34 20.50
C GLU D 94 -22.05 25.66 19.72
N ALA D 95 -23.18 25.66 20.44
CA ALA D 95 -24.46 25.94 19.80
C ALA D 95 -24.49 27.28 19.09
N ALA D 96 -23.64 28.22 19.52
CA ALA D 96 -23.49 29.47 18.77
C ALA D 96 -22.92 29.19 17.39
N ILE D 97 -21.70 28.62 17.34
CA ILE D 97 -21.05 28.36 16.06
C ILE D 97 -21.91 27.46 15.19
N ILE D 98 -22.43 26.37 15.78
CA ILE D 98 -23.34 25.47 15.06
C ILE D 98 -24.45 26.27 14.38
N SER D 99 -25.05 27.22 15.11
CA SER D 99 -26.11 28.04 14.54
C SER D 99 -25.64 28.68 13.23
N GLU D 100 -24.49 29.35 13.26
CA GLU D 100 -23.92 29.90 12.04
C GLU D 100 -23.81 28.83 10.97
N LEU D 101 -23.22 27.68 11.33
CA LEU D 101 -23.15 26.56 10.40
C LEU D 101 -24.52 26.24 9.83
N ASP D 102 -25.52 26.12 10.71
CA ASP D 102 -26.88 25.79 10.28
C ASP D 102 -27.33 26.71 9.16
N THR D 103 -27.01 27.99 9.24
CA THR D 103 -27.35 28.91 8.16
C THR D 103 -26.56 28.58 6.91
N VAL D 104 -25.23 28.60 7.01
CA VAL D 104 -24.37 28.44 5.83
C VAL D 104 -24.65 27.10 5.15
N ALA D 105 -24.61 26.02 5.94
CA ALA D 105 -24.82 24.69 5.37
C ALA D 105 -26.20 24.55 4.75
N SER D 106 -27.19 25.32 5.21
CA SER D 106 -28.52 25.19 4.64
C SER D 106 -28.68 25.93 3.32
N LYS D 107 -27.64 26.62 2.86
CA LYS D 107 -27.66 27.26 1.55
C LYS D 107 -27.19 26.33 0.45
N HIS D 108 -26.89 25.08 0.78
CA HIS D 108 -26.33 24.12 -0.16
C HIS D 108 -26.87 22.74 0.21
N PRO D 109 -26.84 21.78 -0.73
CA PRO D 109 -27.36 20.45 -0.43
C PRO D 109 -26.67 19.82 0.78
N TYR D 110 -27.44 19.09 1.58
CA TYR D 110 -26.89 18.47 2.77
C TYR D 110 -25.89 17.38 2.40
N TYR D 111 -26.29 16.45 1.53
CA TYR D 111 -25.46 15.30 1.23
C TYR D 111 -24.27 15.63 0.33
N LYS D 112 -24.13 16.89 -0.08
CA LYS D 112 -22.93 17.30 -0.79
C LYS D 112 -21.80 17.66 0.17
N TYR D 113 -22.12 18.39 1.24
CA TYR D 113 -21.11 18.92 2.15
C TYR D 113 -21.17 18.32 3.54
N ASN D 114 -22.07 17.37 3.80
CA ASN D 114 -21.89 16.53 4.97
C ASN D 114 -20.63 15.68 4.77
N GLN D 115 -20.27 14.94 5.80
CA GLN D 115 -18.98 14.26 5.93
C GLN D 115 -17.85 15.27 6.09
N ARG D 116 -18.15 16.55 6.17
CA ARG D 116 -17.22 17.57 6.60
C ARG D 116 -17.45 18.02 8.03
N TRP D 117 -18.71 18.03 8.47
CA TRP D 117 -19.05 18.41 9.83
C TRP D 117 -19.56 17.26 10.68
N THR D 118 -19.74 16.07 10.09
CA THR D 118 -20.40 14.99 10.82
C THR D 118 -19.58 14.55 12.03
N ARG D 119 -18.24 14.53 11.90
CA ARG D 119 -17.40 14.17 13.03
C ARG D 119 -17.43 15.25 14.11
N SER D 120 -17.30 16.52 13.69
CA SER D 120 -17.35 17.62 14.65
C SER D 120 -18.71 17.71 15.32
N MET D 121 -19.79 17.53 14.54
CA MET D 121 -21.12 17.56 15.12
C MET D 121 -21.32 16.39 16.08
N GLN D 122 -20.77 15.23 15.75
CA GLN D 122 -20.85 14.08 16.65
C GLN D 122 -20.15 14.38 17.97
N HIS D 123 -18.97 15.01 17.91
CA HIS D 123 -18.25 15.36 19.14
C HIS D 123 -19.00 16.40 19.96
N ALA D 124 -19.64 17.37 19.30
CA ALA D 124 -20.43 18.36 20.04
C ALA D 124 -21.64 17.70 20.71
N ILE D 125 -22.33 16.83 19.98
CA ILE D 125 -23.42 16.05 20.57
C ILE D 125 -22.90 15.28 21.78
N GLY D 126 -21.69 14.73 21.66
CA GLY D 126 -21.12 13.98 22.77
C GLY D 126 -20.88 14.84 23.99
N THR D 127 -20.37 16.06 23.80
CA THR D 127 -20.18 16.96 24.93
C THR D 127 -21.51 17.30 25.59
N ALA D 128 -22.55 17.54 24.79
CA ALA D 128 -23.86 17.83 25.36
C ALA D 128 -24.40 16.64 26.16
N ILE D 129 -24.27 15.43 25.62
CA ILE D 129 -24.78 14.24 26.29
C ILE D 129 -24.00 13.97 27.57
N TYR D 130 -22.67 14.16 27.52
CA TYR D 130 -21.85 14.02 28.72
C TYR D 130 -22.26 15.02 29.79
N CYS D 131 -22.51 16.27 29.38
CA CYS D 131 -22.97 17.30 30.32
C CYS D 131 -24.26 16.88 31.00
N ALA D 132 -25.24 16.43 30.21
CA ALA D 132 -26.52 16.06 30.80
C ALA D 132 -26.41 14.80 31.65
N TRP D 133 -25.52 13.88 31.29
CA TRP D 133 -25.30 12.70 32.11
C TRP D 133 -24.78 13.07 33.50
N LEU D 134 -24.06 14.19 33.60
CA LEU D 134 -23.51 14.67 34.86
C LEU D 134 -24.48 15.57 35.62
N GLY D 135 -25.71 15.72 35.13
CA GLY D 135 -26.69 16.53 35.82
C GLY D 135 -26.84 17.92 35.23
N GLY D 136 -26.87 18.03 33.90
CA GLY D 136 -26.97 19.30 33.24
C GLY D 136 -28.08 19.29 32.20
N PHE D 137 -28.40 20.48 31.72
CA PHE D 137 -29.48 20.71 30.76
C PHE D 137 -30.76 19.98 31.18
N PRO D 138 -31.32 20.28 32.34
CA PRO D 138 -32.52 19.59 32.79
C PRO D 138 -33.77 20.10 32.08
N SER D 139 -34.71 19.18 31.89
CA SER D 139 -35.97 19.53 31.21
C SER D 139 -37.16 18.90 31.92
N ALA D 150 -29.02 17.66 40.29
CA ALA D 150 -28.19 16.94 39.35
C ALA D 150 -28.46 15.44 39.41
N GLU D 151 -29.26 14.93 38.48
CA GLU D 151 -29.58 13.51 38.38
C GLU D 151 -28.56 12.84 37.48
N ILE D 152 -27.55 12.20 38.09
CA ILE D 152 -26.50 11.55 37.33
C ILE D 152 -27.05 10.34 36.60
N GLY D 153 -26.75 10.24 35.31
CA GLY D 153 -27.14 9.10 34.52
C GLY D 153 -28.20 9.36 33.46
N ARG D 154 -28.60 10.61 33.26
CA ARG D 154 -29.65 10.92 32.30
C ARG D 154 -29.12 10.87 30.88
N LEU D 155 -29.90 10.25 29.99
CA LEU D 155 -29.58 10.17 28.57
C LEU D 155 -30.47 11.13 27.80
N LEU D 156 -29.84 12.12 27.16
CA LEU D 156 -30.58 13.01 26.27
C LEU D 156 -31.10 12.25 25.07
N THR D 157 -32.38 12.43 24.75
CA THR D 157 -32.88 11.92 23.49
C THR D 157 -32.29 12.73 22.34
N LEU D 158 -32.39 12.16 21.13
CA LEU D 158 -31.92 12.88 19.95
C LEU D 158 -32.63 14.21 19.81
N GLU D 159 -33.93 14.24 20.15
CA GLU D 159 -34.71 15.47 20.09
C GLU D 159 -34.20 16.48 21.11
N GLU D 160 -33.76 16.01 22.28
CA GLU D 160 -33.25 16.93 23.30
C GLU D 160 -31.93 17.54 22.88
N VAL D 161 -31.06 16.75 22.24
CA VAL D 161 -29.82 17.31 21.69
C VAL D 161 -30.13 18.33 20.61
N GLY D 162 -31.11 18.02 19.75
CA GLY D 162 -31.51 18.96 18.73
C GLY D 162 -32.05 20.26 19.31
N THR D 163 -32.78 20.16 20.42
CA THR D 163 -33.26 21.37 21.10
C THR D 163 -32.12 22.17 21.69
N ILE D 164 -31.16 21.50 22.32
CA ILE D 164 -30.04 22.21 22.93
C ILE D 164 -29.21 22.94 21.86
N PHE D 165 -29.02 22.30 20.71
CA PHE D 165 -28.23 22.91 19.65
C PHE D 165 -29.06 23.68 18.63
N SER D 166 -30.39 23.70 18.79
CA SER D 166 -31.29 24.45 17.91
C SER D 166 -31.13 24.00 16.46
N VAL D 167 -31.15 22.69 16.25
CA VAL D 167 -31.10 22.11 14.90
C VAL D 167 -31.99 20.89 14.85
N PRO D 168 -32.59 20.63 13.69
CA PRO D 168 -33.47 19.47 13.55
C PRO D 168 -32.69 18.16 13.64
N THR D 169 -33.45 17.06 13.69
CA THR D 169 -32.89 15.72 13.78
C THR D 169 -33.35 14.88 12.59
N ASN D 170 -32.59 13.82 12.31
CA ASN D 170 -32.85 12.92 11.19
C ASN D 170 -33.93 11.89 11.50
N LEU D 171 -34.68 12.07 12.59
CA LEU D 171 -35.81 11.18 12.85
C LEU D 171 -36.82 11.24 11.71
N LYS D 172 -36.93 12.40 11.07
CA LYS D 172 -37.64 12.59 9.82
C LYS D 172 -36.65 13.07 8.77
N ASP D 173 -37.10 13.11 7.52
CA ASP D 173 -36.29 13.66 6.44
C ASP D 173 -36.84 15.03 6.05
N ARG D 174 -35.92 15.98 5.86
CA ARG D 174 -36.31 17.38 5.65
C ARG D 174 -35.46 18.13 4.64
N ASP D 175 -34.29 17.63 4.23
CA ASP D 175 -33.45 18.26 3.21
C ASP D 175 -32.97 19.64 3.67
N ALA D 176 -32.30 19.65 4.81
CA ALA D 176 -31.71 20.86 5.38
C ALA D 176 -30.54 20.45 6.25
N PHE D 177 -30.03 21.38 7.04
CA PHE D 177 -28.99 21.05 8.00
C PHE D 177 -29.62 20.45 9.25
N HIS D 178 -29.05 19.35 9.74
CA HIS D 178 -29.62 18.63 10.86
C HIS D 178 -28.53 17.78 11.49
N ILE D 179 -28.86 17.16 12.63
CA ILE D 179 -28.04 16.14 13.24
C ILE D 179 -28.66 14.79 12.91
N THR D 180 -27.80 13.78 12.75
CA THR D 180 -28.26 12.46 12.33
C THR D 180 -28.30 11.51 13.52
N ILE D 181 -29.15 10.48 13.40
CA ILE D 181 -29.15 9.39 14.38
C ILE D 181 -27.78 8.77 14.48
N GLU D 182 -27.07 8.66 13.35
CA GLU D 182 -25.75 8.05 13.33
C GLU D 182 -24.75 8.85 14.17
N GLU D 183 -24.77 10.19 14.03
CA GLU D 183 -23.93 11.04 14.86
C GLU D 183 -24.23 10.82 16.33
N TYR D 184 -25.51 10.70 16.67
CA TYR D 184 -25.93 10.51 18.07
C TYR D 184 -25.42 9.18 18.61
N LEU D 185 -25.58 8.10 17.83
CA LEU D 185 -25.13 6.79 18.27
C LEU D 185 -23.61 6.74 18.40
N LEU D 186 -22.88 7.39 17.48
CA LEU D 186 -21.43 7.38 17.56
C LEU D 186 -20.95 8.17 18.77
N SER D 187 -21.61 9.30 19.06
CA SER D 187 -21.29 10.05 20.26
C SER D 187 -21.54 9.22 21.51
N LEU D 188 -22.60 8.42 21.52
CA LEU D 188 -22.86 7.54 22.66
C LEU D 188 -21.77 6.48 22.80
N VAL D 189 -21.34 5.91 21.67
CA VAL D 189 -20.25 4.93 21.70
C VAL D 189 -19.02 5.55 22.36
N ASP D 190 -18.69 6.78 21.98
CA ASP D 190 -17.54 7.45 22.60
C ASP D 190 -17.77 7.70 24.09
N LEU D 191 -19.00 8.08 24.45
CA LEU D 191 -19.33 8.34 25.85
C LEU D 191 -19.12 7.12 26.71
N THR D 192 -19.37 5.92 26.17
CA THR D 192 -19.17 4.72 26.98
C THR D 192 -17.71 4.54 27.37
N GLN D 193 -16.78 4.85 26.45
CA GLN D 193 -15.36 4.79 26.79
C GLN D 193 -15.01 5.83 27.85
N ASP D 194 -15.50 7.06 27.66
CA ASP D 194 -15.29 8.09 28.67
C ASP D 194 -15.80 7.63 30.03
N LEU D 195 -16.94 6.95 30.06
CA LEU D 195 -17.56 6.56 31.32
C LEU D 195 -16.80 5.40 31.97
N SER D 196 -16.23 4.50 31.18
CA SER D 196 -15.36 3.47 31.75
C SER D 196 -14.18 4.11 32.46
N ARG D 197 -13.53 5.07 31.80
CA ARG D 197 -12.45 5.80 32.45
C ARG D 197 -12.96 6.46 33.74
N LEU D 198 -14.16 7.05 33.69
CA LEU D 198 -14.70 7.75 34.84
C LEU D 198 -14.93 6.80 36.00
N ALA D 199 -15.41 5.58 35.73
CA ALA D 199 -15.61 4.61 36.81
C ALA D 199 -14.29 4.19 37.43
N THR D 200 -13.30 3.92 36.59
CA THR D 200 -11.96 3.59 37.09
C THR D 200 -11.47 4.67 38.04
N ASN D 201 -11.62 5.94 37.64
CA ASN D 201 -11.13 7.02 38.50
C ASN D 201 -12.05 7.26 39.70
N SER D 202 -13.33 6.91 39.58
CA SER D 202 -14.25 7.05 40.71
C SER D 202 -13.85 6.16 41.86
N VAL D 203 -13.42 4.94 41.55
CA VAL D 203 -12.93 4.07 42.61
C VAL D 203 -11.75 4.72 43.32
N THR D 204 -10.90 5.44 42.58
CA THR D 204 -9.76 6.13 43.17
C THR D 204 -10.22 7.29 44.06
N LEU D 205 -11.20 8.07 43.59
CA LEU D 205 -11.68 9.21 44.35
C LEU D 205 -12.46 8.82 45.60
N GLY D 206 -12.83 7.56 45.75
CA GLY D 206 -13.63 7.12 46.87
C GLY D 206 -15.11 6.97 46.58
N ASP D 207 -15.55 7.37 45.39
CA ASP D 207 -16.95 7.21 44.98
C ASP D 207 -17.14 5.78 44.49
N PHE D 208 -17.73 4.94 45.33
CA PHE D 208 -17.94 3.53 45.00
C PHE D 208 -19.33 3.26 44.42
N GLN D 209 -20.23 4.24 44.43
CA GLN D 209 -21.56 4.06 43.88
C GLN D 209 -21.68 4.51 42.43
N LEU D 210 -20.88 5.50 42.03
CA LEU D 210 -20.91 5.94 40.63
C LEU D 210 -20.50 4.84 39.65
N PRO D 211 -19.49 4.00 39.93
CA PRO D 211 -19.22 2.87 39.03
C PRO D 211 -20.44 2.00 38.79
N LEU D 212 -21.33 1.86 39.78
CA LEU D 212 -22.49 1.00 39.60
C LEU D 212 -23.47 1.59 38.59
N THR D 213 -23.72 2.90 38.68
CA THR D 213 -24.61 3.55 37.71
C THR D 213 -23.97 3.60 36.34
N ILE D 214 -22.65 3.81 36.28
CA ILE D 214 -21.96 3.73 34.99
C ILE D 214 -22.13 2.35 34.38
N SER D 215 -22.03 1.31 35.21
CA SER D 215 -22.18 -0.05 34.70
C SER D 215 -23.58 -0.30 34.17
N ALA D 216 -24.59 0.11 34.93
CA ALA D 216 -25.97 -0.03 34.47
C ALA D 216 -26.18 0.70 33.14
N PHE D 217 -25.69 1.94 33.06
CA PHE D 217 -25.84 2.73 31.84
C PHE D 217 -25.18 2.05 30.65
N VAL D 218 -23.91 1.65 30.81
CA VAL D 218 -23.18 1.07 29.70
C VAL D 218 -23.78 -0.27 29.29
N LYS D 219 -24.26 -1.05 30.27
CA LYS D 219 -24.88 -2.33 29.97
C LYS D 219 -26.16 -2.13 29.14
N ASP D 220 -27.00 -1.18 29.58
CA ASP D 220 -28.24 -0.94 28.85
C ASP D 220 -27.96 -0.38 27.45
N LEU D 221 -26.96 0.48 27.34
CA LEU D 221 -26.61 1.04 26.03
C LEU D 221 -26.09 -0.06 25.10
N PHE D 222 -25.29 -0.98 25.63
CA PHE D 222 -24.80 -2.08 24.81
C PHE D 222 -25.94 -3.01 24.39
N ALA D 223 -26.90 -3.23 25.29
CA ALA D 223 -28.07 -4.03 24.92
C ALA D 223 -28.84 -3.37 23.78
N GLY D 224 -29.06 -2.06 23.87
CA GLY D 224 -29.72 -1.35 22.79
C GLY D 224 -28.94 -1.40 21.49
N PHE D 225 -27.61 -1.26 21.58
CA PHE D 225 -26.78 -1.31 20.38
C PHE D 225 -26.88 -2.68 19.72
N GLN D 226 -26.87 -3.74 20.52
CA GLN D 226 -27.00 -5.09 19.96
C GLN D 226 -28.37 -5.31 19.36
N LEU D 227 -29.41 -4.73 19.96
CA LEU D 227 -30.76 -4.88 19.43
C LEU D 227 -31.01 -4.02 18.20
N LEU D 228 -30.19 -3.01 17.95
CA LEU D 228 -30.40 -2.16 16.78
C LEU D 228 -30.07 -2.91 15.49
N ASN D 229 -29.16 -3.90 15.55
CA ASN D 229 -28.77 -4.70 14.39
C ASN D 229 -28.39 -3.82 13.21
N LEU D 230 -27.36 -3.00 13.43
CA LEU D 230 -27.03 -1.95 12.47
C LEU D 230 -26.41 -2.55 11.21
N LYS D 231 -26.75 -1.95 10.07
CA LYS D 231 -26.25 -2.43 8.78
C LYS D 231 -24.93 -1.78 8.39
N ASN D 232 -24.78 -0.47 8.60
CA ASN D 232 -23.55 0.22 8.26
C ASN D 232 -22.38 -0.38 9.04
N ASP D 233 -21.43 -0.96 8.31
CA ASP D 233 -20.37 -1.74 8.94
C ASP D 233 -19.53 -0.89 9.89
N ILE D 234 -19.34 0.40 9.58
CA ILE D 234 -18.56 1.25 10.46
C ILE D 234 -19.24 1.42 11.81
N ILE D 235 -20.53 1.80 11.79
CA ILE D 235 -21.25 2.02 13.03
C ILE D 235 -21.51 0.71 13.75
N ARG D 236 -21.76 -0.37 13.00
CA ARG D 236 -21.92 -1.68 13.63
C ARG D 236 -20.65 -2.12 14.33
N LYS D 237 -19.49 -1.90 13.69
CA LYS D 237 -18.21 -2.24 14.31
C LYS D 237 -17.97 -1.41 15.56
N ARG D 238 -18.21 -0.10 15.47
CA ARG D 238 -17.96 0.78 16.61
C ARG D 238 -18.94 0.50 17.75
N ALA D 239 -20.14 0.02 17.44
CA ALA D 239 -21.10 -0.35 18.47
C ALA D 239 -20.76 -1.70 19.10
N ASP D 240 -20.23 -2.63 18.31
CA ASP D 240 -19.74 -3.89 18.87
C ASP D 240 -18.52 -3.65 19.74
N SER D 241 -17.75 -2.60 19.46
CA SER D 241 -16.60 -2.24 20.30
C SER D 241 -17.02 -1.80 21.70
N VAL D 242 -18.31 -1.61 21.96
CA VAL D 242 -18.77 -1.25 23.30
C VAL D 242 -18.62 -2.43 24.26
N LYS D 243 -18.45 -3.65 23.74
CA LYS D 243 -18.32 -4.82 24.61
C LYS D 243 -17.09 -4.72 25.52
N TYR D 244 -16.01 -4.10 25.04
CA TYR D 244 -14.83 -3.95 25.88
C TYR D 244 -15.11 -3.03 27.06
N GLU D 245 -15.82 -1.93 26.82
CA GLU D 245 -16.17 -1.03 27.91
C GLU D 245 -17.13 -1.71 28.89
N VAL D 246 -18.08 -2.49 28.37
CA VAL D 246 -18.98 -3.24 29.23
C VAL D 246 -18.18 -4.16 30.14
N LYS D 247 -17.23 -4.89 29.56
CA LYS D 247 -16.40 -5.79 30.36
C LYS D 247 -15.59 -5.02 31.39
N ARG D 248 -15.06 -3.85 31.02
CA ARG D 248 -14.21 -3.09 31.93
C ARG D 248 -15.01 -2.61 33.14
N VAL D 249 -16.20 -2.06 32.91
CA VAL D 249 -16.99 -1.55 34.02
C VAL D 249 -17.56 -2.70 34.86
N GLU D 250 -17.91 -3.82 34.21
CA GLU D 250 -18.39 -4.96 34.97
C GLU D 250 -17.27 -5.54 35.84
N ASP D 251 -16.03 -5.49 35.35
CA ASP D 251 -14.90 -5.92 36.16
C ASP D 251 -14.66 -4.97 37.33
N ILE D 252 -14.85 -3.67 37.11
CA ILE D 252 -14.72 -2.72 38.23
C ILE D 252 -15.76 -3.03 39.31
N VAL D 253 -17.00 -3.27 38.89
CA VAL D 253 -18.04 -3.59 39.86
C VAL D 253 -17.75 -4.92 40.55
N TYR D 254 -17.22 -5.89 39.80
CA TYR D 254 -16.80 -7.16 40.39
C TYR D 254 -15.74 -6.95 41.47
N ASP D 255 -14.73 -6.13 41.16
CA ASP D 255 -13.66 -5.86 42.12
C ASP D 255 -14.22 -5.19 43.37
N LEU D 256 -15.10 -4.21 43.19
CA LEU D 256 -15.67 -3.52 44.33
C LEU D 256 -16.53 -4.46 45.17
N SER D 257 -17.24 -5.37 44.51
CA SER D 257 -18.06 -6.35 45.23
C SER D 257 -17.20 -7.32 46.02
N LEU D 258 -16.07 -7.73 45.44
CA LEU D 258 -15.18 -8.68 46.11
C LEU D 258 -14.57 -8.09 47.37
N ARG D 259 -14.45 -6.76 47.44
CA ARG D 259 -13.85 -6.08 48.57
C ARG D 259 -14.90 -5.52 49.52
N GLY D 260 -16.17 -5.84 49.32
CA GLY D 260 -17.21 -5.30 50.16
C GLY D 260 -17.39 -3.80 50.07
N LEU D 261 -16.91 -3.19 48.98
CA LEU D 261 -17.08 -1.76 48.75
C LEU D 261 -18.39 -1.42 48.05
N ILE D 262 -19.15 -2.43 47.65
CA ILE D 262 -20.47 -2.25 47.06
C ILE D 262 -21.45 -3.17 47.76
N GLN D 263 -22.65 -2.67 48.03
CA GLN D 263 -23.70 -3.47 48.67
C GLN D 263 -24.59 -4.13 47.62
N ARG D 264 -23.97 -4.96 46.78
CA ARG D 264 -24.80 -5.63 45.77
C ARG D 264 -25.31 -6.96 46.32
N PRO D 265 -26.57 -7.34 46.01
CA PRO D 265 -27.27 -8.55 46.44
C PRO D 265 -26.39 -9.76 46.70
N LEU E 28 -32.08 2.49 27.95
CA LEU E 28 -31.99 3.95 28.04
C LEU E 28 -32.20 4.59 26.67
N LEU E 29 -31.79 3.89 25.62
CA LEU E 29 -31.93 4.40 24.26
C LEU E 29 -33.40 4.45 23.87
N ASP E 30 -33.83 5.57 23.30
CA ASP E 30 -35.25 5.80 23.07
C ASP E 30 -35.79 4.84 22.02
N PRO E 31 -37.02 4.34 22.20
CA PRO E 31 -37.60 3.44 21.19
C PRO E 31 -37.81 4.11 19.84
N SER E 32 -37.99 5.44 19.81
CA SER E 32 -38.16 6.13 18.54
C SER E 32 -36.92 6.00 17.67
N ILE E 33 -35.73 5.89 18.28
CA ILE E 33 -34.51 5.64 17.52
C ILE E 33 -34.60 4.28 16.83
N PHE E 34 -35.04 3.25 17.56
CA PHE E 34 -35.21 1.93 16.97
C PHE E 34 -36.18 1.96 15.80
N ALA E 35 -37.35 2.59 16.01
CA ALA E 35 -38.38 2.61 14.97
C ALA E 35 -37.91 3.37 13.74
N SER E 36 -37.33 4.56 13.96
CA SER E 36 -36.86 5.38 12.84
C SER E 36 -35.73 4.70 12.09
N LEU E 37 -34.84 4.00 12.81
CA LEU E 37 -33.75 3.32 12.14
C LEU E 37 -34.26 2.14 11.33
N GLU E 38 -35.26 1.41 11.84
CA GLU E 38 -35.86 0.33 11.08
C GLU E 38 -36.52 0.85 9.80
N ALA E 39 -37.28 1.95 9.93
CA ALA E 39 -37.94 2.51 8.75
C ALA E 39 -36.93 3.03 7.74
N LYS E 40 -35.88 3.71 8.21
CA LYS E 40 -34.85 4.22 7.33
C LYS E 40 -34.14 3.08 6.62
N LEU E 41 -33.90 1.97 7.32
CA LEU E 41 -33.27 0.82 6.69
C LEU E 41 -34.18 0.22 5.61
N GLU E 42 -35.47 0.06 5.90
CA GLU E 42 -36.40 -0.40 4.87
C GLU E 42 -36.34 0.47 3.63
N GLU E 43 -36.48 1.78 3.82
CA GLU E 43 -36.53 2.69 2.69
C GLU E 43 -35.22 2.69 1.91
N GLU E 44 -34.09 2.74 2.61
CA GLU E 44 -32.80 2.79 1.92
C GLU E 44 -32.53 1.49 1.18
N THR E 45 -32.95 0.35 1.75
CA THR E 45 -32.79 -0.92 1.05
C THR E 45 -33.62 -0.94 -0.23
N GLN E 46 -34.87 -0.47 -0.16
CA GLN E 46 -35.70 -0.45 -1.36
C GLN E 46 -35.13 0.48 -2.43
N ILE E 47 -34.68 1.68 -2.01
CA ILE E 47 -34.09 2.62 -2.96
C ILE E 47 -32.83 2.04 -3.59
N ARG E 48 -31.98 1.40 -2.79
CA ARG E 48 -30.74 0.85 -3.31
C ARG E 48 -31.02 -0.32 -4.26
N ASP E 49 -32.03 -1.14 -3.96
CA ASP E 49 -32.39 -2.22 -4.87
C ASP E 49 -32.88 -1.68 -6.20
N THR E 50 -33.78 -0.69 -6.17
CA THR E 50 -34.29 -0.10 -7.40
C THR E 50 -33.16 0.54 -8.21
N LEU E 51 -32.29 1.29 -7.53
CA LEU E 51 -31.17 1.93 -8.21
C LEU E 51 -30.24 0.90 -8.81
N SER E 52 -30.01 -0.21 -8.10
CA SER E 52 -29.11 -1.24 -8.61
C SER E 52 -29.67 -1.90 -9.87
N GLN E 53 -30.96 -2.24 -9.86
CA GLN E 53 -31.51 -2.88 -11.06
C GLN E 53 -31.57 -1.90 -12.23
N LEU E 54 -31.89 -0.63 -11.97
CA LEU E 54 -31.88 0.37 -13.04
C LEU E 54 -30.48 0.57 -13.61
N ILE E 55 -29.48 0.69 -12.72
CA ILE E 55 -28.10 0.90 -13.17
C ILE E 55 -27.62 -0.32 -13.95
N GLN E 56 -28.03 -1.52 -13.55
CA GLN E 56 -27.61 -2.71 -14.28
C GLN E 56 -28.23 -2.74 -15.67
N ARG E 57 -29.52 -2.43 -15.79
CA ARG E 57 -30.13 -2.37 -17.11
C ARG E 57 -29.44 -1.33 -17.99
N LEU E 58 -29.13 -0.15 -17.42
CA LEU E 58 -28.42 0.87 -18.18
C LEU E 58 -27.04 0.39 -18.60
N ASP E 59 -26.34 -0.34 -17.72
CA ASP E 59 -25.02 -0.84 -18.06
C ASP E 59 -25.07 -1.86 -19.18
N ARG E 60 -26.11 -2.70 -19.22
CA ARG E 60 -26.23 -3.65 -20.32
C ARG E 60 -26.56 -2.94 -21.62
N ALA E 61 -27.43 -1.92 -21.58
CA ALA E 61 -27.70 -1.14 -22.79
C ALA E 61 -26.44 -0.43 -23.28
N VAL E 62 -25.64 0.10 -22.34
CA VAL E 62 -24.39 0.78 -22.70
C VAL E 62 -23.40 -0.22 -23.28
N ALA E 63 -23.36 -1.44 -22.75
CA ALA E 63 -22.50 -2.48 -23.31
C ALA E 63 -22.93 -2.84 -24.72
N THR E 64 -24.23 -2.89 -24.97
CA THR E 64 -24.73 -3.15 -26.32
C THR E 64 -24.30 -2.04 -27.28
N ALA E 65 -24.50 -0.78 -26.89
CA ALA E 65 -24.10 0.32 -27.74
C ALA E 65 -22.59 0.34 -27.94
N GLN E 66 -21.82 -0.05 -26.92
CA GLN E 66 -20.36 -0.07 -27.03
C GLN E 66 -19.90 -1.16 -27.98
N GLY E 67 -20.50 -2.35 -27.90
CA GLY E 67 -20.17 -3.41 -28.84
C GLY E 67 -20.55 -3.04 -30.26
N LEU E 68 -21.67 -2.33 -30.43
CA LEU E 68 -22.03 -1.86 -31.76
C LEU E 68 -21.04 -0.83 -32.28
N LEU E 69 -20.59 0.06 -31.40
CA LEU E 69 -19.62 1.08 -31.81
C LEU E 69 -18.26 0.47 -32.14
N SER E 70 -17.89 -0.60 -31.44
CA SER E 70 -16.59 -1.22 -31.66
C SER E 70 -16.43 -1.76 -33.08
N ARG E 71 -17.53 -1.97 -33.80
CA ARG E 71 -17.45 -2.42 -35.19
C ARG E 71 -16.86 -1.35 -36.10
N VAL E 72 -16.78 -0.10 -35.64
CA VAL E 72 -16.19 0.96 -36.46
C VAL E 72 -14.73 0.66 -36.77
N HIS E 73 -14.08 -0.19 -35.97
CA HIS E 73 -12.70 -0.55 -36.18
C HIS E 73 -12.51 -1.56 -37.30
N SER E 74 -13.61 -2.09 -37.85
CA SER E 74 -13.56 -2.96 -39.01
C SER E 74 -14.53 -2.54 -40.11
N THR E 75 -15.25 -1.43 -39.93
CA THR E 75 -16.22 -0.94 -40.88
C THR E 75 -15.63 0.20 -41.70
N PRO E 76 -15.70 0.12 -43.03
CA PRO E 76 -15.23 1.24 -43.85
C PRO E 76 -16.10 2.48 -43.66
N ARG E 77 -15.52 3.63 -44.00
CA ARG E 77 -16.23 4.89 -43.87
C ARG E 77 -17.51 4.89 -44.69
N SER E 78 -17.45 4.33 -45.91
CA SER E 78 -18.62 4.28 -46.78
C SER E 78 -19.77 3.54 -46.12
N ARG E 79 -19.47 2.59 -45.24
CA ARG E 79 -20.48 1.80 -44.55
C ARG E 79 -20.80 2.35 -43.17
N TYR E 80 -20.49 3.64 -42.92
CA TYR E 80 -20.79 4.22 -41.61
C TYR E 80 -22.29 4.43 -41.37
N PRO E 81 -23.07 4.99 -42.31
CA PRO E 81 -24.48 5.29 -41.99
C PRO E 81 -25.28 4.09 -41.51
N GLN E 82 -24.92 2.87 -41.92
CA GLN E 82 -25.59 1.69 -41.40
C GLN E 82 -25.34 1.57 -39.91
N LEU E 83 -24.09 1.27 -39.54
CA LEU E 83 -23.68 1.13 -38.15
C LEU E 83 -24.23 2.24 -37.27
N VAL E 84 -24.09 3.49 -37.73
CA VAL E 84 -24.56 4.64 -36.96
C VAL E 84 -26.01 4.46 -36.54
N SER E 85 -26.88 4.15 -37.51
CA SER E 85 -28.28 3.90 -37.19
C SER E 85 -28.40 2.81 -36.14
N GLN E 86 -27.71 1.68 -36.35
CA GLN E 86 -27.74 0.60 -35.39
C GLN E 86 -27.30 1.08 -34.01
N VAL E 87 -26.29 1.96 -33.96
CA VAL E 87 -25.85 2.51 -32.69
C VAL E 87 -26.91 3.46 -32.13
N GLU E 88 -27.50 4.28 -33.00
CA GLU E 88 -28.51 5.24 -32.57
C GLU E 88 -29.61 4.54 -31.76
N ALA E 89 -30.23 3.52 -32.36
CA ALA E 89 -31.21 2.71 -31.66
C ALA E 89 -30.69 2.30 -30.29
N ALA E 90 -29.49 1.72 -30.24
CA ALA E 90 -28.90 1.33 -28.98
C ALA E 90 -28.87 2.48 -27.99
N VAL E 91 -28.35 3.64 -28.42
CA VAL E 91 -28.32 4.81 -27.56
C VAL E 91 -29.73 5.14 -27.09
N LYS E 92 -30.69 5.13 -28.02
CA LYS E 92 -32.08 5.41 -27.66
C LYS E 92 -32.56 4.47 -26.56
N GLU E 93 -32.22 3.18 -26.69
CA GLU E 93 -32.55 2.22 -25.64
C GLU E 93 -32.04 2.71 -24.29
N GLU E 94 -30.77 3.08 -24.24
CA GLU E 94 -30.19 3.67 -23.03
C GLU E 94 -31.12 4.76 -22.48
N ALA E 95 -31.48 5.72 -23.33
CA ALA E 95 -32.31 6.84 -22.89
C ALA E 95 -33.56 6.35 -22.17
N ALA E 96 -34.22 5.34 -22.72
CA ALA E 96 -35.40 4.79 -22.08
C ALA E 96 -35.10 4.46 -20.62
N ILE E 97 -34.10 3.60 -20.39
CA ILE E 97 -33.75 3.23 -19.03
C ILE E 97 -33.38 4.47 -18.22
N ILE E 98 -32.63 5.40 -18.84
CA ILE E 98 -32.27 6.62 -18.14
C ILE E 98 -33.52 7.38 -17.70
N SER E 99 -34.52 7.45 -18.57
CA SER E 99 -35.74 8.16 -18.23
C SER E 99 -36.42 7.55 -17.03
N GLU E 100 -36.25 6.25 -16.81
CA GLU E 100 -36.77 5.63 -15.60
C GLU E 100 -35.90 6.00 -14.39
N LEU E 101 -34.58 5.91 -14.55
CA LEU E 101 -33.66 6.25 -13.47
C LEU E 101 -33.96 7.63 -12.92
N ASP E 102 -34.03 8.64 -13.81
CA ASP E 102 -34.49 9.97 -13.46
C ASP E 102 -35.71 9.92 -12.55
N THR E 103 -36.79 9.30 -13.03
CA THR E 103 -38.05 9.29 -12.29
C THR E 103 -37.84 8.76 -10.88
N VAL E 104 -36.95 7.78 -10.70
CA VAL E 104 -36.67 7.30 -9.36
C VAL E 104 -35.73 8.25 -8.64
N ALA E 105 -34.59 8.56 -9.27
CA ALA E 105 -33.52 9.27 -8.57
C ALA E 105 -33.97 10.67 -8.16
N SER E 106 -34.91 11.26 -8.89
CA SER E 106 -35.37 12.60 -8.60
C SER E 106 -36.24 12.67 -7.35
N LYS E 107 -36.62 11.53 -6.77
CA LYS E 107 -37.43 11.55 -5.56
C LYS E 107 -36.60 11.51 -4.28
N HIS E 108 -35.29 11.44 -4.39
CA HIS E 108 -34.38 11.40 -3.27
C HIS E 108 -33.23 12.36 -3.53
N PRO E 109 -32.53 12.79 -2.47
CA PRO E 109 -31.44 13.76 -2.66
C PRO E 109 -30.42 13.28 -3.68
N TYR E 110 -30.02 14.20 -4.57
CA TYR E 110 -29.13 13.81 -5.66
C TYR E 110 -27.76 13.37 -5.14
N TYR E 111 -27.17 14.16 -4.26
CA TYR E 111 -25.83 13.88 -3.75
C TYR E 111 -25.80 12.75 -2.74
N LYS E 112 -26.97 12.21 -2.36
CA LYS E 112 -27.00 11.03 -1.50
C LYS E 112 -26.74 9.74 -2.30
N TYR E 113 -27.09 9.73 -3.58
CA TYR E 113 -27.02 8.52 -4.38
C TYR E 113 -26.33 8.69 -5.73
N ASN E 114 -25.78 9.87 -6.03
CA ASN E 114 -25.26 10.13 -7.37
C ASN E 114 -24.06 9.25 -7.70
N GLN E 115 -23.23 8.95 -6.70
CA GLN E 115 -22.02 8.18 -6.93
C GLN E 115 -22.31 6.75 -7.39
N ARG E 116 -23.57 6.34 -7.43
CA ARG E 116 -23.92 4.99 -7.87
C ARG E 116 -24.13 4.89 -9.37
N TRP E 117 -24.56 5.98 -10.02
CA TRP E 117 -24.83 5.96 -11.45
C TRP E 117 -23.89 6.84 -12.26
N THR E 118 -23.06 7.65 -11.60
CA THR E 118 -22.23 8.62 -12.33
C THR E 118 -21.35 7.94 -13.37
N ARG E 119 -20.81 6.76 -13.05
CA ARG E 119 -19.97 6.05 -14.01
C ARG E 119 -20.79 5.56 -15.19
N SER E 120 -21.97 4.98 -14.91
CA SER E 120 -22.83 4.48 -15.99
C SER E 120 -23.34 5.63 -16.85
N MET E 121 -23.73 6.74 -16.23
CA MET E 121 -24.16 7.90 -16.99
C MET E 121 -23.03 8.44 -17.85
N GLN E 122 -21.80 8.45 -17.31
CA GLN E 122 -20.65 8.87 -18.09
C GLN E 122 -20.46 7.98 -19.31
N HIS E 123 -20.56 6.66 -19.12
CA HIS E 123 -20.40 5.74 -20.25
C HIS E 123 -21.49 5.94 -21.29
N ALA E 124 -22.74 6.17 -20.85
CA ALA E 124 -23.83 6.38 -21.80
C ALA E 124 -23.65 7.67 -22.58
N ILE E 125 -23.26 8.75 -21.90
CA ILE E 125 -22.91 10.00 -22.56
C ILE E 125 -21.82 9.74 -23.59
N GLY E 126 -20.83 8.91 -23.24
CA GLY E 126 -19.77 8.61 -24.17
C GLY E 126 -20.27 7.90 -25.42
N THR E 127 -21.16 6.92 -25.24
CA THR E 127 -21.72 6.23 -26.40
C THR E 127 -22.50 7.19 -27.29
N ALA E 128 -23.27 8.09 -26.69
CA ALA E 128 -24.04 9.05 -27.49
C ALA E 128 -23.11 9.99 -28.26
N ILE E 129 -22.07 10.51 -27.60
CA ILE E 129 -21.15 11.42 -28.27
C ILE E 129 -20.39 10.69 -29.38
N TYR E 130 -19.99 9.44 -29.14
CA TYR E 130 -19.34 8.64 -30.16
C TYR E 130 -20.26 8.45 -31.37
N CYS E 131 -21.53 8.14 -31.10
CA CYS E 131 -22.49 7.96 -32.19
C CYS E 131 -22.63 9.23 -33.02
N ALA E 132 -22.72 10.38 -32.35
CA ALA E 132 -22.86 11.63 -33.09
C ALA E 132 -21.59 11.99 -33.84
N TRP E 133 -20.41 11.68 -33.28
CA TRP E 133 -19.15 11.91 -33.98
C TRP E 133 -19.10 11.15 -35.29
N LEU E 134 -19.70 9.96 -35.34
CA LEU E 134 -19.77 9.16 -36.54
C LEU E 134 -20.89 9.59 -37.48
N GLY E 135 -21.56 10.70 -37.19
CA GLY E 135 -22.62 11.22 -38.03
C GLY E 135 -24.03 11.00 -37.53
N GLY E 136 -24.21 10.57 -36.27
CA GLY E 136 -25.54 10.31 -35.75
C GLY E 136 -26.16 11.51 -35.06
N PHE E 137 -27.45 11.35 -34.74
CA PHE E 137 -28.26 12.34 -34.03
C PHE E 137 -28.07 13.75 -34.58
N PRO E 138 -28.53 14.03 -35.81
CA PRO E 138 -28.41 15.38 -36.38
C PRO E 138 -29.58 16.27 -35.99
N ALA E 150 -24.37 13.27 -41.36
CA ALA E 150 -23.50 13.59 -42.50
C ALA E 150 -22.10 13.93 -42.04
N GLU E 151 -21.97 14.94 -41.19
CA GLU E 151 -20.67 15.41 -40.73
C GLU E 151 -20.01 14.37 -39.82
N ILE E 152 -18.82 13.94 -40.21
CA ILE E 152 -17.96 13.13 -39.34
C ILE E 152 -17.12 14.07 -38.50
N GLY E 153 -17.19 13.92 -37.19
CA GLY E 153 -16.48 14.79 -36.27
C GLY E 153 -17.33 15.78 -35.52
N ARG E 154 -18.65 15.62 -35.52
CA ARG E 154 -19.53 16.52 -34.79
C ARG E 154 -19.46 16.20 -33.31
N LEU E 155 -19.32 17.24 -32.49
CA LEU E 155 -19.17 17.09 -31.05
C LEU E 155 -20.41 17.65 -30.36
N LEU E 156 -21.20 16.76 -29.76
CA LEU E 156 -22.39 17.18 -29.03
C LEU E 156 -21.99 18.01 -27.83
N THR E 157 -22.67 19.13 -27.63
CA THR E 157 -22.51 19.86 -26.39
C THR E 157 -23.28 19.16 -25.27
N LEU E 158 -23.01 19.57 -24.03
CA LEU E 158 -23.69 19.00 -22.88
C LEU E 158 -25.20 19.10 -23.02
N GLU E 159 -25.68 20.23 -23.56
CA GLU E 159 -27.11 20.46 -23.70
C GLU E 159 -27.72 19.51 -24.74
N GLU E 160 -26.98 19.23 -25.82
CA GLU E 160 -27.47 18.27 -26.80
C GLU E 160 -27.53 16.86 -26.24
N VAL E 161 -26.57 16.51 -25.38
CA VAL E 161 -26.60 15.21 -24.71
C VAL E 161 -27.83 15.13 -23.81
N GLY E 162 -28.08 16.18 -23.03
CA GLY E 162 -29.26 16.21 -22.20
C GLY E 162 -30.55 16.12 -22.99
N THR E 163 -30.58 16.75 -24.17
CA THR E 163 -31.72 16.64 -25.06
C THR E 163 -31.93 15.20 -25.51
N ILE E 164 -30.84 14.54 -25.93
CA ILE E 164 -30.95 13.15 -26.39
C ILE E 164 -31.44 12.24 -25.26
N PHE E 165 -30.95 12.46 -24.05
CA PHE E 165 -31.32 11.61 -22.92
C PHE E 165 -32.51 12.15 -22.14
N SER E 166 -33.10 13.27 -22.57
CA SER E 166 -34.29 13.83 -21.93
C SER E 166 -34.09 14.05 -20.44
N VAL E 167 -32.93 14.60 -20.08
CA VAL E 167 -32.61 14.89 -18.68
C VAL E 167 -31.94 16.24 -18.60
N PRO E 168 -32.10 16.93 -17.47
CA PRO E 168 -31.44 18.22 -17.31
C PRO E 168 -29.93 18.07 -17.17
N THR E 169 -29.21 19.15 -17.44
CA THR E 169 -27.76 19.17 -17.38
C THR E 169 -27.30 20.34 -16.53
N ASN E 170 -26.32 20.07 -15.66
CA ASN E 170 -25.67 21.10 -14.84
C ASN E 170 -26.68 21.82 -13.95
N LEU E 171 -27.47 21.03 -13.22
CA LEU E 171 -28.37 21.59 -12.22
C LEU E 171 -27.57 22.08 -11.02
N LYS E 172 -27.98 23.19 -10.43
CA LYS E 172 -27.32 23.71 -9.23
C LYS E 172 -28.30 23.83 -8.07
N ASP E 173 -29.20 24.81 -8.08
CA ASP E 173 -30.14 25.02 -6.99
C ASP E 173 -31.42 24.22 -7.15
N ARG E 174 -31.38 23.09 -7.86
CA ARG E 174 -32.53 22.21 -8.02
C ARG E 174 -32.07 20.78 -7.82
N ASP E 175 -32.60 20.12 -6.80
CA ASP E 175 -32.21 18.75 -6.47
C ASP E 175 -33.06 17.79 -7.30
N ALA E 176 -32.49 17.30 -8.40
CA ALA E 176 -33.14 16.33 -9.25
C ALA E 176 -32.06 15.60 -10.04
N PHE E 177 -32.41 14.42 -10.55
CA PHE E 177 -31.46 13.66 -11.36
C PHE E 177 -31.07 14.47 -12.58
N HIS E 178 -29.77 14.58 -12.82
CA HIS E 178 -29.26 15.39 -13.90
C HIS E 178 -27.91 14.85 -14.35
N ILE E 179 -27.39 15.43 -15.43
CA ILE E 179 -26.10 15.08 -15.99
C ILE E 179 -25.14 16.22 -15.66
N THR E 180 -23.94 15.85 -15.20
CA THR E 180 -22.96 16.83 -14.74
C THR E 180 -21.95 17.16 -15.84
N ILE E 181 -21.30 18.32 -15.67
CA ILE E 181 -20.19 18.69 -16.55
C ILE E 181 -19.07 17.66 -16.43
N GLU E 182 -18.83 17.17 -15.21
CA GLU E 182 -17.73 16.24 -14.98
C GLU E 182 -17.95 14.92 -15.73
N GLU E 183 -19.19 14.40 -15.69
CA GLU E 183 -19.52 13.19 -16.44
C GLU E 183 -19.22 13.38 -17.93
N TYR E 184 -19.63 14.53 -18.47
CA TYR E 184 -19.45 14.83 -19.89
C TYR E 184 -17.96 14.90 -20.25
N LEU E 185 -17.17 15.59 -19.44
CA LEU E 185 -15.75 15.73 -19.74
C LEU E 185 -15.01 14.40 -19.60
N LEU E 186 -15.40 13.58 -18.62
CA LEU E 186 -14.76 12.26 -18.49
C LEU E 186 -15.11 11.37 -19.69
N SER E 187 -16.36 11.43 -20.14
CA SER E 187 -16.73 10.71 -21.36
C SER E 187 -15.91 11.18 -22.55
N LEU E 188 -15.62 12.48 -22.62
CA LEU E 188 -14.78 12.99 -23.71
C LEU E 188 -13.35 12.44 -23.60
N VAL E 189 -12.82 12.39 -22.39
CA VAL E 189 -11.48 11.83 -22.18
C VAL E 189 -11.43 10.39 -22.67
N ASP E 190 -12.47 9.61 -22.37
CA ASP E 190 -12.52 8.23 -22.88
C ASP E 190 -12.64 8.20 -24.40
N LEU E 191 -13.43 9.12 -24.96
CA LEU E 191 -13.63 9.14 -26.40
C LEU E 191 -12.33 9.41 -27.14
N THR E 192 -11.42 10.18 -26.55
CA THR E 192 -10.15 10.42 -27.23
C THR E 192 -9.34 9.14 -27.39
N GLN E 193 -9.34 8.28 -26.36
CA GLN E 193 -8.66 6.99 -26.50
C GLN E 193 -9.34 6.13 -27.56
N ASP E 194 -10.67 6.09 -27.54
CA ASP E 194 -11.40 5.37 -28.59
C ASP E 194 -11.03 5.88 -29.97
N LEU E 195 -10.88 7.19 -30.12
CA LEU E 195 -10.61 7.78 -31.42
C LEU E 195 -9.16 7.57 -31.85
N SER E 196 -8.22 7.48 -30.91
CA SER E 196 -6.86 7.10 -31.27
C SER E 196 -6.84 5.70 -31.86
N ARG E 197 -7.49 4.75 -31.18
CA ARG E 197 -7.61 3.41 -31.74
C ARG E 197 -8.26 3.46 -33.13
N LEU E 198 -9.30 4.28 -33.28
CA LEU E 198 -10.00 4.38 -34.55
C LEU E 198 -9.08 4.92 -35.65
N ALA E 199 -8.22 5.89 -35.31
CA ALA E 199 -7.32 6.45 -36.31
C ALA E 199 -6.32 5.40 -36.80
N THR E 200 -5.76 4.63 -35.86
CA THR E 200 -4.87 3.53 -36.25
C THR E 200 -5.59 2.57 -37.20
N ASN E 201 -6.77 2.11 -36.80
CA ASN E 201 -7.50 1.15 -37.64
C ASN E 201 -7.93 1.78 -38.96
N SER E 202 -8.14 3.10 -38.98
CA SER E 202 -8.52 3.78 -40.23
C SER E 202 -7.37 3.73 -41.22
N VAL E 203 -6.16 4.07 -40.77
CA VAL E 203 -5.01 3.94 -41.65
C VAL E 203 -4.90 2.51 -42.17
N THR E 204 -5.17 1.53 -41.30
CA THR E 204 -5.15 0.15 -41.79
C THR E 204 -6.22 -0.10 -42.86
N LEU E 205 -7.40 0.51 -42.69
CA LEU E 205 -8.51 0.29 -43.62
C LEU E 205 -8.41 1.10 -44.89
N GLY E 206 -7.49 2.05 -44.99
CA GLY E 206 -7.32 2.86 -46.17
C GLY E 206 -7.88 4.27 -46.08
N ASP E 207 -8.61 4.59 -45.02
CA ASP E 207 -9.15 5.94 -44.82
C ASP E 207 -8.06 6.81 -44.22
N PHE E 208 -7.37 7.59 -45.06
CA PHE E 208 -6.26 8.42 -44.62
C PHE E 208 -6.71 9.81 -44.15
N GLN E 209 -7.96 10.19 -44.38
CA GLN E 209 -8.42 11.50 -43.96
C GLN E 209 -9.03 11.50 -42.57
N LEU E 210 -9.58 10.36 -42.13
CA LEU E 210 -10.15 10.28 -40.80
C LEU E 210 -9.14 10.53 -39.68
N PRO E 211 -7.89 10.05 -39.76
CA PRO E 211 -6.90 10.43 -38.73
C PRO E 211 -6.73 11.93 -38.61
N LEU E 212 -6.91 12.69 -39.69
CA LEU E 212 -6.80 14.14 -39.58
C LEU E 212 -7.93 14.73 -38.74
N THR E 213 -9.16 14.25 -38.97
CA THR E 213 -10.29 14.67 -38.15
C THR E 213 -10.05 14.33 -36.68
N ILE E 214 -9.60 13.10 -36.42
CA ILE E 214 -9.34 12.68 -35.06
C ILE E 214 -8.26 13.54 -34.42
N SER E 215 -7.23 13.89 -35.20
CA SER E 215 -6.18 14.76 -34.70
C SER E 215 -6.72 16.12 -34.29
N ALA E 216 -7.54 16.72 -35.15
CA ALA E 216 -8.16 18.00 -34.83
C ALA E 216 -8.95 17.92 -33.53
N PHE E 217 -9.81 16.89 -33.41
CA PHE E 217 -10.64 16.75 -32.22
C PHE E 217 -9.80 16.59 -30.96
N VAL E 218 -8.85 15.66 -30.98
CA VAL E 218 -8.08 15.36 -29.78
C VAL E 218 -7.20 16.55 -29.40
N LYS E 219 -6.63 17.24 -30.39
CA LYS E 219 -5.83 18.41 -30.10
C LYS E 219 -6.66 19.52 -29.46
N ASP E 220 -7.85 19.78 -30.00
CA ASP E 220 -8.69 20.83 -29.42
C ASP E 220 -9.14 20.46 -28.01
N LEU E 221 -9.47 19.19 -27.78
CA LEU E 221 -9.87 18.78 -26.44
C LEU E 221 -8.71 18.95 -25.45
N PHE E 222 -7.51 18.56 -25.85
CA PHE E 222 -6.36 18.72 -24.96
C PHE E 222 -6.08 20.19 -24.69
N ALA E 223 -6.25 21.04 -25.70
CA ALA E 223 -6.06 22.47 -25.49
C ALA E 223 -7.06 23.00 -24.47
N GLY E 224 -8.33 22.65 -24.64
CA GLY E 224 -9.34 23.09 -23.69
C GLY E 224 -9.06 22.61 -22.28
N PHE E 225 -8.60 21.36 -22.14
CA PHE E 225 -8.29 20.82 -20.83
C PHE E 225 -7.11 21.55 -20.19
N GLN E 226 -6.00 21.70 -20.94
CA GLN E 226 -4.79 22.27 -20.38
C GLN E 226 -4.97 23.74 -20.03
N LEU E 227 -5.72 24.48 -20.84
CA LEU E 227 -5.87 25.91 -20.60
C LEU E 227 -6.60 26.23 -19.31
N LEU E 228 -7.33 25.27 -18.74
CA LEU E 228 -8.14 25.51 -17.55
C LEU E 228 -7.80 24.42 -16.54
N ASN E 229 -6.79 24.67 -15.70
CA ASN E 229 -6.35 23.70 -14.70
C ASN E 229 -7.45 23.41 -13.70
N LEU E 230 -7.96 22.18 -13.71
CA LEU E 230 -9.05 21.80 -12.85
C LEU E 230 -8.56 21.64 -11.41
N LYS E 231 -9.36 22.13 -10.46
CA LYS E 231 -9.08 21.88 -9.05
C LYS E 231 -9.01 20.39 -8.78
N ASN E 232 -10.00 19.64 -9.26
CA ASN E 232 -10.06 18.19 -9.13
C ASN E 232 -8.83 17.55 -9.75
N ASP E 233 -7.92 17.06 -8.92
CA ASP E 233 -6.67 16.48 -9.44
C ASP E 233 -6.89 15.12 -10.09
N ILE E 234 -8.00 14.45 -9.84
CA ILE E 234 -8.31 13.22 -10.57
C ILE E 234 -8.73 13.57 -12.00
N ILE E 235 -9.57 14.58 -12.16
CA ILE E 235 -9.92 15.06 -13.50
C ILE E 235 -8.68 15.63 -14.18
N ARG E 236 -7.80 16.28 -13.42
CA ARG E 236 -6.56 16.80 -13.99
C ARG E 236 -5.65 15.66 -14.45
N LYS E 237 -5.61 14.57 -13.70
CA LYS E 237 -4.84 13.40 -14.12
C LYS E 237 -5.41 12.80 -15.40
N ARG E 238 -6.74 12.65 -15.44
CA ARG E 238 -7.37 12.14 -16.66
C ARG E 238 -7.14 13.07 -17.85
N ALA E 239 -7.05 14.38 -17.59
CA ALA E 239 -6.81 15.33 -18.68
C ALA E 239 -5.37 15.25 -19.17
N ASP E 240 -4.41 15.05 -18.25
CA ASP E 240 -3.05 14.78 -18.68
C ASP E 240 -2.95 13.47 -19.46
N SER E 241 -3.85 12.53 -19.18
CA SER E 241 -3.87 11.28 -19.95
C SER E 241 -4.21 11.51 -21.42
N VAL E 242 -4.81 12.66 -21.76
CA VAL E 242 -5.15 12.95 -23.15
C VAL E 242 -3.91 13.28 -23.97
N LYS E 243 -2.84 13.73 -23.30
CA LYS E 243 -1.60 14.05 -23.99
C LYS E 243 -1.06 12.84 -24.76
N TYR E 244 -1.17 11.66 -24.17
CA TYR E 244 -0.67 10.45 -24.83
C TYR E 244 -1.44 10.16 -26.11
N GLU E 245 -2.76 10.37 -26.07
CA GLU E 245 -3.56 10.17 -27.28
C GLU E 245 -3.24 11.23 -28.33
N VAL E 246 -3.00 12.47 -27.89
CA VAL E 246 -2.55 13.52 -28.81
C VAL E 246 -1.29 13.07 -29.52
N LYS E 247 -0.32 12.55 -28.76
CA LYS E 247 0.94 12.10 -29.35
C LYS E 247 0.70 10.95 -30.33
N ARG E 248 -0.16 10.01 -29.97
CA ARG E 248 -0.43 8.86 -30.83
C ARG E 248 -1.03 9.31 -32.16
N VAL E 249 -2.04 10.16 -32.10
CA VAL E 249 -2.70 10.59 -33.34
C VAL E 249 -1.76 11.49 -34.15
N GLU E 250 -0.94 12.30 -33.48
CA GLU E 250 0.01 13.12 -34.21
C GLU E 250 1.06 12.26 -34.91
N ASP E 251 1.45 11.15 -34.30
CA ASP E 251 2.40 10.25 -34.97
C ASP E 251 1.75 9.55 -36.15
N ILE E 252 0.47 9.19 -36.03
CA ILE E 252 -0.25 8.63 -37.20
C ILE E 252 -0.26 9.65 -38.33
N VAL E 253 -0.57 10.90 -38.02
CA VAL E 253 -0.62 11.94 -39.04
C VAL E 253 0.78 12.16 -39.63
N TYR E 254 1.81 12.07 -38.79
CA TYR E 254 3.18 12.16 -39.27
C TYR E 254 3.48 11.07 -40.29
N ASP E 255 3.14 9.83 -39.94
CA ASP E 255 3.36 8.71 -40.85
C ASP E 255 2.65 8.94 -42.17
N LEU E 256 1.40 9.38 -42.12
CA LEU E 256 0.65 9.61 -43.35
C LEU E 256 1.23 10.78 -44.15
N SER E 257 1.77 11.79 -43.47
CA SER E 257 2.36 12.94 -44.15
C SER E 257 3.64 12.54 -44.88
N LEU E 258 4.49 11.77 -44.20
CA LEU E 258 5.73 11.27 -44.80
C LEU E 258 5.49 10.55 -46.12
N ARG E 259 4.28 10.04 -46.35
CA ARG E 259 3.94 9.30 -47.55
C ARG E 259 3.06 10.11 -48.49
N GLY E 260 2.84 11.39 -48.20
CA GLY E 260 2.04 12.23 -49.08
C GLY E 260 0.60 11.81 -49.17
N LEU E 261 0.05 11.26 -48.09
CA LEU E 261 -1.33 10.80 -48.06
C LEU E 261 -2.27 11.80 -47.40
N ILE E 262 -1.77 12.96 -47.00
CA ILE E 262 -2.54 13.96 -46.26
C ILE E 262 -2.38 15.32 -46.92
N GLN E 263 -3.49 16.06 -47.02
CA GLN E 263 -3.46 17.45 -47.44
C GLN E 263 -2.70 18.29 -46.43
N ARG E 264 -1.67 18.99 -46.88
CA ARG E 264 -0.87 19.83 -45.99
C ARG E 264 -1.63 21.09 -45.58
N LEU F 28 23.72 23.67 -26.42
CA LEU F 28 24.95 23.64 -25.62
C LEU F 28 24.75 24.42 -24.33
N LEU F 29 25.04 23.77 -23.21
CA LEU F 29 24.86 24.38 -21.90
C LEU F 29 26.03 25.29 -21.55
N ASP F 30 25.74 26.33 -20.79
CA ASP F 30 26.78 27.24 -20.33
C ASP F 30 27.72 26.51 -19.38
N PRO F 31 29.04 26.72 -19.50
CA PRO F 31 29.97 26.10 -18.55
C PRO F 31 29.74 26.54 -17.12
N SER F 32 29.24 27.76 -16.93
CA SER F 32 28.94 28.23 -15.57
C SER F 32 27.92 27.33 -14.88
N ILE F 33 27.01 26.72 -15.66
CA ILE F 33 26.05 25.81 -15.06
C ILE F 33 26.75 24.57 -14.51
N PHE F 34 27.64 23.97 -15.31
CA PHE F 34 28.44 22.84 -14.83
C PHE F 34 29.21 23.22 -13.56
N ALA F 35 29.89 24.37 -13.59
CA ALA F 35 30.72 24.78 -12.47
C ALA F 35 29.89 25.02 -11.21
N SER F 36 28.78 25.75 -11.34
CA SER F 36 27.93 26.05 -10.19
C SER F 36 27.31 24.79 -9.64
N LEU F 37 26.90 23.86 -10.51
CA LEU F 37 26.32 22.61 -10.02
C LEU F 37 27.37 21.79 -9.28
N GLU F 38 28.59 21.71 -9.80
CA GLU F 38 29.64 20.97 -9.11
C GLU F 38 29.96 21.60 -7.75
N ALA F 39 30.06 22.93 -7.69
CA ALA F 39 30.32 23.60 -6.42
C ALA F 39 29.19 23.38 -5.42
N LYS F 40 27.95 23.49 -5.88
CA LYS F 40 26.80 23.23 -5.03
C LYS F 40 26.85 21.82 -4.47
N LEU F 41 27.14 20.83 -5.32
CA LEU F 41 27.16 19.45 -4.87
C LEU F 41 28.26 19.21 -3.85
N GLU F 42 29.44 19.81 -4.07
CA GLU F 42 30.49 19.68 -3.07
C GLU F 42 30.08 20.29 -1.74
N GLU F 43 29.46 21.48 -1.77
CA GLU F 43 29.01 22.10 -0.52
C GLU F 43 27.98 21.23 0.19
N GLU F 44 27.01 20.70 -0.56
CA GLU F 44 25.99 19.86 0.05
C GLU F 44 26.61 18.61 0.65
N THR F 45 27.61 18.03 0.00
CA THR F 45 28.28 16.86 0.55
C THR F 45 29.01 17.21 1.84
N GLN F 46 29.73 18.34 1.85
CA GLN F 46 30.37 18.83 3.07
C GLN F 46 29.38 18.92 4.21
N ILE F 47 28.26 19.60 3.98
CA ILE F 47 27.29 19.84 5.04
C ILE F 47 26.63 18.55 5.49
N ARG F 48 26.33 17.65 4.54
CA ARG F 48 25.75 16.36 4.90
C ARG F 48 26.69 15.56 5.80
N ASP F 49 27.97 15.51 5.44
CA ASP F 49 28.93 14.74 6.24
C ASP F 49 29.09 15.34 7.62
N THR F 50 29.24 16.67 7.71
CA THR F 50 29.41 17.31 9.01
C THR F 50 28.17 17.11 9.89
N LEU F 51 26.99 17.38 9.34
CA LEU F 51 25.76 17.20 10.10
C LEU F 51 25.59 15.74 10.50
N SER F 52 25.99 14.81 9.65
CA SER F 52 25.81 13.39 9.96
C SER F 52 26.71 12.95 11.10
N GLN F 53 27.97 13.37 11.09
CA GLN F 53 28.86 13.00 12.20
C GLN F 53 28.40 13.67 13.49
N LEU F 54 27.94 14.92 13.42
CA LEU F 54 27.43 15.59 14.61
C LEU F 54 26.19 14.90 15.15
N ILE F 55 25.27 14.52 14.28
CA ILE F 55 24.04 13.87 14.72
C ILE F 55 24.33 12.48 15.26
N GLN F 56 25.30 11.78 14.69
CA GLN F 56 25.70 10.48 15.23
C GLN F 56 26.25 10.63 16.65
N ARG F 57 27.14 11.60 16.86
CA ARG F 57 27.69 11.81 18.18
C ARG F 57 26.62 12.24 19.19
N LEU F 58 25.70 13.11 18.76
CA LEU F 58 24.61 13.50 19.63
C LEU F 58 23.72 12.32 19.97
N ASP F 59 23.43 11.47 18.99
CA ASP F 59 22.60 10.30 19.24
C ASP F 59 23.27 9.33 20.20
N ARG F 60 24.59 9.20 20.14
CA ARG F 60 25.27 8.33 21.09
C ARG F 60 25.28 8.92 22.49
N ALA F 61 25.44 10.24 22.60
CA ALA F 61 25.31 10.87 23.91
C ALA F 61 23.90 10.69 24.46
N VAL F 62 22.89 10.81 23.59
CA VAL F 62 21.50 10.62 24.01
C VAL F 62 21.27 9.19 24.45
N ALA F 63 21.88 8.22 23.75
CA ALA F 63 21.76 6.82 24.16
C ALA F 63 22.40 6.58 25.52
N THR F 64 23.53 7.22 25.77
CA THR F 64 24.17 7.10 27.08
C THR F 64 23.28 7.67 28.17
N ALA F 65 22.74 8.86 27.96
CA ALA F 65 21.84 9.47 28.95
C ALA F 65 20.58 8.64 29.15
N GLN F 66 20.08 8.02 28.07
CA GLN F 66 18.88 7.21 28.16
C GLN F 66 19.13 5.94 28.95
N GLY F 67 20.26 5.28 28.69
CA GLY F 67 20.62 4.12 29.50
C GLY F 67 20.83 4.48 30.96
N LEU F 68 21.41 5.64 31.22
CA LEU F 68 21.56 6.10 32.60
C LEU F 68 20.20 6.32 33.25
N LEU F 69 19.27 6.93 32.52
CA LEU F 69 17.92 7.15 33.04
C LEU F 69 17.18 5.83 33.27
N SER F 70 17.48 4.81 32.46
CA SER F 70 16.79 3.54 32.57
C SER F 70 17.00 2.88 33.94
N ARG F 71 18.05 3.25 34.66
CA ARG F 71 18.28 2.70 35.99
C ARG F 71 17.21 3.13 36.99
N VAL F 72 16.39 4.13 36.66
CA VAL F 72 15.33 4.57 37.56
C VAL F 72 14.30 3.48 37.77
N HIS F 73 14.21 2.52 36.85
CA HIS F 73 13.28 1.40 36.99
C HIS F 73 13.75 0.36 37.99
N SER F 74 14.97 0.51 38.52
CA SER F 74 15.51 -0.40 39.52
C SER F 74 16.10 0.35 40.71
N THR F 75 15.97 1.67 40.75
CA THR F 75 16.55 2.49 41.80
C THR F 75 15.46 3.05 42.70
N PRO F 76 15.56 2.89 44.02
CA PRO F 76 14.60 3.52 44.92
C PRO F 76 14.74 5.03 44.90
N ARG F 77 13.66 5.70 45.32
CA ARG F 77 13.64 7.16 45.34
C ARG F 77 14.78 7.72 46.19
N SER F 78 15.07 7.06 47.31
CA SER F 78 16.12 7.54 48.21
C SER F 78 17.46 7.67 47.50
N ARG F 79 17.72 6.83 46.51
CA ARG F 79 18.99 6.84 45.77
C ARG F 79 18.89 7.59 44.45
N TYR F 80 17.86 8.43 44.28
CA TYR F 80 17.70 9.22 43.06
C TYR F 80 18.81 10.25 42.88
N PRO F 81 19.22 11.00 43.92
CA PRO F 81 20.28 12.00 43.70
C PRO F 81 21.58 11.42 43.15
N GLN F 82 21.88 10.15 43.46
CA GLN F 82 23.05 9.52 42.87
C GLN F 82 22.89 9.35 41.37
N LEU F 83 21.74 8.86 40.94
CA LEU F 83 21.49 8.69 39.51
C LEU F 83 21.41 10.03 38.80
N VAL F 84 20.65 10.98 39.39
CA VAL F 84 20.38 12.26 38.74
C VAL F 84 21.69 12.92 38.30
N SER F 85 22.63 13.08 39.24
CA SER F 85 23.92 13.67 38.89
C SER F 85 24.56 12.95 37.72
N GLN F 86 24.61 11.62 37.78
CA GLN F 86 25.17 10.85 36.67
C GLN F 86 24.44 11.15 35.37
N VAL F 87 23.12 11.29 35.41
CA VAL F 87 22.37 11.67 34.22
C VAL F 87 22.72 13.10 33.82
N GLU F 88 22.81 14.01 34.80
CA GLU F 88 23.08 15.41 34.51
C GLU F 88 24.32 15.55 33.64
N ALA F 89 25.44 15.00 34.11
CA ALA F 89 26.67 15.00 33.33
C ALA F 89 26.42 14.54 31.90
N ALA F 90 25.74 13.40 31.75
CA ALA F 90 25.45 12.88 30.42
C ALA F 90 24.70 13.92 29.59
N VAL F 91 23.66 14.52 30.17
CA VAL F 91 22.92 15.57 29.48
C VAL F 91 23.86 16.70 29.07
N LYS F 92 24.73 17.12 30.01
CA LYS F 92 25.71 18.14 29.68
C LYS F 92 26.55 17.74 28.48
N GLU F 93 26.96 16.46 28.43
CA GLU F 93 27.69 15.97 27.27
C GLU F 93 26.91 16.25 25.99
N GLU F 94 25.61 15.88 25.98
CA GLU F 94 24.75 16.20 24.85
C GLU F 94 24.91 17.65 24.45
N ALA F 95 24.74 18.56 25.43
CA ALA F 95 24.82 19.98 25.14
C ALA F 95 26.09 20.33 24.39
N ALA F 96 27.23 19.75 24.82
CA ALA F 96 28.50 20.02 24.14
C ALA F 96 28.37 19.78 22.64
N ILE F 97 27.94 18.57 22.27
CA ILE F 97 27.77 18.26 20.85
C ILE F 97 26.76 19.22 20.23
N ILE F 98 25.67 19.51 20.93
CA ILE F 98 24.68 20.45 20.42
C ILE F 98 25.33 21.80 20.14
N SER F 99 26.20 22.25 21.05
CA SER F 99 26.84 23.54 20.84
C SER F 99 27.65 23.58 19.56
N GLU F 100 28.20 22.43 19.15
CA GLU F 100 28.86 22.38 17.85
C GLU F 100 27.83 22.38 16.74
N LEU F 101 26.79 21.55 16.87
CA LEU F 101 25.73 21.48 15.86
C LEU F 101 25.20 22.87 15.55
N ASP F 102 24.75 23.58 16.59
CA ASP F 102 24.37 24.98 16.47
C ASP F 102 25.36 25.74 15.60
N THR F 103 26.62 25.78 16.02
CA THR F 103 27.65 26.53 15.30
C THR F 103 27.67 26.15 13.82
N VAL F 104 27.54 24.87 13.51
CA VAL F 104 27.51 24.45 12.11
C VAL F 104 26.17 24.81 11.49
N ALA F 105 25.08 24.44 12.14
CA ALA F 105 23.76 24.52 11.51
C ALA F 105 23.33 25.96 11.29
N SER F 106 23.84 26.89 12.10
CA SER F 106 23.50 28.29 11.92
C SER F 106 24.17 28.91 10.71
N LYS F 107 25.16 28.22 10.11
CA LYS F 107 25.86 28.77 8.95
C LYS F 107 25.13 28.50 7.65
N HIS F 108 23.99 27.84 7.70
CA HIS F 108 23.16 27.53 6.53
C HIS F 108 21.71 27.76 6.90
N PRO F 109 20.82 27.88 5.92
CA PRO F 109 19.40 28.07 6.24
C PRO F 109 18.87 26.96 7.13
N TYR F 110 18.06 27.36 8.12
CA TYR F 110 17.56 26.39 9.09
C TYR F 110 16.62 25.39 8.42
N TYR F 111 15.65 25.88 7.65
CA TYR F 111 14.62 25.03 7.06
C TYR F 111 15.15 24.16 5.92
N LYS F 112 16.41 24.31 5.53
CA LYS F 112 16.98 23.44 4.52
C LYS F 112 17.54 22.14 5.12
N TYR F 113 17.89 22.15 6.41
CA TYR F 113 18.54 21.00 7.04
C TYR F 113 17.94 20.62 8.38
N ASN F 114 16.86 21.27 8.81
CA ASN F 114 16.32 20.98 10.14
C ASN F 114 15.74 19.58 10.23
N GLN F 115 15.32 19.02 9.10
CA GLN F 115 14.77 17.66 9.09
C GLN F 115 15.75 16.64 9.63
N ARG F 116 17.05 16.93 9.59
CA ARG F 116 18.07 15.92 9.86
C ARG F 116 18.33 15.75 11.35
N TRP F 117 18.11 16.79 12.15
CA TRP F 117 18.42 16.74 13.58
C TRP F 117 17.20 16.86 14.47
N THR F 118 16.01 17.08 13.91
CA THR F 118 14.85 17.39 14.74
C THR F 118 14.50 16.24 15.67
N ARG F 119 14.63 15.00 15.20
CA ARG F 119 14.32 13.86 16.06
C ARG F 119 15.38 13.69 17.14
N SER F 120 16.66 13.84 16.78
CA SER F 120 17.73 13.74 17.76
C SER F 120 17.65 14.85 18.80
N MET F 121 17.35 16.08 18.34
CA MET F 121 17.18 17.18 19.28
C MET F 121 15.99 16.96 20.19
N GLN F 122 14.91 16.41 19.64
CA GLN F 122 13.76 16.05 20.46
C GLN F 122 14.14 15.03 21.54
N HIS F 123 14.93 14.02 21.17
CA HIS F 123 15.37 13.02 22.13
C HIS F 123 16.25 13.63 23.22
N ALA F 124 17.15 14.53 22.84
CA ALA F 124 18.01 15.16 23.84
C ALA F 124 17.20 16.03 24.80
N ILE F 125 16.26 16.81 24.26
CA ILE F 125 15.34 17.57 25.09
C ILE F 125 14.61 16.63 26.05
N GLY F 126 14.21 15.46 25.55
CA GLY F 126 13.51 14.50 26.40
C GLY F 126 14.36 14.00 27.54
N THR F 127 15.64 13.70 27.26
CA THR F 127 16.54 13.26 28.32
C THR F 127 16.70 14.36 29.38
N ALA F 128 16.83 15.61 28.94
CA ALA F 128 16.97 16.70 29.91
C ALA F 128 15.71 16.87 30.76
N ILE F 129 14.54 16.80 30.13
CA ILE F 129 13.29 16.97 30.87
C ILE F 129 13.07 15.82 31.83
N TYR F 130 13.44 14.60 31.43
CA TYR F 130 13.37 13.45 32.32
C TYR F 130 14.30 13.65 33.52
N CYS F 131 15.52 14.11 33.26
CA CYS F 131 16.46 14.37 34.35
C CYS F 131 15.90 15.38 35.34
N ALA F 132 15.29 16.45 34.84
CA ALA F 132 14.76 17.47 35.74
C ALA F 132 13.51 17.00 36.47
N TRP F 133 12.70 16.15 35.82
CA TRP F 133 11.55 15.55 36.50
C TRP F 133 11.98 14.73 37.70
N LEU F 134 13.16 14.13 37.64
CA LEU F 134 13.71 13.33 38.72
C LEU F 134 14.44 14.18 39.76
N GLY F 135 14.34 15.50 39.67
CA GLY F 135 15.00 16.39 40.60
C GLY F 135 16.27 17.04 40.10
N GLY F 136 16.61 16.88 38.82
CA GLY F 136 17.85 17.42 38.30
C GLY F 136 17.71 18.83 37.76
N PHE F 137 18.87 19.44 37.52
CA PHE F 137 18.96 20.80 36.99
C PHE F 137 18.08 21.77 37.77
N PRO F 138 18.35 21.97 39.06
CA PRO F 138 17.46 22.80 39.89
C PRO F 138 17.63 24.29 39.61
N SER F 139 16.64 25.05 40.06
CA SER F 139 16.61 26.51 39.90
C SER F 139 16.77 26.92 38.44
N ALA F 150 15.03 15.86 46.11
CA ALA F 150 14.64 17.10 45.44
C ALA F 150 13.21 17.03 44.94
N GLU F 151 12.75 18.12 44.34
CA GLU F 151 11.38 18.22 43.83
C GLU F 151 11.15 17.21 42.71
N ILE F 152 10.43 16.14 43.01
CA ILE F 152 10.11 15.14 41.98
C ILE F 152 8.85 15.59 41.25
N GLY F 153 8.91 15.61 39.92
CA GLY F 153 7.80 15.99 39.10
C GLY F 153 7.89 17.37 38.45
N ARG F 154 9.08 17.97 38.39
CA ARG F 154 9.23 19.30 37.81
C ARG F 154 9.21 19.22 36.29
N LEU F 155 8.46 20.12 35.67
CA LEU F 155 8.35 20.20 34.21
C LEU F 155 9.13 21.41 33.73
N LEU F 156 10.23 21.15 33.03
CA LEU F 156 11.02 22.24 32.46
C LEU F 156 10.21 22.97 31.39
N THR F 157 10.29 24.29 31.41
CA THR F 157 9.76 25.06 30.30
C THR F 157 10.70 24.97 29.11
N LEU F 158 10.16 25.30 27.94
CA LEU F 158 10.98 25.32 26.72
C LEU F 158 12.18 26.25 26.91
N GLU F 159 11.98 27.38 27.58
CA GLU F 159 13.07 28.31 27.85
C GLU F 159 14.13 27.69 28.75
N GLU F 160 13.70 26.87 29.72
CA GLU F 160 14.67 26.22 30.60
C GLU F 160 15.47 25.15 29.85
N VAL F 161 14.83 24.46 28.92
CA VAL F 161 15.55 23.50 28.08
C VAL F 161 16.56 24.22 27.21
N GLY F 162 16.17 25.35 26.62
CA GLY F 162 17.11 26.14 25.84
C GLY F 162 18.27 26.64 26.68
N THR F 163 17.99 27.02 27.93
CA THR F 163 19.06 27.44 28.84
C THR F 163 20.02 26.30 29.11
N ILE F 164 19.49 25.10 29.35
CA ILE F 164 20.35 23.93 29.62
C ILE F 164 21.21 23.61 28.41
N PHE F 165 20.64 23.72 27.20
CA PHE F 165 21.39 23.40 26.00
C PHE F 165 22.05 24.62 25.36
N SER F 166 21.86 25.81 25.94
CA SER F 166 22.51 27.04 25.45
C SER F 166 22.21 27.31 23.98
N VAL F 167 20.97 27.04 23.58
CA VAL F 167 20.49 27.33 22.24
C VAL F 167 19.15 28.06 22.37
N PRO F 168 18.81 28.94 21.44
CA PRO F 168 17.52 29.65 21.53
C PRO F 168 16.35 28.70 21.32
N THR F 169 15.17 29.17 21.72
CA THR F 169 13.93 28.42 21.54
C THR F 169 12.90 29.32 20.87
N ASN F 170 12.09 28.71 19.99
CA ASN F 170 10.98 29.40 19.34
C ASN F 170 11.46 30.61 18.54
N LEU F 171 12.56 30.43 17.78
CA LEU F 171 13.14 31.49 16.98
C LEU F 171 12.30 31.71 15.71
N LYS F 172 11.08 32.17 15.94
CA LYS F 172 10.14 32.40 14.83
C LYS F 172 10.50 33.63 14.00
N ASP F 173 11.64 34.28 14.20
CA ASP F 173 11.93 35.51 13.48
C ASP F 173 13.41 35.64 13.10
N ARG F 174 14.15 34.53 13.05
CA ARG F 174 15.58 34.61 12.74
C ARG F 174 16.05 33.24 12.25
N ASP F 175 16.94 33.25 11.26
CA ASP F 175 17.49 32.01 10.71
C ASP F 175 18.73 31.65 11.51
N ALA F 176 18.54 30.83 12.54
CA ALA F 176 19.62 30.32 13.35
C ALA F 176 19.17 29.01 13.97
N PHE F 177 20.13 28.15 14.28
CA PHE F 177 19.80 26.89 14.94
C PHE F 177 19.07 27.16 16.25
N HIS F 178 17.93 26.53 16.43
CA HIS F 178 17.09 26.75 17.59
C HIS F 178 16.32 25.47 17.90
N ILE F 179 15.50 25.55 18.95
CA ILE F 179 14.69 24.43 19.41
C ILE F 179 13.23 24.82 19.25
N THR F 180 12.43 23.93 18.67
CA THR F 180 11.04 24.22 18.34
C THR F 180 10.09 23.71 19.41
N ILE F 181 8.91 24.34 19.45
CA ILE F 181 7.84 23.88 20.34
C ILE F 181 7.44 22.45 20.01
N GLU F 182 7.50 22.08 18.73
CA GLU F 182 7.10 20.74 18.31
C GLU F 182 8.04 19.68 18.89
N GLU F 183 9.35 19.94 18.85
CA GLU F 183 10.31 19.03 19.45
C GLU F 183 10.01 18.85 20.94
N TYR F 184 9.73 19.95 21.64
CA TYR F 184 9.46 19.92 23.07
C TYR F 184 8.21 19.10 23.38
N LEU F 185 7.13 19.34 22.61
CA LEU F 185 5.89 18.62 22.85
C LEU F 185 6.03 17.14 22.54
N LEU F 186 6.77 16.80 21.49
CA LEU F 186 7.00 15.39 21.15
C LEU F 186 7.82 14.70 22.25
N SER F 187 8.82 15.41 22.78
CA SER F 187 9.60 14.85 23.89
C SER F 187 8.71 14.62 25.11
N LEU F 188 7.75 15.51 25.35
CA LEU F 188 6.81 15.30 26.45
C LEU F 188 5.93 14.08 26.20
N VAL F 189 5.48 13.91 24.96
CA VAL F 189 4.69 12.73 24.60
C VAL F 189 5.47 11.46 24.94
N ASP F 190 6.75 11.42 24.56
CA ASP F 190 7.56 10.25 24.87
C ASP F 190 7.80 10.11 26.37
N LEU F 191 7.92 11.24 27.07
CA LEU F 191 8.14 11.20 28.52
C LEU F 191 6.98 10.52 29.23
N THR F 192 5.75 10.73 28.74
CA THR F 192 4.61 10.06 29.37
C THR F 192 4.73 8.54 29.26
N GLN F 193 5.18 8.04 28.11
CA GLN F 193 5.36 6.61 27.94
C GLN F 193 6.46 6.08 28.86
N ASP F 194 7.53 6.86 29.06
CA ASP F 194 8.54 6.43 30.03
C ASP F 194 7.99 6.40 31.45
N LEU F 195 7.19 7.41 31.81
CA LEU F 195 6.71 7.56 33.18
C LEU F 195 5.70 6.48 33.55
N SER F 196 4.93 5.98 32.57
CA SER F 196 4.02 4.87 32.86
C SER F 196 4.80 3.64 33.34
N ARG F 197 5.85 3.28 32.61
CA ARG F 197 6.72 2.18 33.05
C ARG F 197 7.34 2.49 34.40
N LEU F 198 7.75 3.75 34.62
CA LEU F 198 8.32 4.10 35.92
C LEU F 198 7.35 3.82 37.05
N ALA F 199 6.06 4.15 36.86
CA ALA F 199 5.06 3.91 37.90
C ALA F 199 4.85 2.42 38.13
N THR F 200 4.79 1.64 37.05
CA THR F 200 4.67 0.18 37.19
C THR F 200 5.81 -0.36 38.05
N ASN F 201 7.04 -0.03 37.69
CA ASN F 201 8.19 -0.53 38.43
C ASN F 201 8.24 0.04 39.84
N SER F 202 7.68 1.24 40.05
CA SER F 202 7.60 1.79 41.40
C SER F 202 6.73 0.94 42.29
N VAL F 203 5.57 0.51 41.78
CA VAL F 203 4.76 -0.44 42.53
C VAL F 203 5.55 -1.70 42.81
N THR F 204 6.34 -2.16 41.83
CA THR F 204 7.21 -3.31 42.10
C THR F 204 8.20 -2.99 43.22
N LEU F 205 8.82 -1.80 43.19
CA LEU F 205 9.84 -1.44 44.16
C LEU F 205 9.28 -0.99 45.51
N GLY F 206 7.96 -1.09 45.71
CA GLY F 206 7.36 -0.71 46.97
C GLY F 206 7.10 0.77 47.12
N ASP F 207 7.33 1.57 46.08
CA ASP F 207 7.05 3.01 46.12
C ASP F 207 5.62 3.21 45.64
N PHE F 208 4.71 3.45 46.58
CA PHE F 208 3.30 3.66 46.25
C PHE F 208 2.92 5.13 46.16
N GLN F 209 3.83 6.05 46.50
CA GLN F 209 3.54 7.47 46.41
C GLN F 209 3.98 8.08 45.09
N LEU F 210 4.90 7.44 44.39
CA LEU F 210 5.38 7.92 43.10
C LEU F 210 4.35 7.71 41.99
N PRO F 211 3.66 6.55 41.94
CA PRO F 211 2.59 6.40 40.93
C PRO F 211 1.54 7.51 41.00
N LEU F 212 1.25 8.05 42.18
CA LEU F 212 0.25 9.10 42.30
C LEU F 212 0.71 10.38 41.62
N THR F 213 1.96 10.79 41.88
CA THR F 213 2.49 11.97 41.22
C THR F 213 2.62 11.75 39.71
N ILE F 214 3.00 10.55 39.30
CA ILE F 214 3.09 10.25 37.87
C ILE F 214 1.71 10.34 37.22
N SER F 215 0.67 9.86 37.93
CA SER F 215 -0.68 9.94 37.41
C SER F 215 -1.13 11.38 37.27
N ALA F 216 -0.89 12.19 38.29
CA ALA F 216 -1.23 13.62 38.21
C ALA F 216 -0.53 14.27 37.03
N PHE F 217 0.77 14.01 36.89
CA PHE F 217 1.56 14.62 35.82
C PHE F 217 1.05 14.22 34.44
N VAL F 218 0.86 12.91 34.22
CA VAL F 218 0.45 12.44 32.90
C VAL F 218 -0.97 12.88 32.58
N LYS F 219 -1.85 12.91 33.58
CA LYS F 219 -3.22 13.39 33.36
C LYS F 219 -3.21 14.86 32.95
N ASP F 220 -2.47 15.70 33.67
CA ASP F 220 -2.45 17.12 33.33
C ASP F 220 -1.80 17.35 31.98
N LEU F 221 -0.77 16.58 31.65
CA LEU F 221 -0.13 16.73 30.34
C LEU F 221 -1.08 16.32 29.22
N PHE F 222 -1.83 15.24 29.41
CA PHE F 222 -2.81 14.83 28.40
C PHE F 222 -3.91 15.87 28.25
N ALA F 223 -4.37 16.45 29.36
CA ALA F 223 -5.37 17.50 29.29
C ALA F 223 -4.84 18.70 28.52
N GLY F 224 -3.59 19.09 28.76
CA GLY F 224 -2.99 20.17 27.99
C GLY F 224 -2.85 19.83 26.52
N PHE F 225 -2.55 18.55 26.23
CA PHE F 225 -2.43 18.12 24.83
C PHE F 225 -3.75 18.22 24.10
N GLN F 226 -4.84 17.78 24.72
CA GLN F 226 -6.14 17.84 24.07
C GLN F 226 -6.61 19.28 23.87
N LEU F 227 -6.19 20.18 24.76
CA LEU F 227 -6.58 21.59 24.68
C LEU F 227 -5.74 22.39 23.69
N LEU F 228 -4.79 21.76 23.01
CA LEU F 228 -3.82 22.49 22.21
C LEU F 228 -4.29 22.65 20.76
N ASN F 229 -3.78 23.69 20.11
CA ASN F 229 -4.04 23.93 18.69
C ASN F 229 -3.11 23.09 17.83
N LEU F 230 -3.00 21.80 18.15
CA LEU F 230 -2.20 20.87 17.35
C LEU F 230 -2.87 20.60 16.01
N LYS F 231 -2.55 21.39 15.00
CA LYS F 231 -3.03 21.12 13.65
C LYS F 231 -2.08 20.23 12.87
N ASN F 232 -0.79 20.27 13.20
CA ASN F 232 0.15 19.26 12.72
C ASN F 232 -0.36 17.88 13.10
N ASP F 233 -0.79 17.10 12.11
CA ASP F 233 -1.47 15.84 12.42
C ASP F 233 -0.54 14.86 13.12
N ILE F 234 0.75 14.89 12.83
CA ILE F 234 1.67 13.93 13.47
C ILE F 234 1.72 14.16 14.98
N ILE F 235 1.85 15.43 15.40
CA ILE F 235 1.85 15.74 16.82
C ILE F 235 0.50 15.44 17.44
N ARG F 236 -0.58 15.64 16.67
CA ARG F 236 -1.92 15.36 17.18
C ARG F 236 -2.11 13.87 17.42
N LYS F 237 -1.63 13.03 16.49
CA LYS F 237 -1.69 11.58 16.68
C LYS F 237 -0.87 11.14 17.89
N ARG F 238 0.31 11.73 18.08
CA ARG F 238 1.12 11.33 19.24
C ARG F 238 0.45 11.75 20.55
N ALA F 239 -0.04 12.99 20.60
CA ALA F 239 -0.74 13.46 21.80
C ALA F 239 -2.00 12.64 22.06
N ASP F 240 -2.63 12.10 21.02
CA ASP F 240 -3.75 11.20 21.23
C ASP F 240 -3.29 9.84 21.72
N SER F 241 -2.14 9.36 21.26
CA SER F 241 -1.57 8.11 21.75
C SER F 241 -1.19 8.19 23.22
N VAL F 242 -1.00 9.40 23.75
CA VAL F 242 -0.76 9.59 25.18
C VAL F 242 -1.88 9.00 26.02
N LYS F 243 -3.07 8.83 25.42
CA LYS F 243 -4.23 8.30 26.13
C LYS F 243 -3.95 6.93 26.76
N TYR F 244 -3.20 6.08 26.06
CA TYR F 244 -2.92 4.75 26.58
C TYR F 244 -2.07 4.81 27.84
N GLU F 245 -1.06 5.69 27.85
CA GLU F 245 -0.26 5.87 29.06
C GLU F 245 -1.11 6.42 30.19
N VAL F 246 -2.00 7.37 29.88
CA VAL F 246 -2.90 7.90 30.90
C VAL F 246 -3.71 6.78 31.53
N LYS F 247 -4.29 5.92 30.68
CA LYS F 247 -5.09 4.79 31.18
C LYS F 247 -4.25 3.86 32.04
N ARG F 248 -3.01 3.59 31.62
CA ARG F 248 -2.17 2.67 32.39
C ARG F 248 -1.88 3.21 33.78
N VAL F 249 -1.50 4.49 33.88
CA VAL F 249 -1.18 5.03 35.19
C VAL F 249 -2.44 5.16 36.05
N GLU F 250 -3.58 5.49 35.43
CA GLU F 250 -4.83 5.55 36.18
C GLU F 250 -5.22 4.18 36.70
N ASP F 251 -4.95 3.12 35.92
CA ASP F 251 -5.20 1.76 36.38
C ASP F 251 -4.29 1.39 37.54
N ILE F 252 -3.03 1.84 37.49
CA ILE F 252 -2.12 1.59 38.62
C ILE F 252 -2.66 2.23 39.89
N VAL F 253 -3.09 3.49 39.80
CA VAL F 253 -3.63 4.17 40.98
C VAL F 253 -4.91 3.50 41.45
N TYR F 254 -5.73 3.03 40.50
CA TYR F 254 -6.93 2.27 40.85
C TYR F 254 -6.59 1.00 41.62
N ASP F 255 -5.58 0.27 41.16
CA ASP F 255 -5.15 -0.96 41.83
C ASP F 255 -4.66 -0.66 43.25
N LEU F 256 -3.92 0.44 43.40
CA LEU F 256 -3.45 0.81 44.74
C LEU F 256 -4.60 1.21 45.64
N SER F 257 -5.58 1.94 45.11
CA SER F 257 -6.74 2.32 45.91
C SER F 257 -7.56 1.11 46.33
N LEU F 258 -7.69 0.13 45.43
CA LEU F 258 -8.52 -1.03 45.70
C LEU F 258 -7.99 -1.83 46.89
N ARG F 259 -6.68 -1.90 47.04
CA ARG F 259 -6.04 -2.68 48.10
C ARG F 259 -5.79 -1.88 49.36
N GLY F 260 -6.34 -0.67 49.45
CA GLY F 260 -6.16 0.14 50.65
C GLY F 260 -4.71 0.48 50.95
N LEU F 261 -3.95 0.86 49.91
CA LEU F 261 -2.55 1.20 50.08
C LEU F 261 -2.27 2.69 50.02
N ILE F 262 -3.28 3.50 49.68
CA ILE F 262 -3.11 4.95 49.67
C ILE F 262 -4.37 5.62 50.23
N LEU G 28 23.57 -8.83 31.42
CA LEU G 28 24.45 -7.77 30.95
C LEU G 28 25.23 -8.22 29.71
N LEU G 29 25.29 -7.34 28.71
CA LEU G 29 25.98 -7.63 27.47
C LEU G 29 27.48 -7.37 27.62
N ASP G 30 28.28 -8.20 26.95
CA ASP G 30 29.72 -8.08 27.03
C ASP G 30 30.19 -6.77 26.40
N PRO G 31 31.14 -6.08 27.01
CA PRO G 31 31.67 -4.86 26.38
C PRO G 31 32.34 -5.12 25.04
N SER G 32 32.86 -6.33 24.83
CA SER G 32 33.47 -6.66 23.56
C SER G 32 32.45 -6.62 22.43
N ILE G 33 31.19 -6.91 22.71
CA ILE G 33 30.15 -6.79 21.69
C ILE G 33 30.05 -5.34 21.23
N PHE G 34 29.96 -4.41 22.18
CA PHE G 34 29.87 -3.00 21.84
C PHE G 34 31.09 -2.53 21.07
N ALA G 35 32.28 -2.89 21.55
CA ALA G 35 33.51 -2.45 20.88
C ALA G 35 33.63 -3.03 19.48
N SER G 36 33.32 -4.33 19.32
CA SER G 36 33.39 -4.96 18.01
C SER G 36 32.38 -4.35 17.06
N LEU G 37 31.16 -4.08 17.54
CA LEU G 37 30.15 -3.48 16.69
C LEU G 37 30.56 -2.08 16.25
N GLU G 38 31.11 -1.29 17.18
CA GLU G 38 31.55 0.07 16.84
C GLU G 38 32.67 0.04 15.80
N ALA G 39 33.68 -0.82 16.02
CA ALA G 39 34.79 -0.91 15.06
C ALA G 39 34.32 -1.42 13.72
N LYS G 40 33.46 -2.45 13.72
CA LYS G 40 32.89 -2.97 12.49
C LYS G 40 32.20 -1.87 11.70
N LEU G 41 31.38 -1.06 12.38
CA LEU G 41 30.61 -0.05 11.66
C LEU G 41 31.50 1.07 11.14
N GLU G 42 32.53 1.45 11.92
CA GLU G 42 33.50 2.41 11.41
C GLU G 42 34.16 1.91 10.13
N GLU G 43 34.59 0.64 10.13
CA GLU G 43 35.25 0.11 8.94
C GLU G 43 34.30 0.00 7.76
N GLU G 44 33.05 -0.40 8.02
CA GLU G 44 32.04 -0.40 6.96
C GLU G 44 31.92 0.97 6.33
N THR G 45 31.79 2.02 7.16
CA THR G 45 31.63 3.37 6.64
C THR G 45 32.86 3.79 5.83
N GLN G 46 34.06 3.44 6.30
CA GLN G 46 35.27 3.82 5.58
C GLN G 46 35.34 3.14 4.21
N ILE G 47 35.05 1.84 4.17
CA ILE G 47 35.05 1.14 2.89
C ILE G 47 33.99 1.69 1.96
N ARG G 48 32.82 2.03 2.49
CA ARG G 48 31.78 2.63 1.67
C ARG G 48 32.24 3.94 1.06
N ASP G 49 32.90 4.79 1.86
CA ASP G 49 33.33 6.08 1.35
C ASP G 49 34.38 5.91 0.26
N THR G 50 35.39 5.07 0.52
CA THR G 50 36.45 4.85 -0.47
C THR G 50 35.87 4.30 -1.76
N LEU G 51 35.05 3.25 -1.66
CA LEU G 51 34.38 2.70 -2.83
C LEU G 51 33.57 3.79 -3.53
N SER G 52 32.54 4.33 -2.89
CA SER G 52 31.70 5.37 -3.46
C SER G 52 32.48 6.40 -4.25
N GLN G 53 33.60 6.90 -3.71
CA GLN G 53 34.38 7.87 -4.48
C GLN G 53 35.06 7.24 -5.68
N LEU G 54 35.57 6.01 -5.55
CA LEU G 54 36.17 5.35 -6.70
C LEU G 54 35.12 5.07 -7.79
N ILE G 55 33.94 4.60 -7.39
CA ILE G 55 32.85 4.37 -8.34
C ILE G 55 32.42 5.68 -8.99
N GLN G 56 32.43 6.78 -8.24
CA GLN G 56 32.11 8.09 -8.84
C GLN G 56 33.13 8.44 -9.92
N ARG G 57 34.41 8.28 -9.63
CA ARG G 57 35.44 8.61 -10.61
C ARG G 57 35.33 7.69 -11.83
N LEU G 58 35.07 6.41 -11.61
CA LEU G 58 34.88 5.48 -12.72
C LEU G 58 33.66 5.86 -13.56
N ASP G 59 32.58 6.29 -12.90
CA ASP G 59 31.39 6.70 -13.63
C ASP G 59 31.66 7.93 -14.47
N ARG G 60 32.45 8.86 -13.95
CA ARG G 60 32.80 10.04 -14.73
C ARG G 60 33.65 9.66 -15.94
N ALA G 61 34.62 8.77 -15.76
CA ALA G 61 35.44 8.33 -16.89
C ALA G 61 34.61 7.60 -17.92
N VAL G 62 33.67 6.75 -17.47
CA VAL G 62 32.81 6.03 -18.39
C VAL G 62 31.90 6.98 -19.14
N ALA G 63 31.41 8.03 -18.48
CA ALA G 63 30.60 9.04 -19.14
C ALA G 63 31.40 9.80 -20.19
N THR G 64 32.66 10.11 -19.88
CA THR G 64 33.53 10.75 -20.87
C THR G 64 33.71 9.87 -22.10
N ALA G 65 34.04 8.59 -21.88
CA ALA G 65 34.23 7.68 -23.00
C ALA G 65 32.93 7.49 -23.78
N GLN G 66 31.79 7.48 -23.08
CA GLN G 66 30.50 7.31 -23.75
C GLN G 66 30.17 8.52 -24.61
N GLY G 67 30.43 9.73 -24.09
CA GLY G 67 30.20 10.91 -24.89
C GLY G 67 31.12 10.99 -26.09
N LEU G 68 32.37 10.54 -25.92
CA LEU G 68 33.29 10.48 -27.05
C LEU G 68 32.80 9.48 -28.09
N LEU G 69 32.27 8.33 -27.64
CA LEU G 69 31.76 7.32 -28.57
C LEU G 69 30.51 7.82 -29.28
N SER G 70 29.68 8.61 -28.59
CA SER G 70 28.44 9.11 -29.18
C SER G 70 28.70 9.98 -30.41
N ARG G 71 29.92 10.47 -30.58
CA ARG G 71 30.27 11.22 -31.78
C ARG G 71 30.24 10.34 -33.03
N VAL G 72 30.24 9.02 -32.87
CA VAL G 72 30.17 8.12 -34.02
C VAL G 72 28.88 8.32 -34.80
N HIS G 73 27.86 8.91 -34.17
CA HIS G 73 26.60 9.19 -34.84
C HIS G 73 26.69 10.39 -35.79
N SER G 74 27.76 11.19 -35.67
CA SER G 74 27.98 12.36 -36.51
C SER G 74 29.38 12.37 -37.10
N THR G 75 29.99 11.19 -37.24
CA THR G 75 31.33 11.06 -37.78
C THR G 75 31.29 10.05 -38.93
N PRO G 76 31.78 10.41 -40.11
CA PRO G 76 31.85 9.44 -41.20
C PRO G 76 32.84 8.33 -40.90
N ARG G 77 32.69 7.22 -41.62
CA ARG G 77 33.58 6.09 -41.45
C ARG G 77 35.05 6.49 -41.66
N SER G 78 35.30 7.36 -42.64
CA SER G 78 36.66 7.77 -42.95
C SER G 78 37.36 8.40 -41.76
N ARG G 79 36.62 9.12 -40.91
CA ARG G 79 37.17 9.78 -39.75
C ARG G 79 37.07 8.92 -38.48
N TYR G 80 36.83 7.62 -38.64
CA TYR G 80 36.73 6.73 -37.48
C TYR G 80 38.04 6.60 -36.71
N PRO G 81 39.21 6.40 -37.34
CA PRO G 81 40.45 6.22 -36.54
C PRO G 81 40.69 7.32 -35.52
N GLN G 82 40.62 8.59 -35.94
CA GLN G 82 40.76 9.73 -35.03
C GLN G 82 39.94 9.52 -33.77
N LEU G 83 38.62 9.50 -33.94
CA LEU G 83 37.70 9.26 -32.81
C LEU G 83 38.15 8.06 -31.98
N VAL G 84 38.51 6.96 -32.64
CA VAL G 84 38.88 5.74 -31.90
C VAL G 84 39.99 6.05 -30.92
N SER G 85 41.04 6.73 -31.38
CA SER G 85 42.13 7.09 -30.48
C SER G 85 41.60 7.89 -29.29
N GLN G 86 40.77 8.91 -29.56
CA GLN G 86 40.19 9.70 -28.48
C GLN G 86 39.43 8.83 -27.50
N VAL G 87 38.73 7.81 -28.01
CA VAL G 87 38.02 6.91 -27.11
C VAL G 87 39.01 6.02 -26.36
N GLU G 88 40.02 5.52 -27.07
CA GLU G 88 41.00 4.62 -26.46
C GLU G 88 41.60 5.23 -25.20
N ALA G 89 42.16 6.44 -25.34
CA ALA G 89 42.66 7.17 -24.18
C ALA G 89 41.62 7.21 -23.07
N ALA G 90 40.39 7.61 -23.40
CA ALA G 90 39.32 7.64 -22.41
C ALA G 90 39.18 6.29 -21.73
N VAL G 91 39.09 5.22 -22.52
CA VAL G 91 39.01 3.87 -21.95
C VAL G 91 40.20 3.62 -21.04
N LYS G 92 41.41 3.96 -21.51
CA LYS G 92 42.59 3.77 -20.68
C LYS G 92 42.45 4.49 -19.36
N GLU G 93 41.92 5.72 -19.38
CA GLU G 93 41.68 6.45 -18.14
C GLU G 93 40.84 5.61 -17.19
N GLU G 94 39.73 5.05 -17.70
CA GLU G 94 38.92 4.12 -16.92
C GLU G 94 39.81 3.08 -16.25
N ALA G 95 40.63 2.40 -17.05
CA ALA G 95 41.49 1.33 -16.54
C ALA G 95 42.27 1.81 -15.31
N ALA G 96 42.84 3.00 -15.40
CA ALA G 96 43.57 3.57 -14.27
C ALA G 96 42.73 3.49 -13.00
N ILE G 97 41.57 4.15 -13.02
CA ILE G 97 40.67 4.12 -11.87
C ILE G 97 40.34 2.68 -11.50
N ILE G 98 40.05 1.85 -12.50
CA ILE G 98 39.70 0.46 -12.22
C ILE G 98 40.82 -0.23 -11.47
N SER G 99 42.07 0.00 -11.90
CA SER G 99 43.21 -0.55 -11.18
C SER G 99 43.12 -0.19 -9.70
N GLU G 100 42.95 1.11 -9.42
CA GLU G 100 42.81 1.55 -8.04
C GLU G 100 41.68 0.82 -7.33
N LEU G 101 40.53 0.71 -8.01
CA LEU G 101 39.41 -0.04 -7.44
C LEU G 101 39.85 -1.43 -7.03
N ASP G 102 40.54 -2.15 -7.94
CA ASP G 102 41.11 -3.45 -7.62
C ASP G 102 41.87 -3.37 -6.30
N THR G 103 42.85 -2.47 -6.24
CA THR G 103 43.70 -2.35 -5.06
C THR G 103 42.88 -2.24 -3.78
N VAL G 104 41.74 -1.56 -3.84
CA VAL G 104 40.88 -1.48 -2.68
C VAL G 104 39.99 -2.70 -2.58
N ALA G 105 39.28 -3.02 -3.66
CA ALA G 105 38.19 -4.00 -3.58
C ALA G 105 38.70 -5.39 -3.28
N SER G 106 39.96 -5.68 -3.61
CA SER G 106 40.51 -7.00 -3.36
C SER G 106 40.85 -7.22 -1.90
N LYS G 107 41.04 -6.14 -1.13
CA LYS G 107 41.39 -6.31 0.28
C LYS G 107 40.22 -6.82 1.12
N HIS G 108 39.00 -6.70 0.62
CA HIS G 108 37.79 -7.11 1.30
C HIS G 108 37.06 -8.15 0.45
N PRO G 109 36.14 -8.91 1.05
CA PRO G 109 35.42 -9.94 0.28
C PRO G 109 34.74 -9.34 -0.94
N TYR G 110 34.89 -10.02 -2.08
CA TYR G 110 34.31 -9.53 -3.33
C TYR G 110 32.78 -9.48 -3.23
N TYR G 111 32.17 -10.59 -2.84
CA TYR G 111 30.71 -10.71 -2.84
C TYR G 111 30.02 -9.85 -1.78
N LYS G 112 30.78 -9.24 -0.87
CA LYS G 112 30.19 -8.32 0.10
C LYS G 112 29.97 -6.93 -0.50
N TYR G 113 30.73 -6.56 -1.53
CA TYR G 113 30.69 -5.22 -2.08
C TYR G 113 30.54 -5.19 -3.60
N ASN G 114 30.34 -6.35 -4.23
CA ASN G 114 30.34 -6.40 -5.69
C ASN G 114 29.16 -5.65 -6.29
N GLN G 115 28.05 -5.58 -5.56
CA GLN G 115 26.86 -4.90 -6.05
C GLN G 115 27.07 -3.40 -6.20
N ARG G 116 28.18 -2.86 -5.70
CA ARG G 116 28.42 -1.43 -5.74
C ARG G 116 29.05 -1.00 -7.07
N TRP G 117 29.85 -1.88 -7.69
CA TRP G 117 30.57 -1.51 -8.90
C TRP G 117 30.15 -2.31 -10.12
N THR G 118 29.23 -3.26 -9.98
CA THR G 118 28.94 -4.17 -11.08
C THR G 118 28.34 -3.43 -12.28
N ARG G 119 27.45 -2.46 -12.03
CA ARG G 119 26.86 -1.70 -13.13
C ARG G 119 27.90 -0.81 -13.79
N SER G 120 28.73 -0.16 -12.99
CA SER G 120 29.78 0.71 -13.54
C SER G 120 30.80 -0.09 -14.34
N MET G 121 31.20 -1.24 -13.83
CA MET G 121 32.15 -2.08 -14.56
C MET G 121 31.52 -2.59 -15.84
N GLN G 122 30.23 -2.92 -15.82
CA GLN G 122 29.54 -3.32 -17.04
C GLN G 122 29.55 -2.20 -18.07
N HIS G 123 29.30 -0.96 -17.63
CA HIS G 123 29.35 0.17 -18.55
C HIS G 123 30.74 0.38 -19.11
N ALA G 124 31.78 0.24 -18.28
CA ALA G 124 33.14 0.42 -18.76
C ALA G 124 33.54 -0.64 -19.77
N ILE G 125 33.17 -1.91 -19.48
CA ILE G 125 33.39 -2.98 -20.44
C ILE G 125 32.67 -2.69 -21.74
N GLY G 126 31.46 -2.13 -21.65
CA GLY G 126 30.73 -1.75 -22.85
C GLY G 126 31.46 -0.71 -23.67
N THR G 127 32.00 0.32 -23.00
CA THR G 127 32.77 1.33 -23.72
C THR G 127 33.99 0.73 -24.40
N ALA G 128 34.68 -0.19 -23.71
CA ALA G 128 35.86 -0.83 -24.30
C ALA G 128 35.48 -1.66 -25.52
N ILE G 129 34.42 -2.46 -25.40
CA ILE G 129 33.99 -3.31 -26.52
C ILE G 129 33.52 -2.46 -27.69
N TYR G 130 32.87 -1.32 -27.40
CA TYR G 130 32.43 -0.42 -28.46
C TYR G 130 33.62 0.20 -29.18
N CYS G 131 34.62 0.65 -28.41
CA CYS G 131 35.84 1.17 -29.01
C CYS G 131 36.50 0.14 -29.91
N ALA G 132 36.56 -1.12 -29.45
CA ALA G 132 37.15 -2.17 -30.29
C ALA G 132 36.30 -2.45 -31.52
N TRP G 133 34.98 -2.34 -31.40
CA TRP G 133 34.11 -2.59 -32.54
C TRP G 133 34.31 -1.55 -33.64
N LEU G 134 34.71 -0.34 -33.26
CA LEU G 134 34.96 0.74 -34.21
C LEU G 134 36.40 0.74 -34.71
N GLY G 135 37.19 -0.27 -34.36
CA GLY G 135 38.56 -0.36 -34.82
C GLY G 135 39.57 0.10 -33.79
N GLY G 136 39.43 -0.39 -32.56
CA GLY G 136 40.31 0.02 -31.48
C GLY G 136 40.85 -1.19 -30.73
N PHE G 137 41.94 -0.94 -29.99
CA PHE G 137 42.63 -1.95 -29.19
C PHE G 137 42.90 -3.21 -29.99
N PRO G 138 43.82 -3.19 -30.96
CA PRO G 138 44.18 -4.40 -31.70
C PRO G 138 45.32 -5.17 -31.04
N ALA G 150 41.74 -0.59 -39.36
CA ALA G 150 40.39 -0.16 -38.99
C ALA G 150 39.33 -1.05 -39.64
N GLU G 151 39.34 -2.32 -39.27
CA GLU G 151 38.32 -3.27 -39.74
C GLU G 151 37.18 -3.25 -38.72
N ILE G 152 36.03 -2.76 -39.15
CA ILE G 152 34.91 -2.50 -38.25
C ILE G 152 34.23 -3.81 -37.90
N GLY G 153 33.92 -3.97 -36.61
CA GLY G 153 33.11 -5.09 -36.17
C GLY G 153 33.86 -6.20 -35.46
N ARG G 154 34.84 -5.84 -34.64
CA ARG G 154 35.55 -6.83 -33.82
C ARG G 154 34.85 -6.97 -32.48
N LEU G 155 34.66 -8.22 -32.05
CA LEU G 155 34.02 -8.52 -30.77
C LEU G 155 35.10 -8.98 -29.80
N LEU G 156 35.43 -8.13 -28.83
CA LEU G 156 36.28 -8.56 -27.74
C LEU G 156 35.56 -9.60 -26.90
N THR G 157 36.25 -10.70 -26.59
CA THR G 157 35.73 -11.65 -25.64
C THR G 157 36.12 -11.20 -24.23
N LEU G 158 35.84 -12.04 -23.23
CA LEU G 158 36.07 -11.63 -21.85
C LEU G 158 37.55 -11.44 -21.55
N GLU G 159 38.41 -12.22 -22.21
CA GLU G 159 39.82 -12.23 -21.87
C GLU G 159 40.54 -10.97 -22.36
N GLU G 160 40.25 -10.49 -23.57
CA GLU G 160 40.87 -9.25 -24.00
C GLU G 160 40.33 -8.05 -23.24
N VAL G 161 39.08 -8.13 -22.76
CA VAL G 161 38.56 -7.06 -21.91
C VAL G 161 39.34 -7.02 -20.59
N GLY G 162 39.53 -8.19 -19.97
CA GLY G 162 40.36 -8.27 -18.79
C GLY G 162 41.78 -7.80 -19.03
N THR G 163 42.30 -8.05 -20.24
CA THR G 163 43.64 -7.56 -20.60
C THR G 163 43.67 -6.04 -20.67
N ILE G 164 42.66 -5.44 -21.32
CA ILE G 164 42.63 -4.00 -21.47
C ILE G 164 42.50 -3.31 -20.11
N PHE G 165 41.70 -3.88 -19.22
CA PHE G 165 41.54 -3.28 -17.90
C PHE G 165 42.49 -3.84 -16.86
N SER G 166 43.34 -4.80 -17.23
CA SER G 166 44.35 -5.38 -16.34
C SER G 166 43.71 -5.91 -15.05
N VAL G 167 42.62 -6.65 -15.22
CA VAL G 167 41.96 -7.29 -14.08
C VAL G 167 41.54 -8.70 -14.48
N PRO G 168 41.52 -9.61 -13.52
CA PRO G 168 41.12 -11.00 -13.83
C PRO G 168 39.65 -11.07 -14.22
N THR G 169 39.30 -12.16 -14.89
CA THR G 169 37.93 -12.40 -15.33
C THR G 169 37.52 -13.80 -14.93
N ASN G 170 36.30 -13.93 -14.39
CA ASN G 170 35.69 -15.21 -14.06
C ASN G 170 36.53 -15.98 -13.04
N LEU G 171 36.91 -15.31 -11.97
CA LEU G 171 37.68 -15.95 -10.90
C LEU G 171 36.80 -16.97 -10.18
N LYS G 172 37.09 -18.25 -10.42
CA LYS G 172 36.43 -19.37 -9.77
C LYS G 172 37.46 -19.97 -8.84
N ASP G 173 37.19 -19.95 -7.53
CA ASP G 173 38.16 -20.28 -6.48
C ASP G 173 39.27 -19.22 -6.37
N ARG G 174 38.85 -17.96 -6.32
CA ARG G 174 39.73 -16.83 -6.01
C ARG G 174 38.83 -15.66 -5.66
N ASP G 175 39.14 -14.97 -4.57
CA ASP G 175 38.32 -13.88 -4.07
C ASP G 175 39.06 -12.55 -4.24
N ALA G 176 39.22 -12.14 -5.50
CA ALA G 176 39.81 -10.86 -5.83
C ALA G 176 38.89 -10.13 -6.81
N PHE G 177 39.04 -8.81 -6.86
CA PHE G 177 38.28 -7.99 -7.80
C PHE G 177 38.46 -8.52 -9.22
N HIS G 178 37.34 -8.83 -9.87
CA HIS G 178 37.39 -9.46 -11.18
C HIS G 178 36.19 -9.02 -12.00
N ILE G 179 36.16 -9.45 -13.26
CA ILE G 179 35.10 -9.13 -14.20
C ILE G 179 34.27 -10.40 -14.42
N THR G 180 32.96 -10.27 -14.33
CA THR G 180 32.06 -11.42 -14.43
C THR G 180 31.58 -11.60 -15.87
N ILE G 181 31.21 -12.85 -16.18
CA ILE G 181 30.59 -13.14 -17.47
C ILE G 181 29.28 -12.37 -17.62
N GLU G 182 28.55 -12.21 -16.52
CA GLU G 182 27.28 -11.47 -16.56
C GLU G 182 27.51 -10.04 -16.98
N GLU G 183 28.53 -9.38 -16.42
CA GLU G 183 28.83 -8.01 -16.81
C GLU G 183 29.12 -7.92 -18.31
N TYR G 184 29.90 -8.87 -18.82
CA TYR G 184 30.26 -8.89 -20.24
C TYR G 184 29.02 -9.04 -21.12
N LEU G 185 28.15 -10.01 -20.79
CA LEU G 185 26.96 -10.24 -21.61
C LEU G 185 25.99 -9.07 -21.54
N LEU G 186 25.87 -8.45 -20.36
CA LEU G 186 24.99 -7.29 -20.22
C LEU G 186 25.52 -6.13 -21.05
N SER G 187 26.85 -5.92 -21.05
CA SER G 187 27.44 -4.88 -21.87
C SER G 187 27.22 -5.15 -23.35
N LEU G 188 27.25 -6.43 -23.75
CA LEU G 188 26.97 -6.75 -25.15
C LEU G 188 25.52 -6.44 -25.50
N VAL G 189 24.60 -6.74 -24.58
CA VAL G 189 23.19 -6.42 -24.80
C VAL G 189 23.01 -4.91 -24.98
N ASP G 190 23.72 -4.11 -24.18
CA ASP G 190 23.67 -2.66 -24.35
C ASP G 190 24.27 -2.25 -25.70
N LEU G 191 25.35 -2.90 -26.10
CA LEU G 191 26.02 -2.59 -27.36
C LEU G 191 25.11 -2.82 -28.56
N THR G 192 24.23 -3.82 -28.48
CA THR G 192 23.30 -4.04 -29.60
C THR G 192 22.41 -2.83 -29.82
N GLN G 193 21.87 -2.26 -28.74
CA GLN G 193 21.04 -1.06 -28.87
C GLN G 193 21.86 0.13 -29.38
N ASP G 194 23.08 0.29 -28.86
CA ASP G 194 23.95 1.34 -29.37
C ASP G 194 24.19 1.18 -30.87
N LEU G 195 24.35 -0.05 -31.33
CA LEU G 195 24.64 -0.28 -32.75
C LEU G 195 23.39 -0.07 -33.61
N SER G 196 22.20 -0.36 -33.08
CA SER G 196 20.98 -0.02 -33.80
C SER G 196 20.88 1.49 -34.02
N ARG G 197 21.14 2.26 -32.96
CA ARG G 197 21.20 3.71 -33.12
C ARG G 197 22.25 4.11 -34.14
N LEU G 198 23.40 3.44 -34.12
CA LEU G 198 24.48 3.76 -35.05
C LEU G 198 24.07 3.50 -36.50
N ALA G 199 23.33 2.42 -36.75
CA ALA G 199 22.86 2.13 -38.11
C ALA G 199 21.86 3.18 -38.57
N THR G 200 20.90 3.53 -37.70
CA THR G 200 19.95 4.57 -38.03
C THR G 200 20.66 5.87 -38.41
N ASN G 201 21.67 6.26 -37.63
CA ASN G 201 22.40 7.49 -37.95
C ASN G 201 23.35 7.33 -39.13
N SER G 202 23.81 6.10 -39.41
CA SER G 202 24.65 5.87 -40.57
C SER G 202 23.90 6.12 -41.86
N VAL G 203 22.64 5.71 -41.91
CA VAL G 203 21.84 5.99 -43.10
C VAL G 203 21.72 7.51 -43.31
N THR G 204 21.60 8.26 -42.21
CA THR G 204 21.57 9.71 -42.31
C THR G 204 22.91 10.26 -42.83
N LEU G 205 24.02 9.73 -42.33
CA LEU G 205 25.33 10.18 -42.79
C LEU G 205 25.65 9.76 -44.21
N GLY G 206 24.85 8.88 -44.81
CA GLY G 206 25.08 8.41 -46.16
C GLY G 206 25.74 7.05 -46.25
N ASP G 207 26.29 6.53 -45.16
CA ASP G 207 26.89 5.20 -45.16
C ASP G 207 25.77 4.17 -45.22
N PHE G 208 25.51 3.65 -46.42
CA PHE G 208 24.47 2.65 -46.61
C PHE G 208 24.98 1.23 -46.47
N GLN G 209 26.28 1.04 -46.27
CA GLN G 209 26.87 -0.28 -46.10
C GLN G 209 27.05 -0.66 -44.63
N LEU G 210 27.32 0.32 -43.77
CA LEU G 210 27.47 0.03 -42.35
C LEU G 210 26.22 -0.60 -41.74
N PRO G 211 24.98 -0.17 -42.07
CA PRO G 211 23.81 -0.90 -41.56
C PRO G 211 23.83 -2.39 -41.85
N LEU G 212 24.41 -2.81 -42.97
CA LEU G 212 24.49 -4.24 -43.27
C LEU G 212 25.39 -4.97 -42.29
N THR G 213 26.58 -4.42 -42.06
CA THR G 213 27.49 -4.99 -41.07
C THR G 213 26.84 -5.04 -39.70
N ILE G 214 26.12 -3.97 -39.33
CA ILE G 214 25.47 -3.92 -38.03
C ILE G 214 24.37 -4.98 -37.94
N SER G 215 23.63 -5.18 -39.04
CA SER G 215 22.59 -6.21 -39.05
C SER G 215 23.20 -7.58 -38.84
N ALA G 216 24.28 -7.89 -39.57
CA ALA G 216 24.95 -9.18 -39.40
C ALA G 216 25.43 -9.37 -37.97
N PHE G 217 26.06 -8.34 -37.41
CA PHE G 217 26.59 -8.43 -36.05
C PHE G 217 25.48 -8.68 -35.03
N VAL G 218 24.43 -7.85 -35.08
CA VAL G 218 23.35 -7.99 -34.10
C VAL G 218 22.63 -9.31 -34.28
N LYS G 219 22.50 -9.81 -35.51
CA LYS G 219 21.86 -11.10 -35.73
C LYS G 219 22.67 -12.24 -35.13
N ASP G 220 23.98 -12.27 -35.41
CA ASP G 220 24.82 -13.33 -34.85
C ASP G 220 24.87 -13.25 -33.33
N LEU G 221 24.88 -12.05 -32.78
CA LEU G 221 24.89 -11.89 -31.33
C LEU G 221 23.58 -12.38 -30.72
N PHE G 222 22.45 -12.08 -31.37
CA PHE G 222 21.17 -12.58 -30.89
C PHE G 222 21.10 -14.10 -30.98
N ALA G 223 21.71 -14.67 -32.02
CA ALA G 223 21.75 -16.13 -32.13
C ALA G 223 22.53 -16.74 -30.97
N GLY G 224 23.71 -16.18 -30.69
CA GLY G 224 24.47 -16.65 -29.54
C GLY G 224 23.72 -16.50 -28.23
N PHE G 225 23.01 -15.38 -28.07
CA PHE G 225 22.24 -15.15 -26.85
C PHE G 225 21.13 -16.18 -26.71
N GLN G 226 20.40 -16.45 -27.81
CA GLN G 226 19.33 -17.45 -27.76
C GLN G 226 19.88 -18.84 -27.51
N LEU G 227 21.11 -19.12 -27.95
CA LEU G 227 21.72 -20.41 -27.68
C LEU G 227 22.27 -20.51 -26.25
N LEU G 228 22.53 -19.38 -25.60
CA LEU G 228 23.10 -19.42 -24.25
C LEU G 228 22.15 -20.10 -23.26
N ASN G 229 20.85 -19.90 -23.42
CA ASN G 229 19.84 -20.42 -22.49
C ASN G 229 20.16 -20.03 -21.05
N LEU G 230 20.15 -18.72 -20.83
CA LEU G 230 20.44 -18.17 -19.51
C LEU G 230 19.36 -18.55 -18.52
N LYS G 231 19.75 -18.95 -17.31
CA LYS G 231 18.79 -19.41 -16.33
C LYS G 231 18.22 -18.25 -15.50
N ASN G 232 19.08 -17.43 -14.92
CA ASN G 232 18.59 -16.28 -14.16
C ASN G 232 17.76 -15.36 -15.05
N ASP G 233 16.66 -14.86 -14.51
CA ASP G 233 15.61 -14.29 -15.34
C ASP G 233 15.98 -12.91 -15.87
N ILE G 234 16.81 -12.15 -15.14
CA ILE G 234 17.09 -10.78 -15.56
C ILE G 234 17.95 -10.76 -16.82
N ILE G 235 19.02 -11.55 -16.83
CA ILE G 235 19.89 -11.58 -18.01
C ILE G 235 19.17 -12.23 -19.18
N ARG G 236 18.34 -13.25 -18.93
CA ARG G 236 17.58 -13.86 -19.99
C ARG G 236 16.59 -12.87 -20.60
N LYS G 237 15.94 -12.06 -19.76
CA LYS G 237 15.01 -11.05 -20.26
C LYS G 237 15.76 -10.00 -21.08
N ARG G 238 16.90 -9.54 -20.58
CA ARG G 238 17.66 -8.52 -21.29
C ARG G 238 18.23 -9.04 -22.59
N ALA G 239 18.54 -10.34 -22.66
CA ALA G 239 19.01 -10.93 -23.91
C ALA G 239 17.87 -11.19 -24.89
N ASP G 240 16.67 -11.47 -24.38
CA ASP G 240 15.52 -11.56 -25.26
C ASP G 240 15.12 -10.19 -25.81
N SER G 241 15.38 -9.13 -25.04
CA SER G 241 15.11 -7.77 -25.52
C SER G 241 15.96 -7.38 -26.72
N VAL G 242 16.98 -8.17 -27.06
CA VAL G 242 17.80 -7.90 -28.24
C VAL G 242 17.00 -8.11 -29.53
N LYS G 243 15.89 -8.84 -29.46
CA LYS G 243 15.06 -9.07 -30.63
C LYS G 243 14.54 -7.76 -31.22
N TYR G 244 14.27 -6.78 -30.37
CA TYR G 244 13.76 -5.50 -30.86
C TYR G 244 14.84 -4.75 -31.65
N GLU G 245 16.08 -4.81 -31.18
CA GLU G 245 17.18 -4.19 -31.92
C GLU G 245 17.44 -4.94 -33.22
N VAL G 246 17.35 -6.26 -33.19
CA VAL G 246 17.47 -7.05 -34.42
C VAL G 246 16.43 -6.60 -35.44
N LYS G 247 15.19 -6.44 -34.98
CA LYS G 247 14.12 -5.98 -35.88
C LYS G 247 14.39 -4.58 -36.40
N ARG G 248 14.93 -3.70 -35.55
CA ARG G 248 15.20 -2.34 -35.98
C ARG G 248 16.25 -2.31 -37.11
N VAL G 249 17.33 -3.06 -36.92
CA VAL G 249 18.38 -3.05 -37.94
C VAL G 249 17.92 -3.75 -39.21
N GLU G 250 17.12 -4.82 -39.06
CA GLU G 250 16.55 -5.47 -40.24
C GLU G 250 15.62 -4.54 -41.00
N ASP G 251 14.86 -3.71 -40.27
CA ASP G 251 13.98 -2.76 -40.93
C ASP G 251 14.78 -1.69 -41.66
N ILE G 252 15.88 -1.23 -41.07
CA ILE G 252 16.77 -0.32 -41.78
C ILE G 252 17.27 -0.97 -43.08
N VAL G 253 17.68 -2.24 -43.00
CA VAL G 253 18.20 -2.93 -44.17
C VAL G 253 17.11 -3.06 -45.24
N TYR G 254 15.87 -3.35 -44.82
CA TYR G 254 14.78 -3.48 -45.78
C TYR G 254 14.45 -2.15 -46.42
N ASP G 255 14.48 -1.05 -45.63
CA ASP G 255 14.32 0.27 -46.20
C ASP G 255 15.38 0.56 -47.26
N LEU G 256 16.64 0.20 -46.96
CA LEU G 256 17.70 0.44 -47.92
C LEU G 256 17.55 -0.42 -49.16
N SER G 257 17.03 -1.63 -49.01
CA SER G 257 16.86 -2.53 -50.16
C SER G 257 15.73 -2.07 -51.06
N LEU G 258 14.64 -1.55 -50.46
CA LEU G 258 13.53 -1.06 -51.27
C LEU G 258 13.94 0.10 -52.16
N ARG G 259 14.91 0.89 -51.74
CA ARG G 259 15.34 2.07 -52.48
C ARG G 259 16.57 1.80 -53.35
N GLY G 260 16.94 0.54 -53.53
CA GLY G 260 18.13 0.21 -54.29
C GLY G 260 19.43 0.75 -53.77
N LEU G 261 19.45 1.25 -52.53
CA LEU G 261 20.63 1.84 -51.91
C LEU G 261 21.65 0.82 -51.43
N ILE G 262 21.40 -0.46 -51.65
CA ILE G 262 22.16 -1.50 -50.98
C ILE G 262 22.98 -2.29 -51.99
N LEU H 28 -15.56 -14.70 -32.88
CA LEU H 28 -16.95 -14.40 -32.58
C LEU H 28 -17.51 -15.45 -31.62
N LEU H 29 -18.11 -14.98 -30.52
CA LEU H 29 -18.57 -15.85 -29.46
C LEU H 29 -19.96 -16.38 -29.75
N ASP H 30 -20.25 -17.57 -29.22
CA ASP H 30 -21.55 -18.19 -29.45
C ASP H 30 -22.64 -17.43 -28.70
N PRO H 31 -23.81 -17.25 -29.30
CA PRO H 31 -24.91 -16.59 -28.58
C PRO H 31 -25.37 -17.34 -27.34
N SER H 32 -25.19 -18.66 -27.33
CA SER H 32 -25.55 -19.44 -26.15
C SER H 32 -24.76 -19.00 -24.92
N ILE H 33 -23.53 -18.53 -25.11
CA ILE H 33 -22.75 -17.97 -24.00
C ILE H 33 -23.49 -16.80 -23.37
N PHE H 34 -23.90 -15.83 -24.21
CA PHE H 34 -24.62 -14.67 -23.72
C PHE H 34 -25.92 -15.08 -23.02
N ALA H 35 -26.67 -15.99 -23.65
CA ALA H 35 -27.97 -16.40 -23.08
C ALA H 35 -27.79 -17.07 -21.73
N SER H 36 -26.87 -18.04 -21.65
CA SER H 36 -26.65 -18.75 -20.39
C SER H 36 -26.14 -17.81 -19.31
N LEU H 37 -25.27 -16.86 -19.67
CA LEU H 37 -24.76 -15.94 -18.67
C LEU H 37 -25.87 -15.03 -18.14
N GLU H 38 -26.75 -14.54 -19.03
CA GLU H 38 -27.86 -13.70 -18.58
C GLU H 38 -28.79 -14.48 -17.66
N ALA H 39 -29.15 -15.71 -18.04
CA ALA H 39 -30.05 -16.51 -17.22
C ALA H 39 -29.41 -16.84 -15.87
N LYS H 40 -28.13 -17.22 -15.89
CA LYS H 40 -27.38 -17.45 -14.67
C LYS H 40 -27.45 -16.23 -13.75
N LEU H 41 -27.23 -15.04 -14.31
CA LEU H 41 -27.21 -13.84 -13.49
C LEU H 41 -28.58 -13.55 -12.90
N GLU H 42 -29.65 -13.70 -13.69
CA GLU H 42 -30.99 -13.46 -13.15
C GLU H 42 -31.32 -14.44 -12.03
N GLU H 43 -31.04 -15.73 -12.25
CA GLU H 43 -31.34 -16.72 -11.21
C GLU H 43 -30.53 -16.45 -9.95
N GLU H 44 -29.24 -16.21 -10.10
CA GLU H 44 -28.41 -15.96 -8.92
C GLU H 44 -28.86 -14.70 -8.20
N THR H 45 -29.28 -13.67 -8.93
CA THR H 45 -29.77 -12.46 -8.27
C THR H 45 -31.00 -12.74 -7.43
N GLN H 46 -31.95 -13.49 -7.99
CA GLN H 46 -33.14 -13.83 -7.21
C GLN H 46 -32.78 -14.65 -5.97
N ILE H 47 -31.87 -15.62 -6.12
CA ILE H 47 -31.48 -16.45 -4.98
C ILE H 47 -30.78 -15.61 -3.92
N ARG H 48 -29.88 -14.71 -4.34
CA ARG H 48 -29.18 -13.86 -3.38
C ARG H 48 -30.16 -12.99 -2.60
N ASP H 49 -31.14 -12.43 -3.29
CA ASP H 49 -32.09 -11.55 -2.62
C ASP H 49 -32.96 -12.33 -1.63
N THR H 50 -33.45 -13.50 -2.04
CA THR H 50 -34.25 -14.32 -1.13
C THR H 50 -33.43 -14.71 0.10
N LEU H 51 -32.22 -15.21 -0.12
CA LEU H 51 -31.34 -15.58 0.99
C LEU H 51 -31.04 -14.38 1.87
N SER H 52 -30.91 -13.19 1.28
CA SER H 52 -30.59 -12.00 2.06
C SER H 52 -31.75 -11.62 2.98
N GLN H 53 -32.97 -11.66 2.46
CA GLN H 53 -34.13 -11.36 3.31
C GLN H 53 -34.27 -12.40 4.42
N LEU H 54 -34.06 -13.68 4.09
CA LEU H 54 -34.16 -14.72 5.10
C LEU H 54 -33.10 -14.55 6.18
N ILE H 55 -31.86 -14.27 5.76
CA ILE H 55 -30.76 -14.12 6.71
C ILE H 55 -30.95 -12.86 7.55
N GLN H 56 -31.52 -11.80 6.98
CA GLN H 56 -31.77 -10.59 7.76
C GLN H 56 -32.81 -10.84 8.84
N ARG H 57 -33.89 -11.56 8.49
CA ARG H 57 -34.90 -11.89 9.49
C ARG H 57 -34.33 -12.80 10.57
N LEU H 58 -33.50 -13.77 10.17
CA LEU H 58 -32.86 -14.65 11.15
C LEU H 58 -31.92 -13.85 12.06
N ASP H 59 -31.19 -12.89 11.51
CA ASP H 59 -30.30 -12.09 12.32
C ASP H 59 -31.09 -11.23 13.31
N ARG H 60 -32.23 -10.68 12.89
CA ARG H 60 -33.07 -9.94 13.82
C ARG H 60 -33.57 -10.83 14.94
N ALA H 61 -34.00 -12.05 14.62
CA ALA H 61 -34.50 -12.95 15.65
C ALA H 61 -33.39 -13.34 16.62
N VAL H 62 -32.18 -13.61 16.09
CA VAL H 62 -31.05 -13.95 16.95
C VAL H 62 -30.67 -12.76 17.82
N ALA H 63 -30.78 -11.55 17.29
CA ALA H 63 -30.50 -10.36 18.09
C ALA H 63 -31.50 -10.21 19.23
N THR H 64 -32.78 -10.49 18.96
CA THR H 64 -33.78 -10.45 20.03
C THR H 64 -33.48 -11.48 21.10
N ALA H 65 -33.18 -12.71 20.68
CA ALA H 65 -32.86 -13.75 21.64
C ALA H 65 -31.61 -13.41 22.45
N GLN H 66 -30.62 -12.79 21.80
CA GLN H 66 -29.40 -12.41 22.48
C GLN H 66 -29.65 -11.30 23.50
N GLY H 67 -30.48 -10.32 23.12
CA GLY H 67 -30.85 -9.28 24.07
C GLY H 67 -31.59 -9.83 25.27
N LEU H 68 -32.46 -10.80 25.04
CA LEU H 68 -33.15 -11.47 26.16
C LEU H 68 -32.15 -12.19 27.05
N LEU H 69 -31.23 -12.94 26.44
CA LEU H 69 -30.24 -13.68 27.22
C LEU H 69 -29.32 -12.76 28.02
N SER H 70 -29.05 -11.56 27.49
CA SER H 70 -28.16 -10.63 28.18
C SER H 70 -28.67 -10.23 29.55
N ARG H 71 -29.98 -10.39 29.81
CA ARG H 71 -30.53 -10.10 31.12
C ARG H 71 -30.04 -11.04 32.20
N VAL H 72 -29.42 -12.16 31.83
CA VAL H 72 -28.88 -13.09 32.81
C VAL H 72 -27.82 -12.44 33.68
N HIS H 73 -27.18 -11.39 33.17
CA HIS H 73 -26.12 -10.69 33.90
C HIS H 73 -26.68 -9.74 34.94
N SER H 74 -28.01 -9.59 35.02
CA SER H 74 -28.66 -8.81 36.07
C SER H 74 -29.81 -9.59 36.70
N THR H 75 -29.96 -10.87 36.36
CA THR H 75 -31.03 -11.71 36.86
C THR H 75 -30.47 -12.74 37.85
N PRO H 76 -31.02 -12.84 39.05
CA PRO H 76 -30.60 -13.91 39.96
C PRO H 76 -31.05 -15.28 39.45
N ARG H 77 -30.37 -16.31 39.92
CA ARG H 77 -30.73 -17.68 39.54
C ARG H 77 -32.18 -17.98 39.92
N SER H 78 -32.66 -17.41 41.03
CA SER H 78 -34.01 -17.68 41.50
C SER H 78 -35.05 -17.36 40.43
N ARG H 79 -34.82 -16.30 39.66
CA ARG H 79 -35.74 -15.89 38.60
C ARG H 79 -35.24 -16.31 37.22
N TYR H 80 -34.49 -17.42 37.14
CA TYR H 80 -34.05 -17.91 35.83
C TYR H 80 -35.20 -18.47 35.00
N PRO H 81 -36.12 -19.29 35.54
CA PRO H 81 -37.19 -19.84 34.69
C PRO H 81 -38.05 -18.78 34.02
N GLN H 82 -38.19 -17.59 34.62
CA GLN H 82 -38.91 -16.50 33.97
C GLN H 82 -38.19 -16.06 32.70
N LEU H 83 -36.88 -15.87 32.79
CA LEU H 83 -36.09 -15.47 31.62
C LEU H 83 -36.07 -16.58 30.58
N VAL H 84 -35.76 -17.81 30.99
CA VAL H 84 -35.60 -18.92 30.06
C VAL H 84 -36.83 -19.05 29.16
N SER H 85 -38.03 -19.00 29.76
CA SER H 85 -39.25 -19.05 28.97
C SER H 85 -39.24 -17.98 27.88
N GLN H 86 -39.01 -16.72 28.28
CA GLN H 86 -38.92 -15.65 27.29
C GLN H 86 -37.89 -15.95 26.22
N VAL H 87 -36.76 -16.54 26.62
CA VAL H 87 -35.74 -16.89 25.64
C VAL H 87 -36.21 -18.01 24.73
N GLU H 88 -36.90 -19.01 25.30
CA GLU H 88 -37.33 -20.16 24.53
C GLU H 88 -38.16 -19.72 23.34
N ALA H 89 -39.24 -18.98 23.59
CA ALA H 89 -40.04 -18.40 22.52
C ALA H 89 -39.14 -17.71 21.50
N ALA H 90 -38.23 -16.85 21.98
CA ALA H 90 -37.29 -16.17 21.10
C ALA H 90 -36.58 -17.17 20.19
N VAL H 91 -35.95 -18.18 20.80
CA VAL H 91 -35.25 -19.18 20.01
C VAL H 91 -36.21 -19.88 19.06
N LYS H 92 -37.42 -20.21 19.54
CA LYS H 92 -38.41 -20.83 18.67
C LYS H 92 -38.71 -19.95 17.48
N GLU H 93 -38.79 -18.63 17.69
CA GLU H 93 -39.00 -17.72 16.56
C GLU H 93 -37.89 -17.86 15.54
N GLU H 94 -36.64 -17.95 16.00
CA GLU H 94 -35.53 -18.23 15.09
C GLU H 94 -35.84 -19.45 14.24
N ALA H 95 -36.25 -20.55 14.87
CA ALA H 95 -36.54 -21.76 14.13
C ALA H 95 -37.57 -21.52 13.04
N ALA H 96 -38.59 -20.70 13.35
CA ALA H 96 -39.62 -20.41 12.37
C ALA H 96 -39.03 -19.81 11.10
N ILE H 97 -38.03 -18.93 11.25
CA ILE H 97 -37.34 -18.40 10.07
C ILE H 97 -36.47 -19.46 9.45
N ILE H 98 -35.75 -20.23 10.28
CA ILE H 98 -34.78 -21.19 9.76
C ILE H 98 -35.45 -22.20 8.84
N SER H 99 -36.62 -22.70 9.25
CA SER H 99 -37.40 -23.59 8.39
C SER H 99 -37.54 -23.00 6.99
N GLU H 100 -37.97 -21.74 6.91
CA GLU H 100 -38.11 -21.08 5.62
C GLU H 100 -36.79 -21.09 4.87
N LEU H 101 -35.71 -20.68 5.55
CA LEU H 101 -34.38 -20.78 4.96
C LEU H 101 -34.13 -22.20 4.47
N ASP H 102 -34.41 -23.18 5.33
CA ASP H 102 -34.27 -24.59 4.97
C ASP H 102 -35.01 -24.90 3.68
N THR H 103 -36.22 -24.38 3.52
CA THR H 103 -36.99 -24.68 2.33
C THR H 103 -36.35 -24.08 1.09
N VAL H 104 -35.77 -22.89 1.22
CA VAL H 104 -35.24 -22.18 0.06
C VAL H 104 -33.84 -22.69 -0.27
N ALA H 105 -32.96 -22.69 0.72
CA ALA H 105 -31.57 -23.09 0.48
C ALA H 105 -31.47 -24.50 -0.07
N SER H 106 -32.39 -25.39 0.32
CA SER H 106 -32.33 -26.77 -0.13
C SER H 106 -32.65 -26.92 -1.61
N LYS H 107 -33.25 -25.90 -2.24
CA LYS H 107 -33.49 -25.95 -3.67
C LYS H 107 -32.23 -25.71 -4.49
N HIS H 108 -31.13 -25.36 -3.85
CA HIS H 108 -29.89 -25.01 -4.52
C HIS H 108 -28.75 -25.75 -3.85
N PRO H 109 -27.60 -25.90 -4.54
CA PRO H 109 -26.45 -26.57 -3.92
C PRO H 109 -26.09 -25.94 -2.59
N TYR H 110 -25.75 -26.78 -1.61
CA TYR H 110 -25.46 -26.28 -0.28
C TYR H 110 -24.19 -25.45 -0.27
N TYR H 111 -23.10 -26.01 -0.78
CA TYR H 111 -21.79 -25.37 -0.67
C TYR H 111 -21.63 -24.16 -1.57
N LYS H 112 -22.59 -23.92 -2.49
CA LYS H 112 -22.54 -22.71 -3.29
C LYS H 112 -22.97 -21.49 -2.49
N TYR H 113 -23.79 -21.67 -1.46
CA TYR H 113 -24.37 -20.55 -0.72
C TYR H 113 -24.22 -20.65 0.79
N ASN H 114 -23.58 -21.70 1.32
CA ASN H 114 -23.53 -21.91 2.76
C ASN H 114 -22.78 -20.80 3.48
N GLN H 115 -21.83 -20.16 2.80
CA GLN H 115 -21.05 -19.09 3.42
C GLN H 115 -21.89 -17.88 3.74
N ARG H 116 -23.08 -17.76 3.14
CA ARG H 116 -23.91 -16.59 3.37
C ARG H 116 -24.68 -16.68 4.68
N TRP H 117 -24.99 -17.90 5.16
CA TRP H 117 -25.79 -18.06 6.36
C TRP H 117 -25.05 -18.76 7.48
N THR H 118 -23.82 -19.25 7.27
CA THR H 118 -23.17 -20.05 8.31
C THR H 118 -22.98 -19.27 9.60
N ARG H 119 -22.64 -17.97 9.50
CA ARG H 119 -22.43 -17.18 10.71
C ARG H 119 -23.73 -16.97 11.47
N SER H 120 -24.81 -16.63 10.76
CA SER H 120 -26.09 -16.42 11.41
C SER H 120 -26.58 -17.71 12.05
N MET H 121 -26.41 -18.84 11.37
CA MET H 121 -26.81 -20.13 11.93
C MET H 121 -25.99 -20.48 13.16
N GLN H 122 -24.70 -20.15 13.13
CA GLN H 122 -23.85 -20.35 14.30
C GLN H 122 -24.34 -19.53 15.49
N HIS H 123 -24.75 -18.28 15.24
CA HIS H 123 -25.26 -17.44 16.32
C HIS H 123 -26.59 -17.98 16.86
N ALA H 124 -27.46 -18.46 15.98
CA ALA H 124 -28.72 -19.04 16.43
C ALA H 124 -28.49 -20.29 17.27
N ILE H 125 -27.58 -21.16 16.83
CA ILE H 125 -27.21 -22.33 17.62
C ILE H 125 -26.69 -21.90 18.97
N GLY H 126 -25.91 -20.81 19.00
CA GLY H 126 -25.40 -20.31 20.27
C GLY H 126 -26.51 -19.90 21.21
N THR H 127 -27.51 -19.18 20.70
CA THR H 127 -28.61 -18.76 21.56
C THR H 127 -29.39 -19.97 22.09
N ALA H 128 -29.59 -20.98 21.25
CA ALA H 128 -30.30 -22.19 21.68
C ALA H 128 -29.52 -22.92 22.79
N ILE H 129 -28.22 -23.11 22.57
CA ILE H 129 -27.39 -23.81 23.57
C ILE H 129 -27.33 -23.01 24.87
N TYR H 130 -27.28 -21.68 24.76
CA TYR H 130 -27.28 -20.84 25.95
C TYR H 130 -28.58 -20.98 26.73
N CYS H 131 -29.71 -20.95 26.01
CA CYS H 131 -31.01 -21.12 26.65
C CYS H 131 -31.07 -22.45 27.40
N ALA H 132 -30.61 -23.53 26.76
CA ALA H 132 -30.65 -24.83 27.43
C ALA H 132 -29.68 -24.91 28.60
N TRP H 133 -28.54 -24.23 28.48
CA TRP H 133 -27.59 -24.17 29.59
C TRP H 133 -28.22 -23.53 30.82
N LEU H 134 -29.12 -22.58 30.62
CA LEU H 134 -29.83 -21.92 31.71
C LEU H 134 -31.06 -22.68 32.15
N GLY H 135 -31.30 -23.87 31.61
CA GLY H 135 -32.43 -24.69 32.00
C GLY H 135 -33.55 -24.79 30.99
N GLY H 136 -33.32 -24.41 29.74
CA GLY H 136 -34.35 -24.44 28.72
C GLY H 136 -34.28 -25.67 27.84
N PHE H 137 -35.37 -25.88 27.10
CA PHE H 137 -35.52 -26.97 26.14
C PHE H 137 -35.14 -28.32 26.76
N PRO H 138 -35.89 -28.80 27.77
CA PRO H 138 -35.56 -30.09 28.38
C PRO H 138 -36.20 -31.27 27.66
N ALA H 150 -35.02 -26.16 36.75
CA ALA H 150 -33.87 -25.49 36.16
C ALA H 150 -32.58 -26.30 36.38
N GLU H 151 -32.21 -27.08 35.37
CA GLU H 151 -30.98 -27.87 35.41
C GLU H 151 -29.88 -27.05 34.74
N ILE H 152 -29.10 -26.34 35.54
CA ILE H 152 -28.11 -25.39 35.01
C ILE H 152 -26.86 -26.14 34.56
N GLY H 153 -26.40 -25.81 33.36
CA GLY H 153 -25.19 -26.38 32.83
C GLY H 153 -25.35 -27.47 31.78
N ARG H 154 -26.53 -27.63 31.19
CA ARG H 154 -26.76 -28.70 30.22
C ARG H 154 -26.20 -28.31 28.87
N LEU H 155 -25.45 -29.23 28.25
CA LEU H 155 -24.87 -29.03 26.93
C LEU H 155 -25.71 -29.79 25.91
N LEU H 156 -26.44 -29.07 25.07
CA LEU H 156 -27.18 -29.70 23.99
C LEU H 156 -26.22 -30.40 23.04
N THR H 157 -26.57 -31.64 22.68
CA THR H 157 -25.85 -32.31 21.62
C THR H 157 -26.20 -31.64 20.28
N LEU H 158 -25.36 -31.91 19.28
CA LEU H 158 -25.66 -31.39 17.94
C LEU H 158 -27.03 -31.86 17.47
N GLU H 159 -27.36 -33.12 17.76
CA GLU H 159 -28.65 -33.67 17.35
C GLU H 159 -29.80 -32.97 18.06
N GLU H 160 -29.61 -32.60 19.33
CA GLU H 160 -30.64 -31.86 20.06
C GLU H 160 -30.87 -30.48 19.45
N VAL H 161 -29.78 -29.80 19.07
CA VAL H 161 -29.91 -28.50 18.39
C VAL H 161 -30.67 -28.66 17.08
N GLY H 162 -30.31 -29.70 16.31
CA GLY H 162 -31.03 -29.96 15.07
C GLY H 162 -32.50 -30.21 15.30
N THR H 163 -32.84 -30.93 16.37
CA THR H 163 -34.24 -31.16 16.70
C THR H 163 -34.94 -29.85 17.03
N ILE H 164 -34.27 -28.97 17.80
CA ILE H 164 -34.87 -27.68 18.14
C ILE H 164 -35.16 -26.87 16.88
N PHE H 165 -34.20 -26.83 15.96
CA PHE H 165 -34.36 -26.02 14.76
C PHE H 165 -34.97 -26.80 13.59
N SER H 166 -35.33 -28.07 13.81
CA SER H 166 -36.00 -28.87 12.79
C SER H 166 -35.20 -28.91 11.48
N VAL H 167 -33.89 -29.09 11.62
CA VAL H 167 -33.00 -29.19 10.46
C VAL H 167 -32.00 -30.31 10.68
N PRO H 168 -31.53 -30.92 9.60
CA PRO H 168 -30.52 -31.98 9.73
C PRO H 168 -29.21 -31.45 10.27
N THR H 169 -28.37 -32.36 10.77
CA THR H 169 -27.06 -32.03 11.27
C THR H 169 -26.04 -33.01 10.69
N ASN H 170 -24.88 -32.48 10.30
CA ASN H 170 -23.77 -33.29 9.79
C ASN H 170 -24.21 -34.15 8.60
N LEU H 171 -24.74 -33.47 7.58
CA LEU H 171 -25.27 -34.17 6.41
C LEU H 171 -24.15 -34.59 5.48
N LYS H 172 -24.02 -35.91 5.30
CA LYS H 172 -23.19 -36.49 4.26
C LYS H 172 -24.08 -37.30 3.33
N ASP H 173 -23.75 -37.28 2.04
CA ASP H 173 -24.47 -38.03 1.00
C ASP H 173 -25.89 -37.52 0.79
N ARG H 174 -26.12 -36.22 1.02
CA ARG H 174 -27.35 -35.56 0.58
C ARG H 174 -27.12 -34.06 0.60
N ASP H 175 -27.42 -33.41 -0.52
CA ASP H 175 -27.28 -31.95 -0.62
C ASP H 175 -28.57 -31.33 -0.11
N ALA H 176 -28.57 -30.90 1.14
CA ALA H 176 -29.72 -30.25 1.74
C ALA H 176 -29.24 -29.31 2.82
N PHE H 177 -30.06 -28.29 3.10
CA PHE H 177 -29.72 -27.37 4.18
C PHE H 177 -29.61 -28.12 5.48
N HIS H 178 -28.56 -27.85 6.24
CA HIS H 178 -28.28 -28.59 7.45
C HIS H 178 -27.38 -27.75 8.35
N ILE H 179 -27.14 -28.26 9.54
CA ILE H 179 -26.27 -27.63 10.53
C ILE H 179 -24.98 -28.43 10.60
N THR H 180 -23.86 -27.73 10.64
CA THR H 180 -22.55 -28.37 10.60
C THR H 180 -21.95 -28.50 11.99
N ILE H 181 -21.02 -29.46 12.12
CA ILE H 181 -20.26 -29.61 13.36
C ILE H 181 -19.44 -28.35 13.65
N GLU H 182 -18.90 -27.74 12.59
CA GLU H 182 -18.10 -26.54 12.75
C GLU H 182 -18.92 -25.40 13.34
N GLU H 183 -20.14 -25.20 12.83
CA GLU H 183 -21.03 -24.18 13.36
C GLU H 183 -21.30 -24.40 14.84
N TYR H 184 -21.57 -25.65 15.22
CA TYR H 184 -21.86 -26.01 16.60
C TYR H 184 -20.67 -25.70 17.51
N LEU H 185 -19.48 -26.14 17.11
CA LEU H 185 -18.29 -25.92 17.94
C LEU H 185 -17.96 -24.44 18.05
N LEU H 186 -18.16 -23.68 16.97
CA LEU H 186 -17.88 -22.25 17.02
C LEU H 186 -18.87 -21.52 17.93
N SER H 187 -20.14 -21.92 17.89
CA SER H 187 -21.10 -21.39 18.84
C SER H 187 -20.70 -21.71 20.28
N LEU H 188 -20.14 -22.91 20.49
CA LEU H 188 -19.65 -23.25 21.83
C LEU H 188 -18.50 -22.33 22.24
N VAL H 189 -17.58 -22.06 21.31
CA VAL H 189 -16.47 -21.15 21.59
C VAL H 189 -17.00 -19.78 22.01
N ASP H 190 -18.04 -19.29 21.34
CA ASP H 190 -18.65 -18.02 21.75
C ASP H 190 -19.30 -18.14 23.13
N LEU H 191 -19.93 -19.29 23.38
CA LEU H 191 -20.62 -19.49 24.64
C LEU H 191 -19.65 -19.45 25.82
N THR H 192 -18.40 -19.87 25.60
CA THR H 192 -17.44 -19.80 26.71
C THR H 192 -17.17 -18.36 27.12
N GLN H 193 -17.05 -17.45 26.15
CA GLN H 193 -16.89 -16.04 26.48
C GLN H 193 -18.12 -15.52 27.21
N ASP H 194 -19.30 -15.83 26.69
CA ASP H 194 -20.54 -15.42 27.35
C ASP H 194 -20.57 -15.90 28.79
N LEU H 195 -20.14 -17.14 29.03
CA LEU H 195 -20.23 -17.73 30.36
C LEU H 195 -19.18 -17.16 31.30
N SER H 196 -18.00 -16.78 30.78
CA SER H 196 -17.03 -16.12 31.63
C SER H 196 -17.56 -14.77 32.10
N ARG H 197 -18.18 -14.01 31.19
CA ARG H 197 -18.85 -12.78 31.61
C ARG H 197 -19.93 -13.06 32.65
N LEU H 198 -20.70 -14.13 32.44
CA LEU H 198 -21.74 -14.49 33.39
C LEU H 198 -21.18 -14.81 34.77
N ALA H 199 -20.03 -15.50 34.82
CA ALA H 199 -19.42 -15.82 36.11
C ALA H 199 -18.95 -14.56 36.82
N THR H 200 -18.32 -13.64 36.07
CA THR H 200 -17.92 -12.37 36.65
C THR H 200 -19.12 -11.66 37.28
N ASN H 201 -20.23 -11.58 36.55
CA ASN H 201 -21.41 -10.90 37.11
C ASN H 201 -22.07 -11.72 38.21
N SER H 202 -21.90 -13.04 38.17
CA SER H 202 -22.52 -13.91 39.18
C SER H 202 -21.90 -13.67 40.54
N VAL H 203 -20.57 -13.47 40.59
CA VAL H 203 -19.95 -13.11 41.86
C VAL H 203 -20.53 -11.81 42.40
N THR H 204 -20.81 -10.86 41.50
CA THR H 204 -21.34 -9.56 41.93
C THR H 204 -22.77 -9.70 42.46
N LEU H 205 -23.58 -10.53 41.82
CA LEU H 205 -24.96 -10.70 42.26
C LEU H 205 -25.08 -11.52 43.55
N GLY H 206 -24.01 -12.17 43.99
CA GLY H 206 -24.02 -12.97 45.20
C GLY H 206 -23.98 -14.46 44.98
N ASP H 207 -24.24 -14.92 43.75
CA ASP H 207 -24.22 -16.35 43.44
C ASP H 207 -22.78 -16.82 43.34
N PHE H 208 -22.29 -17.47 44.39
CA PHE H 208 -20.92 -17.95 44.44
C PHE H 208 -20.78 -19.39 43.94
N GLN H 209 -21.88 -20.06 43.63
CA GLN H 209 -21.83 -21.43 43.14
C GLN H 209 -21.89 -21.53 41.62
N LEU H 210 -22.52 -20.57 40.95
CA LEU H 210 -22.56 -20.60 39.50
C LEU H 210 -21.19 -20.44 38.85
N PRO H 211 -20.27 -19.60 39.35
CA PRO H 211 -18.92 -19.62 38.79
C PRO H 211 -18.25 -20.98 38.79
N LEU H 212 -18.55 -21.83 39.78
CA LEU H 212 -17.94 -23.15 39.82
C LEU H 212 -18.42 -24.03 38.67
N THR H 213 -19.73 -24.06 38.44
CA THR H 213 -20.26 -24.86 37.33
C THR H 213 -19.82 -24.29 35.99
N ILE H 214 -19.73 -22.96 35.89
CA ILE H 214 -19.20 -22.35 34.67
C ILE H 214 -17.76 -22.78 34.44
N SER H 215 -16.96 -22.82 35.51
CA SER H 215 -15.56 -23.23 35.38
C SER H 215 -15.47 -24.67 34.93
N ALA H 216 -16.27 -25.55 35.53
CA ALA H 216 -16.29 -26.95 35.11
C ALA H 216 -16.64 -27.06 33.63
N PHE H 217 -17.69 -26.34 33.19
CA PHE H 217 -18.12 -26.41 31.80
C PHE H 217 -17.02 -25.94 30.86
N VAL H 218 -16.44 -24.77 31.13
CA VAL H 218 -15.44 -24.21 30.22
C VAL H 218 -14.18 -25.07 30.21
N LYS H 219 -13.82 -25.64 31.35
CA LYS H 219 -12.65 -26.52 31.40
C LYS H 219 -12.87 -27.79 30.59
N ASP H 220 -14.05 -28.40 30.72
CA ASP H 220 -14.33 -29.59 29.92
C ASP H 220 -14.37 -29.28 28.43
N LEU H 221 -14.94 -28.13 28.07
CA LEU H 221 -14.97 -27.74 26.66
C LEU H 221 -13.57 -27.51 26.12
N PHE H 222 -12.70 -26.88 26.91
CA PHE H 222 -11.32 -26.67 26.47
C PHE H 222 -10.58 -27.99 26.33
N ALA H 223 -10.82 -28.93 27.25
CA ALA H 223 -10.21 -30.25 27.14
C ALA H 223 -10.64 -30.94 25.85
N GLY H 224 -11.94 -30.89 25.54
CA GLY H 224 -12.40 -31.47 24.30
C GLY H 224 -11.80 -30.80 23.07
N PHE H 225 -11.75 -29.46 23.08
CA PHE H 225 -11.15 -28.74 21.96
C PHE H 225 -9.70 -29.15 21.75
N GLN H 226 -8.93 -29.28 22.83
CA GLN H 226 -7.54 -29.69 22.70
C GLN H 226 -7.43 -31.13 22.21
N LEU H 227 -8.31 -32.01 22.67
CA LEU H 227 -8.31 -33.38 22.19
C LEU H 227 -8.79 -33.50 20.75
N LEU H 228 -9.41 -32.45 20.20
CA LEU H 228 -9.98 -32.55 18.86
C LEU H 228 -8.91 -32.54 17.78
N ASN H 229 -7.79 -31.85 18.01
CA ASN H 229 -6.71 -31.71 17.02
C ASN H 229 -7.26 -31.21 15.67
N LEU H 230 -7.85 -30.02 15.72
CA LEU H 230 -8.42 -29.42 14.52
C LEU H 230 -7.33 -29.04 13.54
N LYS H 231 -7.63 -29.19 12.25
CA LYS H 231 -6.67 -28.87 11.21
C LYS H 231 -6.95 -27.54 10.52
N ASN H 232 -8.22 -27.17 10.38
CA ASN H 232 -8.55 -25.84 9.89
C ASN H 232 -7.97 -24.79 10.82
N ASP H 233 -7.09 -23.94 10.28
CA ASP H 233 -6.41 -22.96 11.11
C ASP H 233 -7.38 -22.01 11.80
N ILE H 234 -8.49 -21.66 11.14
CA ILE H 234 -9.47 -20.77 11.74
C ILE H 234 -10.11 -21.42 12.96
N ILE H 235 -10.55 -22.68 12.83
CA ILE H 235 -11.21 -23.36 13.93
C ILE H 235 -10.22 -23.64 15.06
N ARG H 236 -9.00 -24.03 14.71
CA ARG H 236 -7.99 -24.31 15.73
C ARG H 236 -7.64 -23.05 16.51
N LYS H 237 -7.52 -21.91 15.81
CA LYS H 237 -7.21 -20.66 16.49
C LYS H 237 -8.36 -20.23 17.38
N ARG H 238 -9.60 -20.29 16.87
CA ARG H 238 -10.73 -19.88 17.68
C ARG H 238 -10.93 -20.80 18.87
N ALA H 239 -10.56 -22.09 18.74
CA ALA H 239 -10.68 -23.01 19.86
C ALA H 239 -9.57 -22.81 20.88
N ASP H 240 -8.35 -22.46 20.43
CA ASP H 240 -7.30 -22.14 21.39
C ASP H 240 -7.59 -20.82 22.10
N SER H 241 -8.37 -19.94 21.47
CA SER H 241 -8.77 -18.70 22.14
C SER H 241 -9.65 -18.94 23.36
N VAL H 242 -10.09 -20.18 23.59
CA VAL H 242 -10.87 -20.51 24.78
C VAL H 242 -10.00 -20.45 26.04
N LYS H 243 -8.67 -20.52 25.88
CA LYS H 243 -7.78 -20.53 27.03
C LYS H 243 -7.90 -19.26 27.85
N TYR H 244 -8.12 -18.11 27.20
CA TYR H 244 -8.30 -16.86 27.94
C TYR H 244 -9.53 -16.94 28.84
N GLU H 245 -10.63 -17.49 28.33
CA GLU H 245 -11.82 -17.63 29.15
C GLU H 245 -11.61 -18.63 30.28
N VAL H 246 -10.88 -19.72 29.99
CA VAL H 246 -10.55 -20.68 31.05
C VAL H 246 -9.78 -19.99 32.16
N LYS H 247 -8.78 -19.19 31.79
CA LYS H 247 -7.99 -18.46 32.78
C LYS H 247 -8.87 -17.50 33.59
N ARG H 248 -9.79 -16.82 32.93
CA ARG H 248 -10.65 -15.84 33.61
C ARG H 248 -11.55 -16.53 34.63
N VAL H 249 -12.21 -17.62 34.23
CA VAL H 249 -13.12 -18.29 35.16
C VAL H 249 -12.34 -18.97 36.28
N GLU H 250 -11.13 -19.49 35.99
CA GLU H 250 -10.33 -20.07 37.04
C GLU H 250 -9.84 -19.01 38.03
N ASP H 251 -9.55 -17.80 37.56
CA ASP H 251 -9.20 -16.72 38.48
C ASP H 251 -10.38 -16.35 39.37
N ILE H 252 -11.59 -16.33 38.80
CA ILE H 252 -12.79 -16.09 39.61
C ILE H 252 -12.91 -17.14 40.71
N VAL H 253 -12.76 -18.42 40.34
CA VAL H 253 -12.87 -19.49 41.32
C VAL H 253 -11.76 -19.37 42.36
N TYR H 254 -10.57 -18.94 41.95
CA TYR H 254 -9.47 -18.75 42.89
C TYR H 254 -9.80 -17.68 43.91
N ASP H 255 -10.34 -16.55 43.46
CA ASP H 255 -10.75 -15.50 44.38
C ASP H 255 -11.79 -16.03 45.37
N LEU H 256 -12.82 -16.69 44.85
CA LEU H 256 -13.89 -17.21 45.70
C LEU H 256 -13.34 -18.20 46.73
N SER H 257 -12.40 -19.05 46.33
CA SER H 257 -11.82 -20.00 47.27
C SER H 257 -10.95 -19.29 48.31
N LEU H 258 -10.25 -18.23 47.90
CA LEU H 258 -9.47 -17.46 48.85
C LEU H 258 -10.36 -16.80 49.90
N ARG H 259 -11.62 -16.54 49.55
CA ARG H 259 -12.54 -15.97 50.53
C ARG H 259 -13.37 -17.00 51.27
N GLY H 260 -13.09 -18.29 51.07
CA GLY H 260 -13.86 -19.32 51.77
C GLY H 260 -15.29 -19.42 51.31
N LEU H 261 -15.55 -19.15 50.03
CA LEU H 261 -16.89 -19.24 49.46
C LEU H 261 -17.05 -20.48 48.60
N ILE H 262 -16.13 -21.43 48.71
CA ILE H 262 -16.13 -22.62 47.87
C ILE H 262 -15.75 -23.86 48.67
#